data_2MK6
#
_entry.id   2MK6
#
_entity_poly.entity_id   1
_entity_poly.type   'polypeptide(L)'
_entity_poly.pdbx_seq_one_letter_code
;MEIERINEHTVKFYMSYGDIEDRGFDREEIWYNRERSEELFWEVMDEVHEEEEFAVEGPLWIQVQALDKGLEIIVTKAQL
SKDLDKLVPR
;
_entity_poly.pdbx_strand_id   A
#
# COMPACT_ATOMS: atom_id res chain seq x y z
N MET A 1 11.30 -7.09 -0.24
CA MET A 1 10.08 -6.76 -1.06
C MET A 1 10.42 -5.76 -2.18
N GLU A 2 9.41 -5.32 -2.94
CA GLU A 2 9.56 -4.52 -4.16
C GLU A 2 8.54 -3.38 -4.08
N ILE A 3 8.92 -2.13 -4.31
CA ILE A 3 8.08 -0.93 -4.09
C ILE A 3 7.96 -0.16 -5.42
N GLU A 4 6.87 0.57 -5.61
CA GLU A 4 6.67 1.51 -6.71
C GLU A 4 5.95 2.78 -6.19
N ARG A 5 6.19 3.92 -6.86
CA ARG A 5 5.59 5.22 -6.59
C ARG A 5 4.85 5.62 -7.86
N ILE A 6 3.55 5.30 -7.97
CA ILE A 6 2.76 5.61 -9.16
C ILE A 6 2.66 7.13 -9.27
N ASN A 7 2.21 7.76 -8.18
CA ASN A 7 2.08 9.19 -8.01
C ASN A 7 2.08 9.51 -6.49
N GLU A 8 1.64 10.70 -6.09
CA GLU A 8 1.65 11.14 -4.69
C GLU A 8 0.68 10.34 -3.79
N HIS A 9 -0.27 9.62 -4.37
CA HIS A 9 -1.44 9.09 -3.66
C HIS A 9 -1.54 7.58 -3.83
N THR A 10 -1.46 7.09 -5.07
CA THR A 10 -1.35 5.67 -5.35
C THR A 10 0.11 5.29 -5.18
N VAL A 11 0.33 4.20 -4.46
CA VAL A 11 1.60 3.47 -4.46
C VAL A 11 1.23 2.02 -4.73
N LYS A 12 2.17 1.20 -5.19
CA LYS A 12 1.98 -0.24 -5.15
C LYS A 12 3.27 -0.89 -4.73
N PHE A 13 3.22 -2.16 -4.38
CA PHE A 13 4.37 -2.95 -4.03
C PHE A 13 4.07 -4.37 -4.45
N TYR A 14 5.12 -5.20 -4.46
CA TYR A 14 5.01 -6.61 -4.75
C TYR A 14 5.66 -7.32 -3.58
N MET A 15 4.96 -8.36 -3.10
CA MET A 15 5.25 -9.05 -1.87
C MET A 15 5.29 -10.53 -2.20
N SER A 16 6.48 -11.09 -2.21
CA SER A 16 6.65 -12.53 -2.40
C SER A 16 6.13 -13.23 -1.14
N TYR A 17 5.69 -14.48 -1.25
CA TYR A 17 5.27 -15.26 -0.09
C TYR A 17 6.35 -15.30 0.99
N GLY A 18 7.62 -15.38 0.61
CA GLY A 18 8.72 -15.40 1.56
C GLY A 18 8.92 -14.06 2.28
N ASP A 19 8.53 -12.92 1.69
CA ASP A 19 8.57 -11.63 2.38
C ASP A 19 7.52 -11.58 3.49
N ILE A 20 6.41 -12.30 3.30
CA ILE A 20 5.31 -12.38 4.24
C ILE A 20 5.72 -13.34 5.37
N GLU A 21 6.32 -14.49 5.00
CA GLU A 21 6.85 -15.48 5.92
C GLU A 21 7.93 -14.89 6.83
N ASP A 22 8.78 -14.02 6.27
CA ASP A 22 9.89 -13.40 6.99
C ASP A 22 9.40 -12.56 8.16
N ARG A 23 8.34 -11.79 7.87
CA ARG A 23 7.63 -10.98 8.86
C ARG A 23 6.79 -11.86 9.80
N GLY A 24 6.72 -13.17 9.55
CA GLY A 24 6.01 -14.13 10.37
C GLY A 24 4.50 -14.12 10.12
N PHE A 25 4.04 -13.46 9.05
CA PHE A 25 2.67 -13.56 8.56
C PHE A 25 2.59 -14.79 7.63
N ASP A 26 1.44 -15.00 6.99
CA ASP A 26 1.24 -16.03 5.97
C ASP A 26 0.47 -15.39 4.84
N ARG A 27 0.71 -15.77 3.58
CA ARG A 27 -0.03 -15.23 2.44
C ARG A 27 -1.54 -15.35 2.66
N GLU A 28 -2.01 -16.42 3.31
CA GLU A 28 -3.42 -16.67 3.56
C GLU A 28 -3.87 -15.85 4.76
N GLU A 29 -3.06 -15.84 5.82
CA GLU A 29 -3.37 -15.19 7.08
C GLU A 29 -3.55 -13.69 6.91
N ILE A 30 -2.76 -13.08 6.03
CA ILE A 30 -2.93 -11.68 5.64
C ILE A 30 -4.39 -11.43 5.25
N TRP A 31 -4.97 -12.26 4.39
CA TRP A 31 -6.31 -12.01 3.88
C TRP A 31 -7.41 -12.52 4.81
N TYR A 32 -7.11 -13.54 5.62
CA TYR A 32 -8.13 -14.29 6.36
C TYR A 32 -8.26 -13.78 7.80
N ASN A 33 -7.27 -13.03 8.29
CA ASN A 33 -7.41 -12.10 9.43
C ASN A 33 -7.90 -10.74 8.89
N ARG A 34 -7.93 -9.68 9.71
CA ARG A 34 -8.27 -8.32 9.26
C ARG A 34 -7.33 -7.29 9.86
N GLU A 35 -7.11 -7.37 11.17
CA GLU A 35 -6.17 -6.53 11.88
C GLU A 35 -4.73 -6.88 11.47
N ARG A 36 -4.45 -8.16 11.20
CA ARG A 36 -3.13 -8.63 10.81
C ARG A 36 -2.84 -8.36 9.34
N SER A 37 -3.84 -8.01 8.55
CA SER A 37 -3.61 -7.50 7.22
C SER A 37 -2.97 -6.10 7.30
N GLU A 38 -3.45 -5.25 8.22
CA GLU A 38 -3.09 -3.85 8.34
C GLU A 38 -1.59 -3.63 8.49
N GLU A 39 -0.93 -4.59 9.12
CA GLU A 39 0.48 -4.60 9.43
C GLU A 39 1.33 -4.60 8.16
N LEU A 40 0.83 -5.24 7.10
CA LEU A 40 1.49 -5.26 5.80
C LEU A 40 1.52 -3.81 5.30
N PHE A 41 0.39 -3.12 5.41
CA PHE A 41 0.20 -1.79 4.87
C PHE A 41 1.03 -0.79 5.69
N TRP A 42 1.06 -0.95 7.02
CA TRP A 42 1.97 -0.20 7.86
C TRP A 42 3.42 -0.39 7.43
N GLU A 43 3.85 -1.59 7.05
CA GLU A 43 5.21 -1.87 6.61
C GLU A 43 5.59 -1.11 5.33
N VAL A 44 4.64 -0.65 4.51
CA VAL A 44 4.92 0.00 3.25
C VAL A 44 4.71 1.51 3.35
N MET A 45 3.69 1.95 4.08
CA MET A 45 3.58 3.33 4.53
C MET A 45 4.87 3.73 5.24
N ASP A 46 5.40 2.86 6.09
CA ASP A 46 6.70 3.04 6.74
C ASP A 46 7.81 3.33 5.74
N GLU A 47 7.86 2.59 4.63
CA GLU A 47 8.83 2.76 3.55
C GLU A 47 8.71 4.14 2.86
N VAL A 48 7.70 4.93 3.19
CA VAL A 48 7.37 6.22 2.58
C VAL A 48 7.18 7.28 3.68
N HIS A 49 7.26 6.93 4.96
CA HIS A 49 6.68 7.73 6.03
C HIS A 49 7.22 9.16 6.12
N GLU A 50 8.49 9.38 5.74
CA GLU A 50 9.12 10.71 5.73
C GLU A 50 8.46 11.66 4.71
N GLU A 51 7.61 11.13 3.83
CA GLU A 51 6.76 11.87 2.89
C GLU A 51 5.28 11.68 3.24
N GLU A 52 4.87 10.53 3.79
CA GLU A 52 3.49 10.33 4.24
C GLU A 52 3.12 11.33 5.33
N GLU A 53 4.08 11.81 6.13
CA GLU A 53 3.84 12.84 7.14
C GLU A 53 3.23 14.13 6.55
N PHE A 54 3.39 14.39 5.25
CA PHE A 54 2.81 15.54 4.56
C PHE A 54 1.35 15.28 4.13
N ALA A 55 0.88 14.02 4.20
CA ALA A 55 -0.35 13.57 3.55
C ALA A 55 -1.20 12.64 4.43
N VAL A 56 -0.79 12.43 5.68
CA VAL A 56 -1.55 11.67 6.66
C VAL A 56 -2.71 12.54 7.17
N GLU A 57 -3.74 12.63 6.35
CA GLU A 57 -4.94 13.44 6.60
C GLU A 57 -6.18 12.78 5.97
N GLY A 58 -6.12 11.47 5.75
CA GLY A 58 -7.22 10.65 5.26
C GLY A 58 -6.89 9.16 5.40
N PRO A 59 -7.85 8.28 5.05
CA PRO A 59 -7.73 6.85 5.23
C PRO A 59 -6.79 6.22 4.20
N LEU A 60 -6.38 4.97 4.48
CA LEU A 60 -5.77 4.09 3.50
C LEU A 60 -6.87 3.32 2.77
N TRP A 61 -6.53 2.83 1.59
CA TRP A 61 -7.38 2.06 0.68
C TRP A 61 -6.46 1.02 0.06
N ILE A 62 -6.93 -0.22 -0.16
CA ILE A 62 -6.06 -1.30 -0.62
C ILE A 62 -6.76 -2.04 -1.76
N GLN A 63 -5.99 -2.49 -2.75
CA GLN A 63 -6.40 -3.46 -3.77
C GLN A 63 -5.23 -4.45 -3.96
N VAL A 64 -5.48 -5.67 -4.43
CA VAL A 64 -4.44 -6.70 -4.58
C VAL A 64 -4.71 -7.57 -5.82
N GLN A 65 -3.69 -8.27 -6.33
CA GLN A 65 -3.87 -9.46 -7.16
C GLN A 65 -2.78 -10.44 -6.75
N ALA A 66 -3.03 -11.74 -6.92
CA ALA A 66 -2.08 -12.79 -6.59
C ALA A 66 -1.40 -13.28 -7.87
N LEU A 67 -0.12 -13.61 -7.75
CA LEU A 67 0.80 -14.00 -8.80
C LEU A 67 1.43 -15.35 -8.39
N ASP A 68 2.39 -15.87 -9.16
CA ASP A 68 2.81 -17.28 -9.04
C ASP A 68 3.41 -17.62 -7.68
N LYS A 69 4.17 -16.70 -7.05
CA LYS A 69 4.82 -16.90 -5.74
C LYS A 69 4.75 -15.64 -4.86
N GLY A 70 3.77 -14.79 -5.08
CA GLY A 70 3.65 -13.51 -4.39
C GLY A 70 2.38 -12.80 -4.81
N LEU A 71 2.20 -11.56 -4.35
CA LEU A 71 1.06 -10.70 -4.68
C LEU A 71 1.57 -9.31 -5.01
N GLU A 72 0.93 -8.62 -5.96
CA GLU A 72 1.06 -7.18 -6.10
C GLU A 72 -0.11 -6.56 -5.35
N ILE A 73 0.20 -5.59 -4.48
CA ILE A 73 -0.76 -4.86 -3.67
C ILE A 73 -0.64 -3.40 -4.11
N ILE A 74 -1.76 -2.76 -4.46
CA ILE A 74 -1.88 -1.31 -4.64
C ILE A 74 -2.42 -0.75 -3.32
N VAL A 75 -2.01 0.47 -2.98
CA VAL A 75 -2.53 1.24 -1.86
C VAL A 75 -2.88 2.63 -2.40
N THR A 76 -4.00 3.21 -1.96
CA THR A 76 -4.52 4.47 -2.48
C THR A 76 -4.95 5.36 -1.28
N LYS A 77 -5.24 6.65 -1.51
CA LYS A 77 -5.63 7.61 -0.46
C LYS A 77 -6.65 8.59 -1.02
N ALA A 78 -7.52 9.11 -0.13
CA ALA A 78 -8.62 10.02 -0.50
C ALA A 78 -8.12 11.36 -1.04
N GLN A 79 -6.89 11.77 -0.68
CA GLN A 79 -6.30 13.06 -1.09
C GLN A 79 -6.24 13.19 -2.64
N LEU A 80 -6.24 12.07 -3.37
CA LEU A 80 -6.34 12.01 -4.83
C LEU A 80 -7.52 12.83 -5.38
N SER A 81 -8.61 12.98 -4.60
CA SER A 81 -9.82 13.68 -4.96
C SER A 81 -10.21 14.69 -3.87
N LYS A 82 -9.23 15.28 -3.18
CA LYS A 82 -9.48 16.35 -2.21
C LYS A 82 -10.14 17.53 -2.91
N ASP A 83 -9.59 17.93 -4.06
CA ASP A 83 -10.29 18.80 -5.01
C ASP A 83 -11.32 17.94 -5.73
N LEU A 84 -12.60 18.34 -5.67
CA LEU A 84 -13.70 17.63 -6.33
C LEU A 84 -14.91 18.56 -6.50
N ASP A 85 -15.25 19.32 -5.45
CA ASP A 85 -16.47 20.15 -5.41
C ASP A 85 -16.52 21.20 -6.52
N LYS A 86 -15.35 21.64 -7.02
CA LYS A 86 -15.27 22.65 -8.08
C LYS A 86 -15.79 22.14 -9.43
N LEU A 87 -15.79 20.83 -9.67
CA LEU A 87 -16.28 20.26 -10.91
C LEU A 87 -17.81 20.28 -10.90
N VAL A 88 -18.41 20.60 -12.04
CA VAL A 88 -19.85 20.67 -12.26
C VAL A 88 -20.16 20.10 -13.66
N PRO A 89 -21.40 19.66 -13.94
CA PRO A 89 -21.78 18.96 -15.18
C PRO A 89 -22.10 19.94 -16.32
N ARG A 90 -21.46 21.10 -16.30
CA ARG A 90 -21.70 22.24 -17.17
C ARG A 90 -20.36 22.74 -17.69
N MET A 1 11.27 -7.16 -0.44
CA MET A 1 10.00 -6.77 -1.13
C MET A 1 10.22 -5.61 -2.10
N GLU A 2 9.20 -5.27 -2.90
CA GLU A 2 9.34 -4.49 -4.13
C GLU A 2 8.41 -3.29 -4.02
N ILE A 3 8.81 -2.25 -3.27
CA ILE A 3 8.07 -1.00 -3.09
C ILE A 3 8.09 -0.21 -4.42
N GLU A 4 7.04 0.60 -4.68
CA GLU A 4 6.94 1.46 -5.85
C GLU A 4 6.07 2.70 -5.53
N ARG A 5 6.68 3.86 -5.28
CA ARG A 5 5.94 5.12 -5.15
C ARG A 5 5.47 5.50 -6.57
N ILE A 6 4.15 5.58 -6.81
CA ILE A 6 3.61 5.92 -8.12
C ILE A 6 3.63 7.44 -8.29
N ASN A 7 3.05 8.15 -7.33
CA ASN A 7 2.93 9.60 -7.27
C ASN A 7 2.56 10.02 -5.84
N GLU A 8 2.32 11.31 -5.62
CA GLU A 8 1.96 11.89 -4.32
C GLU A 8 0.72 11.25 -3.63
N HIS A 9 -0.07 10.46 -4.36
CA HIS A 9 -1.38 9.99 -3.97
C HIS A 9 -1.47 8.47 -3.91
N THR A 10 -0.65 7.77 -4.68
CA THR A 10 -0.71 6.32 -4.84
C THR A 10 0.68 5.73 -4.64
N VAL A 11 0.73 4.59 -3.97
CA VAL A 11 1.92 3.74 -3.93
C VAL A 11 1.45 2.33 -4.28
N LYS A 12 2.34 1.51 -4.83
CA LYS A 12 2.07 0.09 -4.98
C LYS A 12 3.27 -0.66 -4.48
N PHE A 13 3.14 -1.97 -4.30
CA PHE A 13 4.27 -2.83 -4.05
C PHE A 13 3.92 -4.24 -4.50
N TYR A 14 4.95 -5.06 -4.61
CA TYR A 14 4.82 -6.48 -4.82
C TYR A 14 5.47 -7.16 -3.62
N MET A 15 4.84 -8.24 -3.16
CA MET A 15 5.21 -8.97 -1.97
C MET A 15 5.24 -10.44 -2.35
N SER A 16 6.41 -11.06 -2.36
CA SER A 16 6.50 -12.49 -2.59
C SER A 16 6.00 -13.20 -1.34
N TYR A 17 5.56 -14.45 -1.48
CA TYR A 17 5.19 -15.29 -0.35
C TYR A 17 6.29 -15.34 0.70
N GLY A 18 7.56 -15.50 0.29
CA GLY A 18 8.61 -15.62 1.29
C GLY A 18 9.04 -14.29 1.90
N ASP A 19 8.62 -13.13 1.35
CA ASP A 19 8.73 -11.85 2.07
C ASP A 19 7.76 -11.85 3.26
N ILE A 20 6.60 -12.48 3.08
CA ILE A 20 5.59 -12.62 4.13
C ILE A 20 6.11 -13.64 5.15
N GLU A 21 6.72 -14.76 4.71
CA GLU A 21 7.34 -15.73 5.60
C GLU A 21 8.47 -15.12 6.43
N ASP A 22 9.26 -14.21 5.84
CA ASP A 22 10.42 -13.60 6.49
C ASP A 22 9.98 -12.76 7.69
N ARG A 23 8.89 -12.02 7.49
CA ARG A 23 8.23 -11.24 8.53
C ARG A 23 7.48 -12.13 9.52
N GLY A 24 7.44 -13.45 9.29
CA GLY A 24 6.81 -14.42 10.16
C GLY A 24 5.29 -14.46 10.02
N PHE A 25 4.74 -13.80 9.00
CA PHE A 25 3.35 -13.95 8.60
C PHE A 25 3.23 -15.21 7.71
N ASP A 26 2.06 -15.45 7.12
CA ASP A 26 1.85 -16.53 6.15
C ASP A 26 0.98 -15.97 5.04
N ARG A 27 1.17 -16.44 3.80
CA ARG A 27 0.35 -15.97 2.68
C ARG A 27 -1.14 -16.20 2.94
N GLU A 28 -1.51 -17.30 3.61
CA GLU A 28 -2.90 -17.55 3.96
C GLU A 28 -3.28 -16.67 5.15
N GLU A 29 -2.44 -16.61 6.18
CA GLU A 29 -2.76 -15.92 7.43
C GLU A 29 -3.05 -14.44 7.22
N ILE A 30 -2.33 -13.81 6.29
CA ILE A 30 -2.60 -12.45 5.84
C ILE A 30 -4.07 -12.32 5.40
N TRP A 31 -4.59 -13.25 4.59
CA TRP A 31 -5.97 -13.18 4.12
C TRP A 31 -6.99 -13.42 5.24
N TYR A 32 -6.60 -14.08 6.34
CA TYR A 32 -7.55 -14.71 7.28
C TYR A 32 -7.46 -14.16 8.72
N ASN A 33 -6.63 -13.14 8.96
CA ASN A 33 -6.43 -12.52 10.27
C ASN A 33 -6.38 -11.01 10.04
N ARG A 34 -7.54 -10.35 9.97
CA ARG A 34 -7.66 -8.97 9.48
C ARG A 34 -6.64 -8.01 10.09
N GLU A 35 -6.38 -8.10 11.40
CA GLU A 35 -5.45 -7.20 12.05
C GLU A 35 -4.00 -7.54 11.71
N ARG A 36 -3.70 -8.81 11.46
CA ARG A 36 -2.38 -9.23 11.02
C ARG A 36 -2.20 -8.96 9.53
N SER A 37 -3.28 -8.79 8.77
CA SER A 37 -3.15 -8.26 7.42
C SER A 37 -2.58 -6.84 7.54
N GLU A 38 -3.21 -6.00 8.36
CA GLU A 38 -2.94 -4.56 8.45
C GLU A 38 -1.47 -4.23 8.65
N GLU A 39 -0.72 -5.06 9.38
CA GLU A 39 0.69 -4.86 9.67
C GLU A 39 1.53 -4.73 8.39
N LEU A 40 1.15 -5.48 7.35
CA LEU A 40 1.76 -5.42 6.02
C LEU A 40 1.63 -4.00 5.47
N PHE A 41 0.41 -3.49 5.46
CA PHE A 41 0.06 -2.19 4.92
C PHE A 41 0.71 -1.07 5.74
N TRP A 42 0.86 -1.28 7.06
CA TRP A 42 1.63 -0.37 7.89
C TRP A 42 3.12 -0.37 7.52
N GLU A 43 3.75 -1.51 7.27
CA GLU A 43 5.18 -1.59 7.00
C GLU A 43 5.52 -0.88 5.69
N VAL A 44 4.69 -1.06 4.66
CA VAL A 44 4.92 -0.42 3.37
C VAL A 44 4.70 1.09 3.44
N MET A 45 3.63 1.52 4.11
CA MET A 45 3.37 2.92 4.33
C MET A 45 4.54 3.55 5.10
N ASP A 46 5.09 2.83 6.08
CA ASP A 46 6.26 3.28 6.82
C ASP A 46 7.48 3.43 5.91
N GLU A 47 7.65 2.53 4.94
CA GLU A 47 8.71 2.55 3.94
C GLU A 47 8.65 3.78 3.01
N VAL A 48 7.53 4.53 3.00
CA VAL A 48 7.34 5.71 2.15
C VAL A 48 7.00 6.96 2.98
N HIS A 49 6.83 6.81 4.29
CA HIS A 49 6.43 7.88 5.20
C HIS A 49 7.37 9.10 5.19
N GLU A 50 8.60 8.99 4.69
CA GLU A 50 9.47 10.17 4.61
C GLU A 50 8.94 11.22 3.62
N GLU A 51 8.02 10.85 2.72
CA GLU A 51 7.19 11.79 1.98
C GLU A 51 5.73 11.65 2.39
N GLU A 52 5.24 10.44 2.66
CA GLU A 52 3.82 10.24 2.96
C GLU A 52 3.43 10.87 4.30
N GLU A 53 4.36 11.28 5.18
CA GLU A 53 4.02 12.09 6.34
C GLU A 53 3.31 13.39 5.95
N PHE A 54 3.57 13.92 4.74
CA PHE A 54 2.92 15.14 4.24
C PHE A 54 1.51 14.87 3.72
N ALA A 55 1.09 13.60 3.65
CA ALA A 55 -0.10 13.16 2.93
C ALA A 55 -0.80 12.00 3.67
N VAL A 56 -0.80 12.04 5.01
CA VAL A 56 -1.55 11.15 5.88
C VAL A 56 -2.55 12.00 6.65
N GLU A 57 -3.50 12.56 5.89
CA GLU A 57 -4.40 13.61 6.33
C GLU A 57 -5.70 13.54 5.51
N GLY A 58 -6.11 12.31 5.19
CA GLY A 58 -7.23 11.97 4.32
C GLY A 58 -7.54 10.48 4.42
N PRO A 59 -8.49 9.99 3.62
CA PRO A 59 -8.85 8.58 3.56
C PRO A 59 -7.69 7.75 2.99
N LEU A 60 -7.82 6.42 3.09
CA LEU A 60 -6.88 5.45 2.56
C LEU A 60 -7.69 4.34 1.90
N TRP A 61 -7.14 3.74 0.84
CA TRP A 61 -7.83 2.91 -0.11
C TRP A 61 -6.87 1.80 -0.53
N ILE A 62 -7.37 0.58 -0.76
CA ILE A 62 -6.54 -0.61 -0.96
C ILE A 62 -7.13 -1.40 -2.13
N GLN A 63 -6.26 -1.92 -3.01
CA GLN A 63 -6.57 -2.89 -4.07
C GLN A 63 -5.46 -3.95 -4.06
N VAL A 64 -5.77 -5.19 -4.41
CA VAL A 64 -4.82 -6.31 -4.32
C VAL A 64 -5.11 -7.32 -5.44
N GLN A 65 -4.09 -8.09 -5.84
CA GLN A 65 -4.27 -9.32 -6.58
C GLN A 65 -3.19 -10.31 -6.14
N ALA A 66 -3.53 -11.59 -6.21
CA ALA A 66 -2.57 -12.67 -6.04
C ALA A 66 -1.93 -12.98 -7.39
N LEU A 67 -0.66 -13.37 -7.35
CA LEU A 67 0.20 -13.76 -8.46
C LEU A 67 0.80 -15.14 -8.14
N ASP A 68 1.62 -15.67 -9.05
CA ASP A 68 2.06 -17.08 -9.01
C ASP A 68 2.78 -17.44 -7.70
N LYS A 69 3.58 -16.52 -7.15
CA LYS A 69 4.35 -16.74 -5.91
C LYS A 69 4.34 -15.50 -5.00
N GLY A 70 3.30 -14.67 -5.07
CA GLY A 70 3.25 -13.42 -4.33
C GLY A 70 1.94 -12.68 -4.55
N LEU A 71 1.87 -11.43 -4.13
CA LEU A 71 0.75 -10.52 -4.29
C LEU A 71 1.30 -9.19 -4.79
N GLU A 72 0.55 -8.49 -5.65
CA GLU A 72 0.72 -7.06 -5.87
C GLU A 72 -0.40 -6.37 -5.12
N ILE A 73 -0.06 -5.29 -4.43
CA ILE A 73 -0.96 -4.46 -3.68
C ILE A 73 -0.78 -3.05 -4.25
N ILE A 74 -1.88 -2.37 -4.56
CA ILE A 74 -1.91 -0.94 -4.89
C ILE A 74 -2.66 -0.29 -3.71
N VAL A 75 -2.20 0.85 -3.19
CA VAL A 75 -2.95 1.61 -2.19
C VAL A 75 -2.99 3.07 -2.62
N THR A 76 -4.13 3.74 -2.39
CA THR A 76 -4.47 4.99 -3.08
C THR A 76 -5.00 5.99 -2.06
N LYS A 77 -5.02 7.28 -2.44
CA LYS A 77 -5.59 8.38 -1.68
C LYS A 77 -6.22 9.35 -2.68
N ALA A 78 -7.08 10.25 -2.20
CA ALA A 78 -7.69 11.28 -3.04
C ALA A 78 -6.61 12.19 -3.61
N GLN A 79 -6.83 12.69 -4.84
CA GLN A 79 -5.99 13.71 -5.44
C GLN A 79 -6.20 15.06 -4.73
N LEU A 80 -5.34 16.03 -5.06
CA LEU A 80 -5.45 17.44 -4.65
C LEU A 80 -5.14 18.28 -5.88
N SER A 81 -5.67 19.50 -5.97
CA SER A 81 -5.63 20.34 -7.17
C SER A 81 -4.23 20.74 -7.65
N LYS A 82 -3.16 20.49 -6.87
CA LYS A 82 -1.79 20.54 -7.40
C LYS A 82 -1.69 19.63 -8.62
N ASP A 83 -2.20 18.40 -8.51
CA ASP A 83 -2.25 17.40 -9.58
C ASP A 83 -3.48 17.63 -10.48
N LEU A 84 -3.67 18.90 -10.85
CA LEU A 84 -4.70 19.36 -11.78
C LEU A 84 -4.12 20.58 -12.48
N ASP A 85 -3.68 21.58 -11.72
CA ASP A 85 -3.04 22.78 -12.27
C ASP A 85 -1.66 22.45 -12.85
N LYS A 86 -0.90 21.59 -12.15
CA LYS A 86 0.46 21.15 -12.49
C LYS A 86 0.50 19.63 -12.58
N LEU A 87 1.65 19.09 -12.96
CA LEU A 87 2.05 17.73 -12.65
C LEU A 87 2.53 17.68 -11.19
N VAL A 88 2.73 16.48 -10.64
CA VAL A 88 3.31 16.28 -9.30
C VAL A 88 4.37 15.17 -9.38
N PRO A 89 5.31 15.12 -8.41
CA PRO A 89 6.37 14.12 -8.36
C PRO A 89 5.86 12.68 -8.43
N ARG A 90 6.70 11.82 -9.01
CA ARG A 90 6.58 10.37 -8.88
C ARG A 90 6.84 10.00 -7.42
N MET A 1 10.69 -6.43 0.23
CA MET A 1 9.55 -6.21 -0.70
C MET A 1 9.84 -5.13 -1.75
N GLU A 2 8.95 -4.95 -2.74
CA GLU A 2 9.22 -4.28 -4.01
C GLU A 2 8.26 -3.09 -4.12
N ILE A 3 8.56 -1.99 -3.40
CA ILE A 3 7.75 -0.76 -3.41
C ILE A 3 7.85 -0.08 -4.80
N GLU A 4 6.82 0.69 -5.19
CA GLU A 4 6.86 1.58 -6.36
C GLU A 4 5.99 2.82 -6.08
N ARG A 5 6.44 4.01 -6.45
CA ARG A 5 5.57 5.19 -6.49
C ARG A 5 4.94 5.27 -7.88
N ILE A 6 3.61 5.36 -7.93
CA ILE A 6 2.91 5.59 -9.19
C ILE A 6 2.91 7.10 -9.45
N ASN A 7 2.30 7.86 -8.55
CA ASN A 7 2.14 9.32 -8.62
C ASN A 7 2.00 9.94 -7.22
N GLU A 8 2.39 9.20 -6.18
CA GLU A 8 2.37 9.56 -4.77
C GLU A 8 0.98 9.55 -4.14
N HIS A 9 -0.08 9.93 -4.89
CA HIS A 9 -1.45 9.71 -4.43
C HIS A 9 -1.74 8.21 -4.45
N THR A 10 -1.22 7.52 -5.45
CA THR A 10 -1.16 6.08 -5.55
C THR A 10 0.29 5.67 -5.41
N VAL A 11 0.50 4.57 -4.69
CA VAL A 11 1.76 3.82 -4.63
C VAL A 11 1.36 2.37 -4.91
N LYS A 12 2.29 1.51 -5.27
CA LYS A 12 2.04 0.08 -5.24
C LYS A 12 3.21 -0.63 -4.61
N PHE A 13 3.05 -1.92 -4.38
CA PHE A 13 4.14 -2.80 -4.02
C PHE A 13 3.89 -4.15 -4.65
N TYR A 14 4.95 -4.94 -4.77
CA TYR A 14 4.86 -6.36 -4.98
C TYR A 14 5.53 -7.03 -3.78
N MET A 15 5.06 -8.22 -3.43
CA MET A 15 5.37 -8.90 -2.20
C MET A 15 5.43 -10.38 -2.52
N SER A 16 6.64 -10.92 -2.60
CA SER A 16 6.82 -12.36 -2.74
C SER A 16 6.37 -13.01 -1.44
N TYR A 17 5.93 -14.27 -1.50
CA TYR A 17 5.52 -15.02 -0.31
C TYR A 17 6.59 -15.04 0.78
N GLY A 18 7.87 -15.01 0.42
CA GLY A 18 8.95 -15.01 1.40
C GLY A 18 9.00 -13.74 2.25
N ASP A 19 8.50 -12.59 1.78
CA ASP A 19 8.44 -11.38 2.60
C ASP A 19 7.39 -11.56 3.70
N ILE A 20 6.29 -12.23 3.35
CA ILE A 20 5.19 -12.57 4.25
C ILE A 20 5.67 -13.61 5.29
N GLU A 21 6.41 -14.62 4.83
CA GLU A 21 7.05 -15.64 5.68
C GLU A 21 8.01 -14.99 6.68
N ASP A 22 8.76 -13.97 6.25
CA ASP A 22 9.75 -13.29 7.09
C ASP A 22 9.11 -12.62 8.30
N ARG A 23 7.95 -12.01 8.07
CA ARG A 23 7.09 -11.43 9.09
C ARG A 23 6.47 -12.51 9.99
N GLY A 24 6.57 -13.78 9.58
CA GLY A 24 6.05 -14.94 10.28
C GLY A 24 4.61 -15.25 9.87
N PHE A 25 4.06 -14.49 8.91
CA PHE A 25 2.71 -14.63 8.42
C PHE A 25 2.69 -15.61 7.23
N ASP A 26 1.50 -15.81 6.65
CA ASP A 26 1.28 -16.75 5.55
C ASP A 26 0.36 -16.09 4.55
N ARG A 27 0.44 -16.46 3.27
CA ARG A 27 -0.27 -15.73 2.21
C ARG A 27 -1.78 -15.71 2.42
N GLU A 28 -2.35 -16.76 3.01
CA GLU A 28 -3.76 -16.76 3.39
C GLU A 28 -3.92 -16.04 4.74
N GLU A 29 -3.07 -16.34 5.71
CA GLU A 29 -3.20 -15.87 7.10
C GLU A 29 -3.24 -14.35 7.20
N ILE A 30 -2.49 -13.67 6.33
CA ILE A 30 -2.54 -12.22 6.12
C ILE A 30 -4.01 -11.78 6.05
N TRP A 31 -4.81 -12.38 5.17
CA TRP A 31 -6.20 -11.98 4.92
C TRP A 31 -7.18 -12.38 6.02
N TYR A 32 -6.82 -13.31 6.90
CA TYR A 32 -7.76 -13.98 7.80
C TYR A 32 -7.49 -13.66 9.28
N ASN A 33 -6.59 -12.71 9.55
CA ASN A 33 -6.19 -12.23 10.86
C ASN A 33 -5.99 -10.73 10.71
N ARG A 34 -7.02 -9.90 10.98
CA ARG A 34 -7.00 -8.48 10.58
C ARG A 34 -5.73 -7.75 11.04
N GLU A 35 -5.32 -7.93 12.30
CA GLU A 35 -4.16 -7.22 12.82
C GLU A 35 -2.86 -7.67 12.15
N ARG A 36 -2.87 -8.87 11.55
CA ARG A 36 -1.75 -9.45 10.84
C ARG A 36 -1.89 -9.25 9.34
N SER A 37 -3.00 -8.71 8.84
CA SER A 37 -2.99 -8.01 7.58
C SER A 37 -2.38 -6.63 7.80
N GLU A 38 -2.85 -5.90 8.82
CA GLU A 38 -2.52 -4.50 9.05
C GLU A 38 -1.01 -4.25 9.16
N GLU A 39 -0.24 -5.20 9.69
CA GLU A 39 1.22 -5.13 9.74
C GLU A 39 1.83 -4.85 8.36
N LEU A 40 1.24 -5.43 7.31
CA LEU A 40 1.68 -5.29 5.95
C LEU A 40 1.61 -3.81 5.58
N PHE A 41 0.41 -3.26 5.70
CA PHE A 41 0.07 -1.91 5.28
C PHE A 41 0.84 -0.89 6.10
N TRP A 42 0.98 -1.14 7.40
CA TRP A 42 1.80 -0.30 8.26
C TRP A 42 3.27 -0.29 7.83
N GLU A 43 3.85 -1.39 7.35
CA GLU A 43 5.25 -1.38 6.90
C GLU A 43 5.40 -0.63 5.58
N VAL A 44 4.46 -0.72 4.64
CA VAL A 44 4.60 0.01 3.39
C VAL A 44 4.42 1.50 3.60
N MET A 45 3.45 1.91 4.42
CA MET A 45 3.32 3.29 4.84
C MET A 45 4.59 3.75 5.54
N ASP A 46 5.16 2.91 6.41
CA ASP A 46 6.43 3.21 7.08
C ASP A 46 7.54 3.49 6.08
N GLU A 47 7.61 2.71 5.01
CA GLU A 47 8.53 2.85 3.90
C GLU A 47 8.36 4.17 3.13
N VAL A 48 7.35 4.97 3.50
CA VAL A 48 6.98 6.24 2.88
C VAL A 48 6.76 7.31 3.97
N HIS A 49 6.97 7.00 5.25
CA HIS A 49 6.45 7.81 6.36
C HIS A 49 6.88 9.28 6.31
N GLU A 50 8.11 9.56 5.88
CA GLU A 50 8.67 10.92 5.79
C GLU A 50 7.95 11.78 4.73
N GLU A 51 7.08 11.18 3.92
CA GLU A 51 6.30 11.79 2.86
C GLU A 51 4.80 11.62 3.16
N GLU A 52 4.40 10.48 3.73
CA GLU A 52 3.04 10.26 4.22
C GLU A 52 2.67 11.31 5.28
N GLU A 53 3.62 11.82 6.07
CA GLU A 53 3.34 12.87 7.05
C GLU A 53 2.72 14.14 6.42
N PHE A 54 2.91 14.36 5.10
CA PHE A 54 2.31 15.48 4.40
C PHE A 54 0.88 15.19 3.93
N ALA A 55 0.44 13.92 3.95
CA ALA A 55 -0.76 13.46 3.27
C ALA A 55 -1.65 12.57 4.13
N VAL A 56 -1.27 12.29 5.38
CA VAL A 56 -2.07 11.54 6.33
C VAL A 56 -3.19 12.41 6.90
N GLU A 57 -4.15 12.73 6.04
CA GLU A 57 -5.25 13.65 6.32
C GLU A 57 -6.45 13.33 5.41
N GLY A 58 -6.58 12.06 4.99
CA GLY A 58 -7.59 11.58 4.06
C GLY A 58 -7.67 10.05 4.10
N PRO A 59 -8.55 9.47 3.26
CA PRO A 59 -8.79 8.03 3.22
C PRO A 59 -7.59 7.27 2.64
N LEU A 60 -7.64 5.95 2.76
CA LEU A 60 -6.70 4.99 2.17
C LEU A 60 -7.52 3.93 1.45
N TRP A 61 -6.96 3.41 0.36
CA TRP A 61 -7.65 2.53 -0.57
C TRP A 61 -6.69 1.44 -0.99
N ILE A 62 -7.17 0.22 -1.25
CA ILE A 62 -6.32 -0.95 -1.46
C ILE A 62 -6.87 -1.73 -2.67
N GLN A 63 -5.97 -2.29 -3.48
CA GLN A 63 -6.28 -3.30 -4.50
C GLN A 63 -5.16 -4.34 -4.49
N VAL A 64 -5.32 -5.40 -3.70
CA VAL A 64 -4.50 -6.62 -3.77
C VAL A 64 -4.81 -7.33 -5.11
N GLN A 65 -3.86 -8.13 -5.62
CA GLN A 65 -4.13 -9.27 -6.47
C GLN A 65 -2.98 -10.26 -6.23
N ALA A 66 -3.25 -11.54 -6.41
CA ALA A 66 -2.30 -12.61 -6.17
C ALA A 66 -1.74 -13.14 -7.50
N LEU A 67 -0.46 -13.48 -7.49
CA LEU A 67 0.38 -13.86 -8.63
C LEU A 67 1.08 -15.19 -8.29
N ASP A 68 1.96 -15.66 -9.18
CA ASP A 68 2.47 -17.05 -9.12
C ASP A 68 3.23 -17.38 -7.84
N LYS A 69 3.99 -16.43 -7.28
CA LYS A 69 4.81 -16.61 -6.07
C LYS A 69 4.76 -15.40 -5.13
N GLY A 70 3.72 -14.58 -5.22
CA GLY A 70 3.64 -13.33 -4.48
C GLY A 70 2.33 -12.63 -4.78
N LEU A 71 2.20 -11.38 -4.33
CA LEU A 71 1.04 -10.53 -4.57
C LEU A 71 1.53 -9.14 -4.97
N GLU A 72 0.82 -8.50 -5.89
CA GLU A 72 0.91 -7.06 -6.11
C GLU A 72 -0.21 -6.44 -5.30
N ILE A 73 0.04 -5.28 -4.71
CA ILE A 73 -0.98 -4.48 -4.07
C ILE A 73 -0.79 -3.06 -4.55
N ILE A 74 -1.82 -2.45 -5.13
CA ILE A 74 -1.87 -1.02 -5.40
C ILE A 74 -2.55 -0.41 -4.17
N VAL A 75 -2.14 0.80 -3.78
CA VAL A 75 -2.61 1.49 -2.60
C VAL A 75 -2.87 2.93 -3.04
N THR A 76 -4.01 3.51 -2.71
CA THR A 76 -4.50 4.75 -3.32
C THR A 76 -4.98 5.70 -2.22
N LYS A 77 -5.04 6.99 -2.54
CA LYS A 77 -5.57 8.07 -1.70
C LYS A 77 -6.24 9.10 -2.60
N ALA A 78 -7.03 9.99 -1.99
CA ALA A 78 -7.47 11.22 -2.66
C ALA A 78 -6.24 12.07 -3.02
N GLN A 79 -6.42 13.01 -3.95
CA GLN A 79 -5.39 13.98 -4.30
C GLN A 79 -5.00 14.82 -3.08
N LEU A 80 -3.72 15.21 -2.98
CA LEU A 80 -3.24 16.09 -1.91
C LEU A 80 -3.89 17.48 -2.02
N SER A 81 -4.19 17.94 -3.25
CA SER A 81 -4.94 19.14 -3.56
C SER A 81 -6.45 18.97 -3.28
N LYS A 82 -6.80 18.34 -2.15
CA LYS A 82 -8.18 18.10 -1.70
C LYS A 82 -8.97 19.41 -1.64
N ASP A 83 -8.28 20.51 -1.31
CA ASP A 83 -8.69 21.87 -1.68
C ASP A 83 -7.41 22.61 -2.08
N LEU A 84 -7.52 23.87 -2.53
CA LEU A 84 -6.38 24.71 -2.91
C LEU A 84 -6.75 26.18 -2.73
N ASP A 85 -7.97 26.59 -3.11
CA ASP A 85 -8.42 27.97 -2.94
C ASP A 85 -8.58 28.34 -1.46
N LYS A 86 -8.97 27.38 -0.61
CA LYS A 86 -9.18 27.59 0.82
C LYS A 86 -7.92 27.20 1.62
N LEU A 87 -6.73 27.46 1.07
CA LEU A 87 -5.48 27.34 1.81
C LEU A 87 -5.50 28.18 3.09
N VAL A 88 -4.61 27.84 4.03
CA VAL A 88 -4.41 28.56 5.29
C VAL A 88 -2.89 28.59 5.59
N PRO A 89 -2.41 29.52 6.44
CA PRO A 89 -1.02 29.58 6.89
C PRO A 89 -0.53 28.26 7.51
N ARG A 90 0.79 28.07 7.50
CA ARG A 90 1.45 26.99 8.23
C ARG A 90 1.22 27.20 9.72
N MET A 1 10.93 -7.10 -0.46
CA MET A 1 9.68 -6.65 -1.13
C MET A 1 9.94 -5.44 -2.05
N GLU A 2 9.02 -5.18 -2.98
CA GLU A 2 9.33 -4.54 -4.26
C GLU A 2 8.37 -3.35 -4.42
N ILE A 3 8.66 -2.23 -3.75
CA ILE A 3 7.82 -1.02 -3.72
C ILE A 3 7.99 -0.23 -5.03
N GLU A 4 6.96 0.53 -5.38
CA GLU A 4 6.91 1.50 -6.46
C GLU A 4 6.23 2.77 -5.92
N ARG A 5 6.51 3.91 -6.54
CA ARG A 5 5.92 5.21 -6.22
C ARG A 5 5.30 5.73 -7.52
N ILE A 6 4.02 5.39 -7.79
CA ILE A 6 3.34 5.76 -9.02
C ILE A 6 3.32 7.29 -9.12
N ASN A 7 2.83 7.90 -8.04
CA ASN A 7 2.78 9.33 -7.82
C ASN A 7 2.69 9.56 -6.29
N GLU A 8 2.32 10.75 -5.85
CA GLU A 8 2.29 11.09 -4.42
C GLU A 8 1.12 10.42 -3.66
N HIS A 9 0.18 9.79 -4.37
CA HIS A 9 -1.13 9.40 -3.82
C HIS A 9 -1.43 7.92 -4.04
N THR A 10 -1.09 7.37 -5.20
CA THR A 10 -1.03 5.93 -5.43
C THR A 10 0.40 5.48 -5.17
N VAL A 11 0.52 4.38 -4.44
CA VAL A 11 1.75 3.61 -4.32
C VAL A 11 1.35 2.18 -4.63
N LYS A 12 2.30 1.35 -5.06
CA LYS A 12 2.04 -0.08 -5.10
C LYS A 12 3.30 -0.81 -4.71
N PHE A 13 3.18 -2.11 -4.49
CA PHE A 13 4.32 -2.96 -4.26
C PHE A 13 3.97 -4.37 -4.68
N TYR A 14 5.01 -5.17 -4.85
CA TYR A 14 4.90 -6.60 -5.03
C TYR A 14 5.57 -7.24 -3.82
N MET A 15 5.01 -8.35 -3.35
CA MET A 15 5.44 -9.05 -2.16
C MET A 15 5.44 -10.54 -2.46
N SER A 16 6.62 -11.14 -2.59
CA SER A 16 6.73 -12.57 -2.75
C SER A 16 6.31 -13.25 -1.45
N TYR A 17 5.85 -14.51 -1.53
CA TYR A 17 5.49 -15.30 -0.35
C TYR A 17 6.62 -15.34 0.67
N GLY A 18 7.87 -15.44 0.22
CA GLY A 18 9.01 -15.54 1.13
C GLY A 18 9.20 -14.29 1.99
N ASP A 19 8.75 -13.11 1.55
CA ASP A 19 8.83 -11.89 2.37
C ASP A 19 7.85 -12.00 3.54
N ILE A 20 6.67 -12.58 3.28
CA ILE A 20 5.59 -12.79 4.24
C ILE A 20 6.02 -13.90 5.21
N GLU A 21 6.62 -14.98 4.69
CA GLU A 21 7.18 -16.08 5.47
C GLU A 21 8.28 -15.60 6.43
N ASP A 22 9.13 -14.67 5.97
CA ASP A 22 10.25 -14.17 6.76
C ASP A 22 9.77 -13.44 8.01
N ARG A 23 8.72 -12.66 7.83
CA ARG A 23 8.02 -11.96 8.92
C ARG A 23 7.27 -12.97 9.81
N GLY A 24 7.13 -14.22 9.38
CA GLY A 24 6.39 -15.27 10.07
C GLY A 24 4.88 -15.15 9.88
N PHE A 25 4.43 -14.33 8.92
CA PHE A 25 3.04 -14.29 8.47
C PHE A 25 2.86 -15.42 7.43
N ASP A 26 1.70 -15.48 6.77
CA ASP A 26 1.40 -16.49 5.76
C ASP A 26 0.59 -15.83 4.66
N ARG A 27 0.74 -16.25 3.41
CA ARG A 27 -0.06 -15.70 2.31
C ARG A 27 -1.56 -15.79 2.61
N GLU A 28 -2.00 -16.86 3.29
CA GLU A 28 -3.42 -17.00 3.64
C GLU A 28 -3.73 -16.16 4.87
N GLU A 29 -2.85 -16.16 5.87
CA GLU A 29 -3.08 -15.47 7.13
C GLU A 29 -3.24 -13.97 6.92
N ILE A 30 -2.47 -13.42 6.00
CA ILE A 30 -2.60 -12.04 5.52
C ILE A 30 -4.03 -11.78 5.02
N TRP A 31 -4.63 -12.70 4.26
CA TRP A 31 -6.01 -12.55 3.81
C TRP A 31 -7.04 -12.65 4.96
N TYR A 32 -6.73 -13.38 6.03
CA TYR A 32 -7.76 -13.96 6.91
C TYR A 32 -7.68 -13.51 8.37
N ASN A 33 -6.83 -12.52 8.70
CA ASN A 33 -6.65 -12.00 10.05
C ASN A 33 -6.71 -10.48 9.97
N ARG A 34 -7.86 -9.90 10.27
CA ARG A 34 -8.19 -8.48 10.04
C ARG A 34 -7.19 -7.48 10.64
N GLU A 35 -6.43 -7.87 11.67
CA GLU A 35 -5.44 -7.03 12.29
C GLU A 35 -4.02 -7.39 11.83
N ARG A 36 -3.74 -8.66 11.53
CA ARG A 36 -2.42 -9.09 11.08
C ARG A 36 -2.22 -8.77 9.60
N SER A 37 -3.30 -8.52 8.86
CA SER A 37 -3.22 -7.97 7.52
C SER A 37 -2.51 -6.62 7.60
N GLU A 38 -3.02 -5.73 8.47
CA GLU A 38 -2.66 -4.33 8.58
C GLU A 38 -1.17 -4.11 8.80
N GLU A 39 -0.47 -5.02 9.48
CA GLU A 39 0.94 -4.91 9.80
C GLU A 39 1.80 -4.77 8.53
N LEU A 40 1.35 -5.43 7.46
CA LEU A 40 1.97 -5.34 6.13
C LEU A 40 1.93 -3.87 5.67
N PHE A 41 0.76 -3.28 5.72
CA PHE A 41 0.51 -1.93 5.24
C PHE A 41 1.23 -0.93 6.13
N TRP A 42 1.35 -1.21 7.42
CA TRP A 42 2.16 -0.39 8.31
C TRP A 42 3.65 -0.40 7.92
N GLU A 43 4.18 -1.49 7.34
CA GLU A 43 5.57 -1.53 6.90
C GLU A 43 5.71 -0.73 5.61
N VAL A 44 4.79 -0.92 4.66
CA VAL A 44 4.87 -0.19 3.40
C VAL A 44 4.75 1.30 3.66
N MET A 45 3.75 1.69 4.45
CA MET A 45 3.48 3.08 4.74
C MET A 45 4.65 3.68 5.52
N ASP A 46 5.30 2.89 6.39
CA ASP A 46 6.50 3.37 7.08
C ASP A 46 7.59 3.78 6.10
N GLU A 47 7.76 3.00 5.03
CA GLU A 47 8.70 3.34 3.96
C GLU A 47 8.33 4.67 3.29
N VAL A 48 7.03 4.97 3.14
CA VAL A 48 6.55 6.21 2.55
C VAL A 48 6.51 7.34 3.60
N HIS A 49 6.64 7.05 4.89
CA HIS A 49 6.04 7.92 5.90
C HIS A 49 6.53 9.38 5.91
N GLU A 50 7.78 9.63 5.52
CA GLU A 50 8.33 11.00 5.47
C GLU A 50 7.57 11.88 4.46
N GLU A 51 6.87 11.28 3.49
CA GLU A 51 6.06 11.96 2.48
C GLU A 51 4.57 12.00 2.91
N GLU A 52 4.22 11.43 4.05
CA GLU A 52 2.86 10.99 4.38
C GLU A 52 2.43 11.37 5.80
N GLU A 53 3.34 11.74 6.69
CA GLU A 53 3.04 12.14 8.06
C GLU A 53 2.12 13.38 8.15
N PHE A 54 1.88 14.06 7.03
CA PHE A 54 1.00 15.21 6.87
C PHE A 54 -0.16 14.89 5.89
N ALA A 55 -0.37 13.62 5.56
CA ALA A 55 -1.39 13.16 4.60
C ALA A 55 -2.19 11.95 5.10
N VAL A 56 -1.67 11.13 6.04
CA VAL A 56 -2.44 10.00 6.59
C VAL A 56 -3.61 10.42 7.50
N GLU A 57 -3.73 11.72 7.75
CA GLU A 57 -4.95 12.38 8.20
C GLU A 57 -6.16 12.16 7.29
N GLY A 58 -5.92 11.77 6.04
CA GLY A 58 -6.95 11.55 5.05
C GLY A 58 -7.40 10.08 4.97
N PRO A 59 -8.25 9.74 3.99
CA PRO A 59 -8.71 8.37 3.76
C PRO A 59 -7.56 7.47 3.27
N LEU A 60 -7.83 6.18 3.16
CA LEU A 60 -6.90 5.17 2.62
C LEU A 60 -7.72 4.10 1.90
N TRP A 61 -7.11 3.51 0.87
CA TRP A 61 -7.76 2.64 -0.11
C TRP A 61 -6.75 1.58 -0.55
N ILE A 62 -7.22 0.38 -0.88
CA ILE A 62 -6.37 -0.74 -1.29
C ILE A 62 -7.01 -1.41 -2.52
N GLN A 63 -6.19 -1.98 -3.40
CA GLN A 63 -6.57 -2.97 -4.41
C GLN A 63 -5.45 -4.01 -4.42
N VAL A 64 -5.75 -5.30 -4.61
CA VAL A 64 -4.76 -6.37 -4.38
C VAL A 64 -5.02 -7.52 -5.35
N GLN A 65 -3.99 -8.33 -5.63
CA GLN A 65 -4.18 -9.60 -6.32
C GLN A 65 -3.11 -10.58 -5.85
N ALA A 66 -3.46 -11.87 -5.88
CA ALA A 66 -2.49 -12.96 -5.78
C ALA A 66 -1.90 -13.21 -7.17
N LEU A 67 -0.62 -13.57 -7.19
CA LEU A 67 0.17 -13.99 -8.33
C LEU A 67 0.80 -15.35 -8.00
N ASP A 68 1.57 -15.94 -8.92
CA ASP A 68 1.98 -17.34 -8.85
C ASP A 68 2.81 -17.69 -7.60
N LYS A 69 3.61 -16.74 -7.10
CA LYS A 69 4.47 -16.93 -5.91
C LYS A 69 4.50 -15.67 -5.01
N GLY A 70 3.49 -14.82 -5.09
CA GLY A 70 3.48 -13.54 -4.38
C GLY A 70 2.16 -12.82 -4.58
N LEU A 71 2.09 -11.57 -4.16
CA LEU A 71 0.93 -10.68 -4.30
C LEU A 71 1.44 -9.36 -4.87
N GLU A 72 0.62 -8.67 -5.67
CA GLU A 72 0.78 -7.23 -5.91
C GLU A 72 -0.31 -6.54 -5.12
N ILE A 73 0.06 -5.46 -4.45
CA ILE A 73 -0.77 -4.67 -3.58
C ILE A 73 -0.64 -3.23 -4.09
N ILE A 74 -1.74 -2.62 -4.49
CA ILE A 74 -1.85 -1.20 -4.82
C ILE A 74 -2.53 -0.57 -3.61
N VAL A 75 -2.15 0.66 -3.24
CA VAL A 75 -2.83 1.41 -2.20
C VAL A 75 -2.94 2.86 -2.70
N THR A 76 -4.06 3.52 -2.44
CA THR A 76 -4.43 4.77 -3.11
C THR A 76 -4.96 5.77 -2.07
N LYS A 77 -5.04 7.05 -2.45
CA LYS A 77 -5.66 8.12 -1.67
C LYS A 77 -6.24 9.14 -2.66
N ALA A 78 -7.14 10.00 -2.17
CA ALA A 78 -7.51 11.23 -2.87
C ALA A 78 -6.27 12.14 -2.96
N GLN A 79 -6.26 13.07 -3.92
CA GLN A 79 -5.17 14.04 -4.05
C GLN A 79 -5.13 14.93 -2.80
N LEU A 80 -3.94 15.12 -2.21
CA LEU A 80 -3.73 16.04 -1.10
C LEU A 80 -3.99 17.49 -1.56
N SER A 81 -3.65 17.78 -2.82
CA SER A 81 -3.82 19.07 -3.48
C SER A 81 -5.28 19.44 -3.79
N LYS A 82 -6.27 18.73 -3.22
CA LYS A 82 -7.69 19.08 -3.31
C LYS A 82 -7.94 20.53 -2.85
N ASP A 83 -7.11 21.03 -1.93
CA ASP A 83 -6.90 22.46 -1.70
C ASP A 83 -5.37 22.66 -1.58
N LEU A 84 -4.91 23.91 -1.64
CA LEU A 84 -3.50 24.27 -1.62
C LEU A 84 -3.32 25.67 -1.02
N ASP A 85 -4.29 26.58 -1.26
CA ASP A 85 -4.35 27.87 -0.58
C ASP A 85 -4.48 27.67 0.93
N LYS A 86 -5.32 26.70 1.36
CA LYS A 86 -5.28 26.18 2.72
C LYS A 86 -4.11 25.20 2.78
N LEU A 87 -3.11 25.55 3.59
CA LEU A 87 -1.97 24.71 3.90
C LEU A 87 -2.43 23.50 4.73
N VAL A 88 -1.60 22.45 4.75
CA VAL A 88 -1.71 21.40 5.76
C VAL A 88 -1.41 22.01 7.16
N PRO A 89 -1.86 21.36 8.25
CA PRO A 89 -1.59 21.79 9.62
C PRO A 89 -0.09 21.98 9.92
N ARG A 90 0.20 22.83 10.89
CA ARG A 90 1.54 23.17 11.37
C ARG A 90 1.46 23.31 12.89
N MET A 1 11.14 -7.30 -0.77
CA MET A 1 9.87 -6.77 -1.36
C MET A 1 10.13 -5.55 -2.27
N GLU A 2 9.19 -5.22 -3.13
CA GLU A 2 9.43 -4.54 -4.40
C GLU A 2 8.52 -3.32 -4.44
N ILE A 3 8.90 -2.25 -3.74
CA ILE A 3 8.11 -1.02 -3.59
C ILE A 3 8.15 -0.20 -4.89
N GLU A 4 7.10 0.58 -5.17
CA GLU A 4 7.03 1.62 -6.18
C GLU A 4 6.23 2.81 -5.63
N ARG A 5 6.56 4.02 -6.05
CA ARG A 5 5.92 5.25 -5.63
C ARG A 5 5.30 5.87 -6.88
N ILE A 6 3.97 5.73 -7.03
CA ILE A 6 3.29 6.10 -8.27
C ILE A 6 3.28 7.63 -8.38
N ASN A 7 2.74 8.28 -7.35
CA ASN A 7 2.56 9.72 -7.25
C ASN A 7 2.32 10.09 -5.77
N GLU A 8 1.96 11.34 -5.48
CA GLU A 8 1.75 11.83 -4.11
C GLU A 8 0.56 11.18 -3.38
N HIS A 9 -0.23 10.34 -4.08
CA HIS A 9 -1.50 9.81 -3.61
C HIS A 9 -1.47 8.29 -3.51
N THR A 10 -0.70 7.63 -4.37
CA THR A 10 -0.71 6.19 -4.55
C THR A 10 0.71 5.67 -4.47
N VAL A 11 0.87 4.52 -3.81
CA VAL A 11 2.07 3.71 -3.87
C VAL A 11 1.62 2.29 -4.18
N LYS A 12 2.48 1.47 -4.75
CA LYS A 12 2.19 0.05 -4.91
C LYS A 12 3.43 -0.74 -4.55
N PHE A 13 3.28 -2.05 -4.38
CA PHE A 13 4.42 -2.91 -4.20
C PHE A 13 4.05 -4.31 -4.64
N TYR A 14 5.08 -5.13 -4.82
CA TYR A 14 4.96 -6.56 -5.00
C TYR A 14 5.64 -7.20 -3.80
N MET A 15 5.06 -8.31 -3.32
CA MET A 15 5.47 -9.02 -2.12
C MET A 15 5.45 -10.50 -2.45
N SER A 16 6.61 -11.15 -2.43
CA SER A 16 6.66 -12.59 -2.64
C SER A 16 6.12 -13.29 -1.39
N TYR A 17 5.68 -14.54 -1.51
CA TYR A 17 5.31 -15.35 -0.36
C TYR A 17 6.43 -15.41 0.67
N GLY A 18 7.68 -15.56 0.23
CA GLY A 18 8.82 -15.64 1.12
C GLY A 18 9.03 -14.35 1.93
N ASP A 19 8.61 -13.19 1.43
CA ASP A 19 8.70 -11.92 2.17
C ASP A 19 7.72 -11.92 3.34
N ILE A 20 6.58 -12.59 3.20
CA ILE A 20 5.52 -12.68 4.20
C ILE A 20 5.96 -13.72 5.25
N GLU A 21 6.48 -14.86 4.78
CA GLU A 21 7.07 -15.91 5.61
C GLU A 21 8.23 -15.39 6.46
N ASP A 22 9.07 -14.53 5.88
CA ASP A 22 10.23 -13.94 6.55
C ASP A 22 9.81 -13.12 7.76
N ARG A 23 8.76 -12.32 7.58
CA ARG A 23 8.11 -11.56 8.63
C ARG A 23 7.37 -12.46 9.62
N GLY A 24 7.28 -13.76 9.33
CA GLY A 24 6.60 -14.73 10.17
C GLY A 24 5.08 -14.68 10.05
N PHE A 25 4.56 -13.97 9.04
CA PHE A 25 3.17 -14.07 8.64
C PHE A 25 3.03 -15.31 7.72
N ASP A 26 1.85 -15.52 7.13
CA ASP A 26 1.59 -16.60 6.19
C ASP A 26 0.76 -16.01 5.07
N ARG A 27 0.95 -16.45 3.83
CA ARG A 27 0.16 -15.96 2.71
C ARG A 27 -1.35 -16.14 2.97
N GLU A 28 -1.75 -17.22 3.64
CA GLU A 28 -3.16 -17.44 3.98
C GLU A 28 -3.54 -16.54 5.15
N GLU A 29 -2.70 -16.48 6.18
CA GLU A 29 -3.02 -15.77 7.42
C GLU A 29 -3.26 -14.29 7.18
N ILE A 30 -2.49 -13.70 6.26
CA ILE A 30 -2.70 -12.34 5.78
C ILE A 30 -4.14 -12.18 5.25
N TRP A 31 -4.65 -13.14 4.46
CA TRP A 31 -6.03 -13.05 3.95
C TRP A 31 -7.09 -13.21 5.06
N TYR A 32 -6.76 -13.84 6.19
CA TYR A 32 -7.75 -14.40 7.11
C TYR A 32 -7.69 -13.85 8.54
N ASN A 33 -6.82 -12.86 8.81
CA ASN A 33 -6.62 -12.25 10.13
C ASN A 33 -6.50 -10.75 9.90
N ARG A 34 -7.63 -10.04 9.78
CA ARG A 34 -7.67 -8.64 9.29
C ARG A 34 -6.62 -7.74 9.92
N GLU A 35 -6.43 -7.83 11.25
CA GLU A 35 -5.49 -6.97 11.94
C GLU A 35 -4.04 -7.36 11.64
N ARG A 36 -3.76 -8.65 11.41
CA ARG A 36 -2.45 -9.12 11.00
C ARG A 36 -2.23 -8.88 9.51
N SER A 37 -3.28 -8.67 8.72
CA SER A 37 -3.11 -8.14 7.38
C SER A 37 -2.51 -6.74 7.52
N GLU A 38 -3.15 -5.88 8.32
CA GLU A 38 -2.89 -4.45 8.41
C GLU A 38 -1.41 -4.12 8.66
N GLU A 39 -0.69 -4.95 9.41
CA GLU A 39 0.72 -4.76 9.76
C GLU A 39 1.58 -4.61 8.50
N LEU A 40 1.23 -5.34 7.45
CA LEU A 40 1.89 -5.29 6.15
C LEU A 40 1.80 -3.87 5.61
N PHE A 41 0.58 -3.38 5.48
CA PHE A 41 0.25 -2.10 4.89
C PHE A 41 0.87 -0.96 5.72
N TRP A 42 0.93 -1.14 7.04
CA TRP A 42 1.63 -0.22 7.91
C TRP A 42 3.14 -0.20 7.62
N GLU A 43 3.78 -1.33 7.32
CA GLU A 43 5.22 -1.34 7.08
C GLU A 43 5.54 -0.62 5.77
N VAL A 44 4.75 -0.81 4.71
CA VAL A 44 5.03 -0.18 3.44
C VAL A 44 4.81 1.33 3.50
N MET A 45 3.74 1.75 4.16
CA MET A 45 3.50 3.14 4.47
C MET A 45 4.70 3.72 5.21
N ASP A 46 5.17 3.02 6.25
CA ASP A 46 6.30 3.47 7.04
C ASP A 46 7.56 3.64 6.20
N GLU A 47 7.79 2.70 5.29
CA GLU A 47 8.90 2.66 4.37
C GLU A 47 8.85 3.82 3.35
N VAL A 48 7.74 4.55 3.24
CA VAL A 48 7.59 5.70 2.34
C VAL A 48 7.18 6.96 3.11
N HIS A 49 7.03 6.89 4.43
CA HIS A 49 6.31 7.91 5.17
C HIS A 49 6.93 9.31 5.11
N GLU A 50 8.22 9.44 4.78
CA GLU A 50 8.85 10.74 4.56
C GLU A 50 8.18 11.52 3.40
N GLU A 51 7.47 10.83 2.50
CA GLU A 51 6.72 11.42 1.40
C GLU A 51 5.20 11.44 1.70
N GLU A 52 4.79 11.05 2.91
CA GLU A 52 3.39 10.88 3.31
C GLU A 52 3.05 11.72 4.55
N GLU A 53 4.03 12.11 5.36
CA GLU A 53 3.83 12.78 6.65
C GLU A 53 3.11 14.14 6.53
N PHE A 54 3.08 14.74 5.34
CA PHE A 54 2.38 15.99 5.02
C PHE A 54 1.06 15.73 4.26
N ALA A 55 0.70 14.46 4.05
CA ALA A 55 -0.47 14.02 3.29
C ALA A 55 -1.06 12.75 3.93
N VAL A 56 -1.12 12.72 5.27
CA VAL A 56 -1.75 11.67 6.06
C VAL A 56 -2.85 12.35 6.89
N GLU A 57 -3.85 12.83 6.14
CA GLU A 57 -4.87 13.74 6.63
C GLU A 57 -6.15 13.56 5.77
N GLY A 58 -6.41 12.31 5.39
CA GLY A 58 -7.45 11.89 4.47
C GLY A 58 -7.67 10.38 4.57
N PRO A 59 -8.54 9.82 3.71
CA PRO A 59 -8.85 8.41 3.69
C PRO A 59 -7.65 7.58 3.19
N LEU A 60 -7.77 6.25 3.27
CA LEU A 60 -6.84 5.28 2.70
C LEU A 60 -7.66 4.19 2.03
N TRP A 61 -7.05 3.54 1.04
CA TRP A 61 -7.70 2.70 0.05
C TRP A 61 -6.72 1.61 -0.35
N ILE A 62 -7.20 0.41 -0.65
CA ILE A 62 -6.36 -0.75 -0.97
C ILE A 62 -6.97 -1.45 -2.20
N GLN A 63 -6.11 -1.97 -3.07
CA GLN A 63 -6.45 -2.91 -4.14
C GLN A 63 -5.35 -3.98 -4.15
N VAL A 64 -5.65 -5.23 -4.49
CA VAL A 64 -4.71 -6.34 -4.31
C VAL A 64 -4.96 -7.40 -5.38
N GLN A 65 -3.94 -8.21 -5.71
CA GLN A 65 -4.13 -9.44 -6.44
C GLN A 65 -3.05 -10.43 -5.99
N ALA A 66 -3.38 -11.71 -6.06
CA ALA A 66 -2.42 -12.80 -5.93
C ALA A 66 -1.83 -13.10 -7.31
N LEU A 67 -0.55 -13.48 -7.33
CA LEU A 67 0.25 -13.86 -8.47
C LEU A 67 0.88 -15.23 -8.17
N ASP A 68 1.71 -15.75 -9.09
CA ASP A 68 2.14 -17.16 -9.04
C ASP A 68 2.91 -17.53 -7.77
N LYS A 69 3.70 -16.58 -7.20
CA LYS A 69 4.52 -16.80 -6.00
C LYS A 69 4.50 -15.60 -5.05
N GLY A 70 3.46 -14.78 -5.10
CA GLY A 70 3.41 -13.54 -4.32
C GLY A 70 2.10 -12.79 -4.56
N LEU A 71 2.05 -11.53 -4.16
CA LEU A 71 0.93 -10.61 -4.33
C LEU A 71 1.48 -9.29 -4.88
N GLU A 72 0.70 -8.59 -5.68
CA GLU A 72 0.86 -7.15 -5.88
C GLU A 72 -0.25 -6.49 -5.08
N ILE A 73 0.12 -5.40 -4.42
CA ILE A 73 -0.73 -4.61 -3.57
C ILE A 73 -0.58 -3.17 -4.09
N ILE A 74 -1.69 -2.50 -4.35
CA ILE A 74 -1.77 -1.08 -4.66
C ILE A 74 -2.48 -0.44 -3.46
N VAL A 75 -2.08 0.76 -3.03
CA VAL A 75 -2.79 1.53 -2.02
C VAL A 75 -2.87 2.99 -2.48
N THR A 76 -4.03 3.63 -2.29
CA THR A 76 -4.38 4.84 -3.02
C THR A 76 -4.95 5.90 -2.06
N LYS A 77 -5.06 7.15 -2.55
CA LYS A 77 -5.78 8.25 -1.93
C LYS A 77 -6.57 9.02 -2.98
N ALA A 78 -7.45 9.89 -2.49
CA ALA A 78 -8.17 10.85 -3.32
C ALA A 78 -7.14 11.74 -4.06
N GLN A 79 -7.47 12.11 -5.29
CA GLN A 79 -6.69 13.03 -6.10
C GLN A 79 -6.83 14.47 -5.58
N LEU A 80 -6.05 15.39 -6.15
CA LEU A 80 -6.01 16.80 -5.78
C LEU A 80 -6.05 17.67 -7.04
N SER A 81 -6.83 17.24 -8.04
CA SER A 81 -6.92 17.87 -9.36
C SER A 81 -7.40 19.32 -9.33
N LYS A 82 -7.93 19.83 -8.21
CA LYS A 82 -8.19 21.27 -8.03
C LYS A 82 -6.92 22.10 -8.27
N ASP A 83 -5.74 21.54 -8.00
CA ASP A 83 -4.44 22.17 -8.25
C ASP A 83 -4.17 22.43 -9.75
N LEU A 84 -5.02 21.93 -10.64
CA LEU A 84 -4.87 21.96 -12.09
C LEU A 84 -6.14 22.50 -12.74
N ASP A 85 -7.32 22.09 -12.25
CA ASP A 85 -8.60 22.59 -12.73
C ASP A 85 -8.81 24.07 -12.36
N LYS A 86 -8.27 24.52 -11.22
CA LYS A 86 -8.36 25.91 -10.77
C LYS A 86 -7.06 26.64 -11.09
N LEU A 87 -7.13 27.98 -11.16
CA LEU A 87 -5.94 28.81 -11.31
C LEU A 87 -5.13 28.72 -10.01
N VAL A 88 -3.81 28.90 -10.13
CA VAL A 88 -2.85 28.92 -9.02
C VAL A 88 -1.82 30.04 -9.30
N PRO A 89 -1.10 30.54 -8.29
CA PRO A 89 -0.17 31.65 -8.47
C PRO A 89 1.12 31.19 -9.17
N ARG A 90 1.87 32.18 -9.68
CA ARG A 90 3.18 31.97 -10.28
C ARG A 90 4.13 31.42 -9.20
N MET A 1 10.55 -8.55 -2.19
CA MET A 1 9.63 -7.39 -1.93
C MET A 1 10.09 -6.19 -2.77
N GLU A 2 9.13 -5.39 -3.26
CA GLU A 2 9.33 -4.42 -4.33
C GLU A 2 8.40 -3.24 -4.03
N ILE A 3 8.84 -1.98 -4.18
CA ILE A 3 8.04 -0.79 -3.89
C ILE A 3 7.98 0.06 -5.18
N GLU A 4 6.90 0.83 -5.38
CA GLU A 4 6.74 1.75 -6.49
C GLU A 4 6.01 3.03 -6.04
N ARG A 5 6.28 4.13 -6.73
CA ARG A 5 5.70 5.45 -6.53
C ARG A 5 4.97 5.80 -7.84
N ILE A 6 3.70 5.39 -7.97
CA ILE A 6 2.89 5.63 -9.17
C ILE A 6 2.83 7.14 -9.42
N ASN A 7 2.42 7.85 -8.38
CA ASN A 7 2.36 9.30 -8.27
C ASN A 7 2.50 9.62 -6.78
N GLU A 8 2.20 10.85 -6.36
CA GLU A 8 2.45 11.26 -4.97
C GLU A 8 1.40 10.74 -3.97
N HIS A 9 0.39 9.98 -4.43
CA HIS A 9 -0.76 9.56 -3.62
C HIS A 9 -1.00 8.05 -3.71
N THR A 10 -1.01 7.48 -4.92
CA THR A 10 -1.01 6.04 -5.12
C THR A 10 0.42 5.55 -4.98
N VAL A 11 0.59 4.45 -4.25
CA VAL A 11 1.82 3.66 -4.26
C VAL A 11 1.39 2.22 -4.51
N LYS A 12 2.30 1.39 -5.01
CA LYS A 12 2.06 -0.04 -5.04
C LYS A 12 3.32 -0.75 -4.59
N PHE A 13 3.20 -2.03 -4.31
CA PHE A 13 4.33 -2.87 -3.96
C PHE A 13 4.03 -4.28 -4.45
N TYR A 14 5.06 -5.11 -4.48
CA TYR A 14 4.96 -6.51 -4.80
C TYR A 14 5.64 -7.27 -3.68
N MET A 15 4.94 -8.24 -3.12
CA MET A 15 5.32 -8.96 -1.92
C MET A 15 5.38 -10.44 -2.25
N SER A 16 6.55 -11.03 -2.14
CA SER A 16 6.71 -12.46 -2.41
C SER A 16 6.19 -13.26 -1.21
N TYR A 17 5.75 -14.50 -1.43
CA TYR A 17 5.29 -15.37 -0.33
C TYR A 17 6.39 -15.60 0.71
N GLY A 18 7.65 -15.71 0.27
CA GLY A 18 8.78 -15.89 1.17
C GLY A 18 9.01 -14.67 2.06
N ASP A 19 8.66 -13.46 1.59
CA ASP A 19 8.80 -12.24 2.39
C ASP A 19 7.76 -12.22 3.51
N ILE A 20 6.55 -12.71 3.23
CA ILE A 20 5.45 -12.82 4.18
C ILE A 20 5.81 -13.84 5.27
N GLU A 21 6.27 -15.01 4.83
CA GLU A 21 6.75 -16.07 5.67
C GLU A 21 7.92 -15.61 6.54
N ASP A 22 8.81 -14.77 5.99
CA ASP A 22 9.99 -14.36 6.71
C ASP A 22 9.60 -13.49 7.91
N ARG A 23 8.63 -12.61 7.67
CA ARG A 23 7.96 -11.80 8.67
C ARG A 23 7.12 -12.63 9.63
N GLY A 24 6.92 -13.92 9.35
CA GLY A 24 6.21 -14.86 10.20
C GLY A 24 4.69 -14.79 10.03
N PHE A 25 4.22 -14.09 9.00
CA PHE A 25 2.84 -14.16 8.53
C PHE A 25 2.73 -15.33 7.55
N ASP A 26 1.57 -15.53 6.91
CA ASP A 26 1.40 -16.52 5.85
C ASP A 26 0.50 -15.92 4.77
N ARG A 27 0.63 -16.37 3.54
CA ARG A 27 0.02 -15.72 2.38
C ARG A 27 -1.50 -15.76 2.41
N GLU A 28 -2.10 -16.76 3.04
CA GLU A 28 -3.54 -16.78 3.29
C GLU A 28 -3.81 -16.05 4.61
N GLU A 29 -3.01 -16.33 5.65
CA GLU A 29 -3.25 -15.87 7.01
C GLU A 29 -3.33 -14.36 7.11
N ILE A 30 -2.53 -13.66 6.31
CA ILE A 30 -2.62 -12.22 6.09
C ILE A 30 -4.10 -11.82 5.94
N TRP A 31 -4.82 -12.43 5.01
CA TRP A 31 -6.19 -12.06 4.66
C TRP A 31 -7.25 -12.53 5.67
N TYR A 32 -6.89 -13.45 6.58
CA TYR A 32 -7.84 -14.16 7.43
C TYR A 32 -7.59 -13.92 8.93
N ASN A 33 -6.67 -13.01 9.26
CA ASN A 33 -6.41 -12.48 10.59
C ASN A 33 -6.44 -10.96 10.42
N ARG A 34 -7.62 -10.34 10.50
CA ARG A 34 -7.86 -8.97 10.03
C ARG A 34 -6.88 -7.93 10.59
N GLU A 35 -6.46 -8.12 11.82
CA GLU A 35 -5.53 -7.22 12.49
C GLU A 35 -4.08 -7.50 12.07
N ARG A 36 -3.75 -8.75 11.76
CA ARG A 36 -2.43 -9.13 11.30
C ARG A 36 -2.26 -8.82 9.81
N SER A 37 -3.34 -8.59 9.07
CA SER A 37 -3.21 -8.03 7.73
C SER A 37 -2.54 -6.66 7.85
N GLU A 38 -3.06 -5.80 8.73
CA GLU A 38 -2.73 -4.38 8.81
C GLU A 38 -1.22 -4.13 8.97
N GLU A 39 -0.50 -5.05 9.64
CA GLU A 39 0.92 -4.94 9.92
C GLU A 39 1.74 -4.83 8.63
N LEU A 40 1.30 -5.54 7.58
CA LEU A 40 1.86 -5.47 6.25
C LEU A 40 1.80 -4.02 5.76
N PHE A 41 0.59 -3.48 5.72
CA PHE A 41 0.31 -2.16 5.18
C PHE A 41 1.03 -1.08 5.97
N TRP A 42 1.19 -1.27 7.28
CA TRP A 42 1.96 -0.38 8.12
C TRP A 42 3.44 -0.36 7.73
N GLU A 43 4.04 -1.47 7.29
CA GLU A 43 5.44 -1.50 6.89
C GLU A 43 5.63 -0.73 5.57
N VAL A 44 4.74 -0.93 4.59
CA VAL A 44 4.88 -0.27 3.31
C VAL A 44 4.58 1.23 3.42
N MET A 45 3.61 1.61 4.24
CA MET A 45 3.38 2.99 4.58
C MET A 45 4.60 3.56 5.33
N ASP A 46 5.24 2.80 6.24
CA ASP A 46 6.46 3.25 6.90
C ASP A 46 7.57 3.58 5.89
N GLU A 47 7.68 2.78 4.83
CA GLU A 47 8.57 3.00 3.69
C GLU A 47 8.32 4.34 2.97
N VAL A 48 7.24 5.04 3.28
CA VAL A 48 6.78 6.29 2.64
C VAL A 48 6.50 7.37 3.70
N HIS A 49 6.50 7.03 5.00
CA HIS A 49 5.79 7.84 5.99
C HIS A 49 6.34 9.27 6.13
N GLU A 50 7.64 9.49 5.86
CA GLU A 50 8.24 10.83 5.89
C GLU A 50 7.59 11.79 4.89
N GLU A 51 6.83 11.27 3.91
CA GLU A 51 6.15 12.02 2.85
C GLU A 51 4.61 11.90 3.01
N GLU A 52 4.14 11.29 4.10
CA GLU A 52 2.73 10.96 4.33
C GLU A 52 2.25 11.36 5.73
N GLU A 53 3.14 11.60 6.69
CA GLU A 53 2.80 11.91 8.08
C GLU A 53 1.92 13.18 8.20
N PHE A 54 1.98 14.07 7.21
CA PHE A 54 1.20 15.30 7.11
C PHE A 54 -0.04 15.15 6.21
N ALA A 55 -0.32 13.93 5.73
CA ALA A 55 -1.36 13.64 4.75
C ALA A 55 -2.23 12.43 5.13
N VAL A 56 -1.83 11.59 6.08
CA VAL A 56 -2.67 10.50 6.61
C VAL A 56 -3.83 11.00 7.51
N GLU A 57 -3.95 12.31 7.66
CA GLU A 57 -5.19 12.98 8.02
C GLU A 57 -6.34 12.69 7.04
N GLY A 58 -6.01 12.23 5.83
CA GLY A 58 -6.95 11.90 4.77
C GLY A 58 -7.05 10.38 4.56
N PRO A 59 -7.85 9.95 3.58
CA PRO A 59 -8.20 8.55 3.38
C PRO A 59 -7.02 7.72 2.82
N LEU A 60 -7.23 6.40 2.81
CA LEU A 60 -6.39 5.41 2.15
C LEU A 60 -7.34 4.32 1.64
N TRP A 61 -6.92 3.63 0.58
CA TRP A 61 -7.70 2.65 -0.15
C TRP A 61 -6.75 1.53 -0.54
N ILE A 62 -7.23 0.29 -0.70
CA ILE A 62 -6.39 -0.88 -0.87
C ILE A 62 -7.04 -1.78 -1.94
N GLN A 63 -6.23 -2.36 -2.83
CA GLN A 63 -6.59 -3.51 -3.66
C GLN A 63 -5.36 -4.42 -3.83
N VAL A 64 -5.56 -5.65 -4.34
CA VAL A 64 -4.52 -6.68 -4.36
C VAL A 64 -4.65 -7.51 -5.66
N GLN A 65 -3.59 -8.22 -6.04
CA GLN A 65 -3.56 -9.31 -7.00
C GLN A 65 -2.77 -10.42 -6.32
N ALA A 66 -3.12 -11.69 -6.57
CA ALA A 66 -2.29 -12.82 -6.20
C ALA A 66 -1.71 -13.41 -7.49
N LEU A 67 -0.39 -13.60 -7.49
CA LEU A 67 0.45 -13.93 -8.64
C LEU A 67 1.10 -15.30 -8.37
N ASP A 68 2.07 -15.70 -9.20
CA ASP A 68 2.60 -17.08 -9.19
C ASP A 68 3.21 -17.47 -7.84
N LYS A 69 4.00 -16.56 -7.23
CA LYS A 69 4.72 -16.80 -5.96
C LYS A 69 4.72 -15.55 -5.06
N GLY A 70 3.75 -14.67 -5.20
CA GLY A 70 3.67 -13.43 -4.45
C GLY A 70 2.37 -12.73 -4.78
N LEU A 71 2.22 -11.48 -4.33
CA LEU A 71 1.05 -10.65 -4.53
C LEU A 71 1.51 -9.26 -4.92
N GLU A 72 0.79 -8.59 -5.82
CA GLU A 72 0.91 -7.14 -5.96
C GLU A 72 -0.18 -6.54 -5.07
N ILE A 73 0.14 -5.43 -4.40
CA ILE A 73 -0.80 -4.70 -3.60
C ILE A 73 -0.70 -3.25 -4.10
N ILE A 74 -1.82 -2.63 -4.45
CA ILE A 74 -1.90 -1.26 -4.93
C ILE A 74 -2.73 -0.53 -3.87
N VAL A 75 -2.31 0.66 -3.43
CA VAL A 75 -3.03 1.41 -2.41
C VAL A 75 -3.17 2.86 -2.89
N THR A 76 -4.36 3.44 -2.74
CA THR A 76 -4.82 4.57 -3.56
C THR A 76 -5.40 5.68 -2.69
N LYS A 77 -5.77 6.82 -3.28
CA LYS A 77 -6.49 7.91 -2.62
C LYS A 77 -7.67 8.39 -3.47
N ALA A 78 -8.49 9.24 -2.83
CA ALA A 78 -9.67 9.84 -3.43
C ALA A 78 -9.28 10.85 -4.52
N GLN A 79 -10.28 11.35 -5.25
CA GLN A 79 -10.17 12.40 -6.25
C GLN A 79 -11.31 13.41 -6.03
N LEU A 80 -11.22 14.58 -6.66
CA LEU A 80 -12.12 15.71 -6.45
C LEU A 80 -12.56 16.30 -7.80
N SER A 81 -12.69 15.47 -8.83
CA SER A 81 -13.10 15.83 -10.19
C SER A 81 -14.62 16.11 -10.28
N LYS A 82 -15.17 16.88 -9.33
CA LYS A 82 -16.58 17.28 -9.30
C LYS A 82 -16.98 18.09 -10.54
N ASP A 83 -16.00 18.69 -11.22
CA ASP A 83 -16.10 19.17 -12.59
C ASP A 83 -14.81 18.72 -13.28
N LEU A 84 -14.88 18.54 -14.60
CA LEU A 84 -13.83 17.98 -15.44
C LEU A 84 -14.10 18.32 -16.91
N ASP A 85 -15.38 18.36 -17.31
CA ASP A 85 -15.78 18.74 -18.66
C ASP A 85 -15.51 20.21 -18.95
N LYS A 86 -15.73 21.10 -17.96
CA LYS A 86 -15.26 22.48 -18.02
C LYS A 86 -13.90 22.59 -17.33
N LEU A 87 -13.24 23.73 -17.52
CA LEU A 87 -11.85 23.95 -17.17
C LEU A 87 -11.66 25.40 -16.72
N VAL A 88 -10.60 25.66 -15.95
CA VAL A 88 -10.24 26.98 -15.43
C VAL A 88 -8.70 27.15 -15.59
N PRO A 89 -8.18 28.39 -15.60
CA PRO A 89 -6.76 28.64 -15.83
C PRO A 89 -5.92 28.26 -14.61
N ARG A 90 -4.60 28.15 -14.81
CA ARG A 90 -3.63 27.96 -13.74
C ARG A 90 -3.70 29.11 -12.75
N MET A 1 10.92 -6.96 0.06
CA MET A 1 9.75 -6.63 -0.81
C MET A 1 10.12 -5.57 -1.88
N GLU A 2 9.17 -5.19 -2.73
CA GLU A 2 9.38 -4.36 -3.93
C GLU A 2 8.35 -3.24 -3.88
N ILE A 3 8.73 -1.97 -4.06
CA ILE A 3 7.86 -0.80 -3.87
C ILE A 3 7.83 0.02 -5.18
N GLU A 4 6.75 0.76 -5.43
CA GLU A 4 6.61 1.68 -6.55
C GLU A 4 5.85 2.94 -6.13
N ARG A 5 6.14 4.07 -6.78
CA ARG A 5 5.51 5.38 -6.59
C ARG A 5 4.75 5.70 -7.88
N ILE A 6 3.47 5.30 -7.96
CA ILE A 6 2.63 5.52 -9.14
C ILE A 6 2.55 7.02 -9.42
N ASN A 7 2.17 7.74 -8.37
CA ASN A 7 2.10 9.19 -8.28
C ASN A 7 2.29 9.52 -6.80
N GLU A 8 2.02 10.75 -6.35
CA GLU A 8 2.32 11.15 -4.97
C GLU A 8 1.31 10.61 -3.93
N HIS A 9 0.31 9.85 -4.36
CA HIS A 9 -0.86 9.48 -3.55
C HIS A 9 -1.10 7.96 -3.60
N THR A 10 -1.15 7.37 -4.78
CA THR A 10 -1.17 5.93 -4.97
C THR A 10 0.27 5.43 -4.88
N VAL A 11 0.47 4.32 -4.19
CA VAL A 11 1.69 3.54 -4.26
C VAL A 11 1.26 2.11 -4.53
N LYS A 12 2.15 1.28 -5.07
CA LYS A 12 1.91 -0.15 -5.10
C LYS A 12 3.18 -0.82 -4.64
N PHE A 13 3.08 -2.10 -4.35
CA PHE A 13 4.21 -2.90 -3.97
C PHE A 13 3.94 -4.33 -4.41
N TYR A 14 4.99 -5.14 -4.47
CA TYR A 14 4.92 -6.53 -4.79
C TYR A 14 5.60 -7.27 -3.64
N MET A 15 5.00 -8.39 -3.26
CA MET A 15 5.33 -9.10 -2.04
C MET A 15 5.33 -10.59 -2.34
N SER A 16 6.54 -11.14 -2.47
CA SER A 16 6.72 -12.58 -2.62
C SER A 16 6.22 -13.27 -1.36
N TYR A 17 5.73 -14.50 -1.48
CA TYR A 17 5.21 -15.26 -0.35
C TYR A 17 6.21 -15.40 0.80
N GLY A 18 7.50 -15.46 0.50
CA GLY A 18 8.48 -15.61 1.56
C GLY A 18 8.83 -14.31 2.26
N ASP A 19 8.44 -13.13 1.73
CA ASP A 19 8.54 -11.89 2.51
C ASP A 19 7.55 -11.97 3.68
N ILE A 20 6.35 -12.45 3.38
CA ILE A 20 5.28 -12.68 4.34
C ILE A 20 5.73 -13.77 5.33
N GLU A 21 6.32 -14.86 4.84
CA GLU A 21 6.71 -15.98 5.66
C GLU A 21 7.86 -15.59 6.61
N ASP A 22 8.76 -14.72 6.17
CA ASP A 22 9.92 -14.29 6.97
C ASP A 22 9.47 -13.56 8.23
N ARG A 23 8.45 -12.73 8.05
CA ARG A 23 7.78 -12.01 9.15
C ARG A 23 7.05 -13.00 10.07
N GLY A 24 6.86 -14.24 9.63
CA GLY A 24 6.14 -15.27 10.37
C GLY A 24 4.62 -15.22 10.13
N PHE A 25 4.18 -14.40 9.17
CA PHE A 25 2.80 -14.36 8.70
C PHE A 25 2.62 -15.47 7.66
N ASP A 26 1.44 -15.61 7.06
CA ASP A 26 1.18 -16.59 6.00
C ASP A 26 0.43 -15.89 4.90
N ARG A 27 0.63 -16.29 3.63
CA ARG A 27 0.00 -15.61 2.49
C ARG A 27 -1.52 -15.63 2.58
N GLU A 28 -2.12 -16.66 3.19
CA GLU A 28 -3.56 -16.68 3.44
C GLU A 28 -3.85 -15.91 4.73
N GLU A 29 -3.11 -16.17 5.80
CA GLU A 29 -3.38 -15.63 7.13
C GLU A 29 -3.45 -14.11 7.14
N ILE A 30 -2.61 -13.46 6.34
CA ILE A 30 -2.66 -12.02 6.06
C ILE A 30 -4.11 -11.61 5.81
N TRP A 31 -4.79 -12.24 4.86
CA TRP A 31 -6.13 -11.85 4.40
C TRP A 31 -7.24 -12.24 5.39
N TYR A 32 -6.98 -13.14 6.34
CA TYR A 32 -8.01 -13.80 7.14
C TYR A 32 -7.89 -13.47 8.64
N ASN A 33 -7.00 -12.54 8.99
CA ASN A 33 -6.78 -12.03 10.34
C ASN A 33 -6.65 -10.51 10.21
N ARG A 34 -7.76 -9.76 10.27
CA ARG A 34 -7.81 -8.36 9.85
C ARG A 34 -6.68 -7.50 10.44
N GLU A 35 -6.40 -7.64 11.73
CA GLU A 35 -5.37 -6.82 12.35
C GLU A 35 -3.97 -7.22 11.86
N ARG A 36 -3.78 -8.51 11.54
CA ARG A 36 -2.52 -9.02 11.03
C ARG A 36 -2.36 -8.68 9.55
N SER A 37 -3.44 -8.39 8.83
CA SER A 37 -3.29 -7.81 7.51
C SER A 37 -2.66 -6.43 7.69
N GLU A 38 -3.19 -5.61 8.60
CA GLU A 38 -2.85 -4.21 8.75
C GLU A 38 -1.35 -3.98 8.93
N GLU A 39 -0.64 -4.90 9.59
CA GLU A 39 0.79 -4.81 9.85
C GLU A 39 1.59 -4.71 8.54
N LEU A 40 1.10 -5.37 7.50
CA LEU A 40 1.65 -5.31 6.15
C LEU A 40 1.66 -3.85 5.70
N PHE A 41 0.48 -3.23 5.77
CA PHE A 41 0.25 -1.90 5.25
C PHE A 41 1.04 -0.87 6.06
N TRP A 42 1.14 -1.09 7.37
CA TRP A 42 2.00 -0.27 8.22
C TRP A 42 3.46 -0.28 7.74
N GLU A 43 3.99 -1.39 7.23
CA GLU A 43 5.37 -1.44 6.74
C GLU A 43 5.53 -0.61 5.46
N VAL A 44 4.58 -0.68 4.53
CA VAL A 44 4.72 0.01 3.26
C VAL A 44 4.49 1.51 3.41
N MET A 45 3.54 1.90 4.24
CA MET A 45 3.37 3.27 4.67
C MET A 45 4.64 3.75 5.39
N ASP A 46 5.24 2.94 6.26
CA ASP A 46 6.48 3.28 6.93
C ASP A 46 7.60 3.57 5.91
N GLU A 47 7.68 2.77 4.85
CA GLU A 47 8.60 2.92 3.73
C GLU A 47 8.41 4.27 2.98
N VAL A 48 7.35 5.02 3.30
CA VAL A 48 6.99 6.29 2.70
C VAL A 48 6.89 7.39 3.77
N HIS A 49 6.96 7.05 5.06
CA HIS A 49 6.54 7.94 6.15
C HIS A 49 7.26 9.28 6.20
N GLU A 50 8.50 9.38 5.73
CA GLU A 50 9.22 10.65 5.69
C GLU A 50 8.58 11.68 4.74
N GLU A 51 7.68 11.23 3.86
CA GLU A 51 6.90 12.04 2.95
C GLU A 51 5.42 11.97 3.37
N GLU A 52 4.93 10.77 3.74
CA GLU A 52 3.57 10.55 4.21
C GLU A 52 3.25 11.37 5.46
N GLU A 53 4.22 11.75 6.29
CA GLU A 53 3.99 12.61 7.44
C GLU A 53 3.35 13.96 7.06
N PHE A 54 3.52 14.41 5.81
CA PHE A 54 2.92 15.63 5.30
C PHE A 54 1.43 15.43 4.92
N ALA A 55 0.96 14.18 4.83
CA ALA A 55 -0.29 13.82 4.17
C ALA A 55 -1.09 12.75 4.91
N VAL A 56 -0.68 12.38 6.13
CA VAL A 56 -1.40 11.46 7.00
C VAL A 56 -2.58 12.18 7.67
N GLU A 57 -3.57 12.52 6.86
CA GLU A 57 -4.71 13.34 7.23
C GLU A 57 -5.90 13.06 6.30
N GLY A 58 -6.00 11.82 5.79
CA GLY A 58 -7.03 11.40 4.85
C GLY A 58 -7.11 9.87 4.78
N PRO A 59 -8.03 9.34 3.95
CA PRO A 59 -8.31 7.92 3.86
C PRO A 59 -7.18 7.13 3.19
N LEU A 60 -7.30 5.81 3.22
CA LEU A 60 -6.48 4.85 2.46
C LEU A 60 -7.42 3.81 1.88
N TRP A 61 -7.01 3.19 0.78
CA TRP A 61 -7.81 2.31 -0.05
C TRP A 61 -6.89 1.21 -0.55
N ILE A 62 -7.40 -0.02 -0.78
CA ILE A 62 -6.56 -1.18 -1.05
C ILE A 62 -7.14 -1.96 -2.24
N GLN A 63 -6.26 -2.52 -3.07
CA GLN A 63 -6.52 -3.55 -4.07
C GLN A 63 -5.36 -4.55 -4.02
N VAL A 64 -5.60 -5.82 -4.34
CA VAL A 64 -4.54 -6.84 -4.43
C VAL A 64 -4.82 -7.75 -5.63
N GLN A 65 -3.80 -8.43 -6.14
CA GLN A 65 -3.97 -9.65 -6.91
C GLN A 65 -2.82 -10.59 -6.53
N ALA A 66 -3.04 -11.89 -6.63
CA ALA A 66 -2.01 -12.90 -6.40
C ALA A 66 -1.43 -13.33 -7.75
N LEU A 67 -0.13 -13.61 -7.74
CA LEU A 67 0.74 -13.94 -8.86
C LEU A 67 1.39 -15.29 -8.56
N ASP A 68 2.36 -15.72 -9.38
CA ASP A 68 2.86 -17.10 -9.34
C ASP A 68 3.49 -17.47 -7.98
N LYS A 69 4.23 -16.55 -7.35
CA LYS A 69 4.92 -16.77 -6.05
C LYS A 69 4.84 -15.56 -5.13
N GLY A 70 3.82 -14.71 -5.28
CA GLY A 70 3.68 -13.50 -4.49
C GLY A 70 2.38 -12.79 -4.85
N LEU A 71 2.22 -11.55 -4.39
CA LEU A 71 1.06 -10.71 -4.66
C LEU A 71 1.53 -9.31 -5.02
N GLU A 72 0.83 -8.64 -5.92
CA GLU A 72 0.92 -7.20 -6.09
C GLU A 72 -0.24 -6.58 -5.33
N ILE A 73 0.07 -5.61 -4.49
CA ILE A 73 -0.88 -4.87 -3.69
C ILE A 73 -0.76 -3.42 -4.18
N ILE A 74 -1.88 -2.79 -4.52
CA ILE A 74 -1.97 -1.38 -4.87
C ILE A 74 -2.72 -0.73 -3.70
N VAL A 75 -2.34 0.48 -3.29
CA VAL A 75 -3.09 1.25 -2.32
C VAL A 75 -3.26 2.68 -2.81
N THR A 76 -4.46 3.24 -2.67
CA THR A 76 -4.93 4.41 -3.43
C THR A 76 -5.45 5.48 -2.48
N LYS A 77 -5.81 6.66 -3.01
CA LYS A 77 -6.51 7.72 -2.30
C LYS A 77 -7.72 8.20 -3.11
N ALA A 78 -8.45 9.16 -2.54
CA ALA A 78 -9.70 9.70 -3.07
C ALA A 78 -9.51 10.66 -4.27
N GLN A 79 -8.29 10.77 -4.81
CA GLN A 79 -7.98 11.64 -5.95
C GLN A 79 -8.82 11.24 -7.17
N LEU A 80 -9.24 12.24 -7.95
CA LEU A 80 -9.87 12.02 -9.26
C LEU A 80 -8.81 11.45 -10.21
N SER A 81 -9.22 10.60 -11.15
CA SER A 81 -8.35 9.93 -12.11
C SER A 81 -7.55 10.88 -13.02
N LYS A 82 -7.89 12.17 -13.10
CA LYS A 82 -7.06 13.17 -13.76
C LYS A 82 -5.64 13.18 -13.17
N ASP A 83 -5.49 12.91 -11.87
CA ASP A 83 -4.21 12.85 -11.16
C ASP A 83 -3.36 11.61 -11.55
N LEU A 84 -3.78 10.85 -12.55
CA LEU A 84 -3.14 9.64 -13.06
C LEU A 84 -3.13 9.69 -14.59
N ASP A 85 -4.21 10.17 -15.21
CA ASP A 85 -4.32 10.35 -16.65
C ASP A 85 -3.37 11.44 -17.17
N LYS A 86 -3.22 12.55 -16.44
CA LYS A 86 -2.29 13.62 -16.82
C LYS A 86 -0.86 13.11 -16.78
N LEU A 87 -0.05 13.54 -17.76
CA LEU A 87 1.39 13.26 -17.81
C LEU A 87 2.09 14.03 -16.69
N VAL A 88 3.34 13.65 -16.41
CA VAL A 88 4.22 14.29 -15.42
C VAL A 88 5.62 14.45 -16.05
N PRO A 89 6.48 15.34 -15.51
CA PRO A 89 7.84 15.53 -15.96
C PRO A 89 8.66 14.23 -15.99
N ARG A 90 9.70 14.22 -16.85
CA ARG A 90 10.68 13.14 -16.88
C ARG A 90 11.45 13.13 -15.55
N MET A 1 11.33 -7.23 -0.46
CA MET A 1 10.09 -6.84 -1.19
C MET A 1 10.37 -5.76 -2.24
N GLU A 2 9.34 -5.25 -2.92
CA GLU A 2 9.45 -4.39 -4.08
C GLU A 2 8.47 -3.24 -3.86
N ILE A 3 8.90 -1.97 -3.97
CA ILE A 3 8.11 -0.77 -3.68
C ILE A 3 8.14 0.14 -4.92
N GLU A 4 7.10 0.94 -5.13
CA GLU A 4 7.04 1.94 -6.19
C GLU A 4 6.24 3.17 -5.73
N ARG A 5 6.59 4.34 -6.27
CA ARG A 5 5.91 5.63 -6.06
C ARG A 5 5.26 6.00 -7.39
N ILE A 6 3.94 5.79 -7.51
CA ILE A 6 3.22 6.07 -8.75
C ILE A 6 3.16 7.58 -8.96
N ASN A 7 2.62 8.28 -7.96
CA ASN A 7 2.40 9.74 -7.97
C ASN A 7 2.27 10.24 -6.53
N GLU A 8 1.88 11.51 -6.34
CA GLU A 8 1.78 12.18 -5.04
C GLU A 8 0.86 11.47 -4.03
N HIS A 9 0.01 10.53 -4.47
CA HIS A 9 -1.02 9.91 -3.64
C HIS A 9 -0.90 8.39 -3.65
N THR A 10 -0.60 7.79 -4.80
CA THR A 10 -0.60 6.36 -4.96
C THR A 10 0.83 5.84 -4.86
N VAL A 11 0.97 4.71 -4.19
CA VAL A 11 2.16 3.87 -4.19
C VAL A 11 1.68 2.49 -4.63
N LYS A 12 2.60 1.63 -5.07
CA LYS A 12 2.32 0.20 -5.10
C LYS A 12 3.50 -0.56 -4.54
N PHE A 13 3.31 -1.84 -4.28
CA PHE A 13 4.38 -2.74 -3.90
C PHE A 13 4.09 -4.12 -4.46
N TYR A 14 5.07 -5.00 -4.38
CA TYR A 14 4.94 -6.40 -4.67
C TYR A 14 5.60 -7.13 -3.51
N MET A 15 4.99 -8.23 -3.09
CA MET A 15 5.33 -8.97 -1.90
C MET A 15 5.31 -10.45 -2.26
N SER A 16 6.46 -11.10 -2.22
CA SER A 16 6.52 -12.53 -2.45
C SER A 16 5.98 -13.26 -1.21
N TYR A 17 5.48 -14.48 -1.38
CA TYR A 17 5.02 -15.30 -0.27
C TYR A 17 6.08 -15.49 0.82
N GLY A 18 7.36 -15.51 0.45
CA GLY A 18 8.41 -15.69 1.45
C GLY A 18 8.92 -14.37 2.03
N ASP A 19 8.52 -13.20 1.50
CA ASP A 19 8.68 -11.95 2.26
C ASP A 19 7.75 -12.01 3.47
N ILE A 20 6.50 -12.40 3.19
CA ILE A 20 5.46 -12.58 4.18
C ILE A 20 5.94 -13.62 5.21
N GLU A 21 6.50 -14.74 4.76
CA GLU A 21 6.92 -15.80 5.66
C GLU A 21 8.11 -15.37 6.52
N ASP A 22 9.04 -14.59 5.96
CA ASP A 22 10.21 -14.08 6.68
C ASP A 22 9.78 -13.16 7.81
N ARG A 23 8.79 -12.32 7.51
CA ARG A 23 8.14 -11.42 8.46
C ARG A 23 7.27 -12.20 9.46
N GLY A 24 7.14 -13.52 9.29
CA GLY A 24 6.47 -14.42 10.22
C GLY A 24 4.96 -14.44 10.02
N PHE A 25 4.47 -13.79 8.97
CA PHE A 25 3.09 -13.93 8.51
C PHE A 25 3.00 -15.18 7.60
N ASP A 26 1.86 -15.40 6.94
CA ASP A 26 1.68 -16.46 5.94
C ASP A 26 0.72 -15.93 4.89
N ARG A 27 0.78 -16.39 3.63
CA ARG A 27 -0.11 -15.86 2.59
C ARG A 27 -1.59 -16.04 2.95
N GLU A 28 -1.94 -17.12 3.65
CA GLU A 28 -3.28 -17.32 4.16
C GLU A 28 -3.51 -16.45 5.40
N GLU A 29 -2.56 -16.47 6.33
CA GLU A 29 -2.71 -15.85 7.65
C GLU A 29 -2.88 -14.35 7.57
N ILE A 30 -2.24 -13.71 6.59
CA ILE A 30 -2.46 -12.31 6.24
C ILE A 30 -3.96 -12.07 6.10
N TRP A 31 -4.65 -12.82 5.24
CA TRP A 31 -6.04 -12.55 4.91
C TRP A 31 -6.99 -13.03 6.01
N TYR A 32 -6.63 -14.12 6.69
CA TYR A 32 -7.54 -14.86 7.55
C TYR A 32 -7.50 -14.34 9.00
N ASN A 33 -6.74 -13.27 9.27
CA ASN A 33 -6.58 -12.63 10.56
C ASN A 33 -6.59 -11.12 10.30
N ARG A 34 -7.78 -10.50 10.29
CA ARG A 34 -7.98 -9.14 9.77
C ARG A 34 -7.00 -8.11 10.34
N GLU A 35 -6.67 -8.20 11.63
CA GLU A 35 -5.76 -7.25 12.25
C GLU A 35 -4.31 -7.53 11.85
N ARG A 36 -3.96 -8.79 11.59
CA ARG A 36 -2.63 -9.18 11.17
C ARG A 36 -2.44 -8.94 9.67
N SER A 37 -3.51 -8.72 8.91
CA SER A 37 -3.36 -8.21 7.55
C SER A 37 -2.73 -6.82 7.64
N GLU A 38 -3.30 -5.95 8.46
CA GLU A 38 -3.03 -4.53 8.50
C GLU A 38 -1.55 -4.20 8.72
N GLU A 39 -0.82 -5.06 9.43
CA GLU A 39 0.58 -4.88 9.78
C GLU A 39 1.45 -4.73 8.53
N LEU A 40 1.13 -5.49 7.48
CA LEU A 40 1.82 -5.42 6.19
C LEU A 40 1.67 -4.01 5.62
N PHE A 41 0.45 -3.51 5.57
CA PHE A 41 0.13 -2.21 5.00
C PHE A 41 0.78 -1.09 5.82
N TRP A 42 0.78 -1.23 7.15
CA TRP A 42 1.51 -0.33 8.02
C TRP A 42 3.01 -0.35 7.73
N GLU A 43 3.61 -1.50 7.41
CA GLU A 43 5.04 -1.60 7.24
C GLU A 43 5.47 -0.97 5.90
N VAL A 44 4.66 -1.06 4.85
CA VAL A 44 4.97 -0.39 3.59
C VAL A 44 4.78 1.12 3.69
N MET A 45 3.70 1.56 4.33
CA MET A 45 3.47 2.96 4.63
C MET A 45 4.67 3.51 5.41
N ASP A 46 5.14 2.77 6.41
CA ASP A 46 6.31 3.16 7.18
C ASP A 46 7.54 3.31 6.30
N GLU A 47 7.76 2.36 5.39
CA GLU A 47 8.85 2.32 4.46
C GLU A 47 8.83 3.51 3.46
N VAL A 48 7.72 4.25 3.37
CA VAL A 48 7.59 5.43 2.52
C VAL A 48 7.24 6.68 3.32
N HIS A 49 7.16 6.58 4.66
CA HIS A 49 6.54 7.62 5.46
C HIS A 49 7.22 8.99 5.39
N GLU A 50 8.48 9.08 4.95
CA GLU A 50 9.14 10.36 4.72
C GLU A 50 8.43 11.18 3.63
N GLU A 51 7.67 10.53 2.74
CA GLU A 51 6.86 11.19 1.70
C GLU A 51 5.45 11.50 2.22
N GLU A 52 5.08 11.01 3.41
CA GLU A 52 3.69 10.90 3.87
C GLU A 52 3.46 11.62 5.19
N GLU A 53 4.49 11.94 5.97
CA GLU A 53 4.36 12.67 7.22
C GLU A 53 3.68 14.04 7.02
N PHE A 54 3.81 14.62 5.82
CA PHE A 54 3.17 15.89 5.43
C PHE A 54 1.71 15.71 4.98
N ALA A 55 1.23 14.48 4.83
CA ALA A 55 -0.02 14.15 4.14
C ALA A 55 -0.81 13.02 4.82
N VAL A 56 -0.41 12.56 6.01
CA VAL A 56 -1.15 11.57 6.77
C VAL A 56 -2.33 12.24 7.49
N GLU A 57 -3.32 12.64 6.68
CA GLU A 57 -4.46 13.45 7.07
C GLU A 57 -5.57 13.29 6.01
N GLY A 58 -5.72 12.07 5.47
CA GLY A 58 -6.61 11.75 4.36
C GLY A 58 -7.05 10.28 4.41
N PRO A 59 -7.76 9.81 3.37
CA PRO A 59 -8.26 8.45 3.29
C PRO A 59 -7.13 7.45 3.02
N LEU A 60 -7.46 6.16 2.92
CA LEU A 60 -6.53 5.07 2.60
C LEU A 60 -7.32 4.05 1.81
N TRP A 61 -6.76 3.52 0.73
CA TRP A 61 -7.44 2.66 -0.23
C TRP A 61 -6.48 1.58 -0.70
N ILE A 62 -6.98 0.39 -1.05
CA ILE A 62 -6.17 -0.78 -1.38
C ILE A 62 -6.70 -1.40 -2.67
N GLN A 63 -5.81 -1.97 -3.49
CA GLN A 63 -6.11 -2.93 -4.54
C GLN A 63 -5.02 -4.00 -4.51
N VAL A 64 -5.25 -5.08 -3.77
CA VAL A 64 -4.46 -6.32 -3.85
C VAL A 64 -4.72 -6.99 -5.20
N GLN A 65 -3.77 -7.78 -5.71
CA GLN A 65 -4.04 -8.88 -6.61
C GLN A 65 -2.96 -9.94 -6.38
N ALA A 66 -3.30 -11.20 -6.64
CA ALA A 66 -2.42 -12.34 -6.38
C ALA A 66 -1.81 -12.84 -7.69
N LEU A 67 -0.55 -13.26 -7.61
CA LEU A 67 0.34 -13.67 -8.68
C LEU A 67 0.95 -15.02 -8.32
N ASP A 68 1.82 -15.57 -9.18
CA ASP A 68 2.20 -16.99 -9.10
C ASP A 68 2.85 -17.40 -7.78
N LYS A 69 3.65 -16.52 -7.16
CA LYS A 69 4.33 -16.77 -5.87
C LYS A 69 4.35 -15.52 -4.98
N GLY A 70 3.39 -14.63 -5.12
CA GLY A 70 3.39 -13.36 -4.41
C GLY A 70 2.13 -12.56 -4.75
N LEU A 71 2.07 -11.30 -4.30
CA LEU A 71 0.96 -10.39 -4.55
C LEU A 71 1.52 -9.02 -4.89
N GLU A 72 0.92 -8.36 -5.87
CA GLU A 72 1.06 -6.92 -6.09
C GLU A 72 -0.05 -6.27 -5.30
N ILE A 73 0.22 -5.11 -4.70
CA ILE A 73 -0.76 -4.33 -4.00
C ILE A 73 -0.55 -2.88 -4.41
N ILE A 74 -1.56 -2.27 -5.03
CA ILE A 74 -1.61 -0.83 -5.27
C ILE A 74 -2.32 -0.25 -4.04
N VAL A 75 -1.94 0.97 -3.64
CA VAL A 75 -2.42 1.62 -2.43
C VAL A 75 -2.65 3.09 -2.81
N THR A 76 -3.88 3.59 -2.69
CA THR A 76 -4.29 4.83 -3.35
C THR A 76 -4.76 5.85 -2.31
N LYS A 77 -4.88 7.12 -2.71
CA LYS A 77 -5.36 8.24 -1.89
C LYS A 77 -5.99 9.29 -2.82
N ALA A 78 -6.72 10.24 -2.23
CA ALA A 78 -7.39 11.34 -2.90
C ALA A 78 -7.30 12.54 -1.95
N GLN A 79 -6.39 13.49 -2.24
CA GLN A 79 -6.05 14.59 -1.33
C GLN A 79 -5.82 15.87 -2.12
N LEU A 80 -5.71 17.01 -1.41
CA LEU A 80 -5.59 18.34 -2.00
C LEU A 80 -4.34 18.46 -2.88
N SER A 81 -3.29 17.71 -2.59
CA SER A 81 -1.99 17.74 -3.26
C SER A 81 -2.02 17.38 -4.76
N LYS A 82 -3.20 17.09 -5.33
CA LYS A 82 -3.45 17.14 -6.77
C LYS A 82 -2.99 18.49 -7.34
N ASP A 83 -3.05 19.55 -6.53
CA ASP A 83 -2.36 20.82 -6.78
C ASP A 83 -1.47 21.08 -5.57
N LEU A 84 -0.17 21.29 -5.81
CA LEU A 84 0.82 21.45 -4.74
C LEU A 84 1.97 22.35 -5.21
N ASP A 85 2.55 22.06 -6.38
CA ASP A 85 3.72 22.76 -6.93
C ASP A 85 3.68 22.84 -8.46
N LYS A 86 2.46 22.82 -8.99
CA LYS A 86 2.22 22.82 -10.44
C LYS A 86 2.70 24.13 -11.07
N LEU A 87 3.13 24.06 -12.33
CA LEU A 87 3.52 25.23 -13.11
C LEU A 87 2.29 26.11 -13.36
N VAL A 88 2.52 27.38 -13.66
CA VAL A 88 1.51 28.37 -14.01
C VAL A 88 2.03 29.24 -15.18
N PRO A 89 1.14 29.93 -15.91
CA PRO A 89 1.51 30.86 -16.97
C PRO A 89 2.52 31.94 -16.52
N ARG A 90 3.27 32.47 -17.49
CA ARG A 90 4.11 33.63 -17.30
C ARG A 90 3.24 34.82 -16.91
N MET A 1 11.05 -6.84 -0.11
CA MET A 1 9.84 -6.48 -0.93
C MET A 1 10.13 -5.36 -1.93
N GLU A 2 9.21 -5.10 -2.86
CA GLU A 2 9.45 -4.41 -4.13
C GLU A 2 8.50 -3.20 -4.19
N ILE A 3 8.83 -2.12 -3.47
CA ILE A 3 8.01 -0.90 -3.36
C ILE A 3 8.00 -0.13 -4.70
N GLU A 4 6.94 0.63 -4.97
CA GLU A 4 6.85 1.64 -6.01
C GLU A 4 6.10 2.87 -5.49
N ARG A 5 6.43 4.05 -6.00
CA ARG A 5 5.74 5.31 -5.77
C ARG A 5 5.03 5.65 -7.08
N ILE A 6 3.69 5.52 -7.15
CA ILE A 6 2.97 5.89 -8.36
C ILE A 6 2.96 7.41 -8.43
N ASN A 7 2.45 8.03 -7.37
CA ASN A 7 2.32 9.47 -7.18
C ASN A 7 2.09 9.73 -5.69
N GLU A 8 1.86 10.96 -5.26
CA GLU A 8 1.68 11.32 -3.86
C GLU A 8 0.52 10.57 -3.18
N HIS A 9 -0.45 10.11 -3.96
CA HIS A 9 -1.72 9.57 -3.45
C HIS A 9 -1.74 8.04 -3.49
N THR A 10 -0.97 7.43 -4.39
CA THR A 10 -0.98 5.99 -4.62
C THR A 10 0.45 5.48 -4.53
N VAL A 11 0.59 4.34 -3.87
CA VAL A 11 1.79 3.52 -3.87
C VAL A 11 1.33 2.14 -4.34
N LYS A 12 2.24 1.35 -4.90
CA LYS A 12 2.00 -0.08 -5.02
C LYS A 12 3.27 -0.78 -4.59
N PHE A 13 3.20 -2.09 -4.41
CA PHE A 13 4.37 -2.89 -4.16
C PHE A 13 4.08 -4.30 -4.63
N TYR A 14 5.13 -5.07 -4.86
CA TYR A 14 5.05 -6.49 -5.04
C TYR A 14 5.68 -7.14 -3.80
N MET A 15 5.12 -8.26 -3.37
CA MET A 15 5.49 -8.94 -2.15
C MET A 15 5.49 -10.43 -2.44
N SER A 16 6.67 -11.02 -2.50
CA SER A 16 6.80 -12.47 -2.60
C SER A 16 6.32 -13.09 -1.30
N TYR A 17 5.84 -14.34 -1.36
CA TYR A 17 5.39 -15.08 -0.18
C TYR A 17 6.46 -15.12 0.91
N GLY A 18 7.72 -15.27 0.52
CA GLY A 18 8.82 -15.36 1.49
C GLY A 18 9.00 -14.08 2.31
N ASP A 19 8.59 -12.91 1.80
CA ASP A 19 8.66 -11.67 2.58
C ASP A 19 7.64 -11.72 3.72
N ILE A 20 6.46 -12.28 3.44
CA ILE A 20 5.36 -12.44 4.38
C ILE A 20 5.75 -13.52 5.40
N GLU A 21 6.36 -14.61 4.95
CA GLU A 21 6.86 -15.71 5.78
C GLU A 21 7.93 -15.23 6.75
N ASP A 22 8.81 -14.33 6.29
CA ASP A 22 9.93 -13.81 7.09
C ASP A 22 9.42 -13.04 8.31
N ARG A 23 8.38 -12.24 8.06
CA ARG A 23 7.65 -11.51 9.08
C ARG A 23 6.85 -12.47 9.98
N GLY A 24 6.73 -13.74 9.61
CA GLY A 24 6.00 -14.75 10.34
C GLY A 24 4.48 -14.66 10.13
N PHE A 25 4.04 -13.88 9.14
CA PHE A 25 2.66 -13.91 8.65
C PHE A 25 2.56 -15.08 7.64
N ASP A 26 1.41 -15.23 6.98
CA ASP A 26 1.27 -16.18 5.86
C ASP A 26 0.47 -15.48 4.77
N ARG A 27 0.67 -15.88 3.52
CA ARG A 27 0.06 -15.27 2.34
C ARG A 27 -1.46 -15.30 2.36
N GLU A 28 -2.06 -16.27 3.04
CA GLU A 28 -3.50 -16.34 3.24
C GLU A 28 -3.84 -15.63 4.57
N GLU A 29 -3.07 -15.86 5.62
CA GLU A 29 -3.34 -15.36 6.96
C GLU A 29 -3.41 -13.84 7.00
N ILE A 30 -2.60 -13.18 6.17
CA ILE A 30 -2.67 -11.75 5.90
C ILE A 30 -4.14 -11.36 5.70
N TRP A 31 -4.83 -11.99 4.76
CA TRP A 31 -6.18 -11.59 4.36
C TRP A 31 -7.22 -12.00 5.39
N TYR A 32 -7.02 -13.14 6.05
CA TYR A 32 -8.04 -13.78 6.87
C TYR A 32 -7.95 -13.39 8.35
N ASN A 33 -7.09 -12.43 8.69
CA ASN A 33 -6.93 -11.85 10.01
C ASN A 33 -6.86 -10.34 9.78
N ARG A 34 -8.02 -9.66 9.80
CA ARG A 34 -8.14 -8.28 9.29
C ARG A 34 -7.12 -7.30 9.87
N GLU A 35 -6.81 -7.46 11.14
CA GLU A 35 -5.85 -6.61 11.84
C GLU A 35 -4.41 -6.98 11.46
N ARG A 36 -4.13 -8.26 11.18
CA ARG A 36 -2.83 -8.70 10.73
C ARG A 36 -2.61 -8.36 9.27
N SER A 37 -3.67 -8.12 8.49
CA SER A 37 -3.48 -7.54 7.17
C SER A 37 -2.84 -6.16 7.35
N GLU A 38 -3.42 -5.31 8.22
CA GLU A 38 -3.08 -3.91 8.35
C GLU A 38 -1.58 -3.67 8.59
N GLU A 39 -0.92 -4.57 9.33
CA GLU A 39 0.49 -4.47 9.65
C GLU A 39 1.36 -4.41 8.39
N LEU A 40 0.93 -5.13 7.34
CA LEU A 40 1.56 -5.11 6.02
C LEU A 40 1.57 -3.66 5.50
N PHE A 41 0.40 -3.05 5.47
CA PHE A 41 0.19 -1.72 4.91
C PHE A 41 0.95 -0.68 5.72
N TRP A 42 0.99 -0.84 7.05
CA TRP A 42 1.82 -0.02 7.89
C TRP A 42 3.32 -0.13 7.57
N GLU A 43 3.84 -1.31 7.21
CA GLU A 43 5.24 -1.47 6.86
C GLU A 43 5.56 -0.77 5.54
N VAL A 44 4.68 -0.82 4.54
CA VAL A 44 4.96 -0.18 3.27
C VAL A 44 4.86 1.34 3.36
N MET A 45 3.84 1.85 4.05
CA MET A 45 3.77 3.24 4.42
C MET A 45 5.05 3.67 5.11
N ASP A 46 5.52 2.89 6.09
CA ASP A 46 6.75 3.20 6.81
C ASP A 46 7.96 3.28 5.85
N GLU A 47 8.00 2.40 4.85
CA GLU A 47 9.01 2.38 3.81
C GLU A 47 9.01 3.68 2.96
N VAL A 48 7.97 4.51 3.07
CA VAL A 48 7.84 5.78 2.35
C VAL A 48 7.42 6.92 3.27
N HIS A 49 7.54 6.74 4.58
CA HIS A 49 6.97 7.67 5.53
C HIS A 49 7.59 9.07 5.41
N GLU A 50 8.82 9.17 4.90
CA GLU A 50 9.45 10.44 4.57
C GLU A 50 8.70 11.26 3.50
N GLU A 51 7.93 10.60 2.64
CA GLU A 51 7.03 11.26 1.69
C GLU A 51 5.64 11.41 2.34
N GLU A 52 5.15 10.34 2.98
CA GLU A 52 3.79 10.27 3.50
C GLU A 52 3.55 11.29 4.61
N GLU A 53 4.56 11.72 5.37
CA GLU A 53 4.40 12.78 6.36
C GLU A 53 3.95 14.12 5.73
N PHE A 54 3.97 14.24 4.39
CA PHE A 54 3.46 15.37 3.63
C PHE A 54 2.29 14.97 2.71
N ALA A 55 1.89 13.69 2.69
CA ALA A 55 1.00 13.15 1.66
C ALA A 55 0.00 12.10 2.15
N VAL A 56 -0.06 11.79 3.45
CA VAL A 56 -1.07 10.90 4.01
C VAL A 56 -2.39 11.67 4.24
N GLU A 57 -2.90 12.27 3.16
CA GLU A 57 -3.97 13.27 3.20
C GLU A 57 -5.37 12.62 3.27
N GLY A 58 -5.46 11.32 3.55
CA GLY A 58 -6.71 10.57 3.59
C GLY A 58 -6.48 9.18 4.20
N PRO A 59 -7.56 8.40 4.36
CA PRO A 59 -7.51 7.05 4.94
C PRO A 59 -6.84 6.07 3.98
N LEU A 60 -6.50 4.88 4.48
CA LEU A 60 -6.02 3.79 3.64
C LEU A 60 -7.18 3.26 2.79
N TRP A 61 -6.82 2.80 1.58
CA TRP A 61 -7.66 2.13 0.59
C TRP A 61 -6.71 1.16 -0.10
N ILE A 62 -7.13 -0.06 -0.47
CA ILE A 62 -6.20 -1.04 -1.04
C ILE A 62 -6.89 -1.86 -2.13
N GLN A 63 -6.11 -2.36 -3.09
CA GLN A 63 -6.50 -3.34 -4.11
C GLN A 63 -5.34 -4.34 -4.24
N VAL A 64 -5.58 -5.61 -4.56
CA VAL A 64 -4.52 -6.62 -4.61
C VAL A 64 -4.77 -7.56 -5.79
N GLN A 65 -3.73 -8.28 -6.24
CA GLN A 65 -3.88 -9.49 -7.03
C GLN A 65 -2.78 -10.44 -6.58
N ALA A 66 -3.03 -11.74 -6.70
CA ALA A 66 -2.07 -12.78 -6.36
C ALA A 66 -1.46 -13.31 -7.66
N LEU A 67 -0.16 -13.60 -7.60
CA LEU A 67 0.72 -13.98 -8.69
C LEU A 67 1.39 -15.32 -8.32
N ASP A 68 2.32 -15.80 -9.15
CA ASP A 68 2.80 -17.19 -9.05
C ASP A 68 3.44 -17.54 -7.71
N LYS A 69 4.20 -16.60 -7.09
CA LYS A 69 4.89 -16.81 -5.81
C LYS A 69 4.82 -15.55 -4.93
N GLY A 70 3.81 -14.72 -5.11
CA GLY A 70 3.70 -13.44 -4.41
C GLY A 70 2.40 -12.74 -4.77
N LEU A 71 2.25 -11.48 -4.35
CA LEU A 71 1.10 -10.64 -4.65
C LEU A 71 1.60 -9.25 -5.02
N GLU A 72 0.89 -8.57 -5.93
CA GLU A 72 0.99 -7.13 -6.09
C GLU A 72 -0.16 -6.50 -5.33
N ILE A 73 0.17 -5.53 -4.49
CA ILE A 73 -0.76 -4.78 -3.66
C ILE A 73 -0.65 -3.33 -4.14
N ILE A 74 -1.77 -2.70 -4.45
CA ILE A 74 -1.90 -1.26 -4.71
C ILE A 74 -2.54 -0.68 -3.43
N VAL A 75 -2.16 0.54 -3.06
CA VAL A 75 -2.67 1.23 -1.89
C VAL A 75 -2.89 2.70 -2.28
N THR A 76 -4.03 3.27 -1.91
CA THR A 76 -4.52 4.53 -2.46
C THR A 76 -4.99 5.47 -1.33
N LYS A 77 -5.39 6.70 -1.68
CA LYS A 77 -6.02 7.66 -0.79
C LYS A 77 -7.16 8.35 -1.55
N ALA A 78 -7.95 9.16 -0.83
CA ALA A 78 -9.03 9.98 -1.38
C ALA A 78 -8.47 11.02 -2.37
N GLN A 79 -9.37 11.82 -2.95
CA GLN A 79 -9.09 12.74 -4.05
C GLN A 79 -8.46 11.99 -5.24
N LEU A 80 -9.05 10.84 -5.56
CA LEU A 80 -8.67 9.94 -6.64
C LEU A 80 -9.97 9.38 -7.24
N SER A 81 -10.98 10.24 -7.37
CA SER A 81 -12.38 9.85 -7.22
C SER A 81 -13.27 10.44 -8.33
N LYS A 82 -12.68 10.84 -9.45
CA LYS A 82 -13.42 11.37 -10.62
C LYS A 82 -14.46 10.34 -11.10
N ASP A 83 -14.14 9.06 -10.98
CA ASP A 83 -15.07 7.95 -11.05
C ASP A 83 -14.63 6.97 -9.96
N LEU A 84 -15.56 6.60 -9.07
CA LEU A 84 -15.29 5.85 -7.85
C LEU A 84 -16.25 4.66 -7.73
N ASP A 85 -17.46 4.78 -8.30
CA ASP A 85 -18.35 3.64 -8.53
C ASP A 85 -17.75 2.64 -9.52
N LYS A 86 -16.78 3.10 -10.34
CA LYS A 86 -16.27 2.43 -11.52
C LYS A 86 -17.42 2.05 -12.45
N LEU A 87 -18.22 3.07 -12.78
CA LEU A 87 -19.34 2.96 -13.71
C LEU A 87 -18.91 2.45 -15.08
N VAL A 88 -19.87 1.92 -15.85
CA VAL A 88 -19.68 1.45 -17.22
C VAL A 88 -20.89 1.91 -18.06
N PRO A 89 -20.75 1.94 -19.41
CA PRO A 89 -21.84 2.26 -20.33
C PRO A 89 -23.08 1.38 -20.13
N ARG A 90 -24.23 1.89 -20.56
CA ARG A 90 -25.53 1.23 -20.54
C ARG A 90 -26.26 1.58 -21.82
N MET A 1 10.76 -7.71 -2.05
CA MET A 1 9.59 -6.81 -1.94
C MET A 1 9.92 -5.47 -2.62
N GLU A 2 8.97 -4.94 -3.37
CA GLU A 2 9.22 -4.18 -4.60
C GLU A 2 8.23 -3.00 -4.60
N ILE A 3 8.54 -1.95 -3.82
CA ILE A 3 7.69 -0.74 -3.70
C ILE A 3 7.69 0.02 -5.05
N GLU A 4 6.64 0.79 -5.34
CA GLU A 4 6.52 1.69 -6.46
C GLU A 4 5.76 2.97 -6.06
N ARG A 5 6.04 4.08 -6.74
CA ARG A 5 5.40 5.38 -6.56
C ARG A 5 4.64 5.69 -7.85
N ILE A 6 3.36 5.30 -7.92
CA ILE A 6 2.53 5.51 -9.11
C ILE A 6 2.46 7.01 -9.42
N ASN A 7 2.08 7.75 -8.38
CA ASN A 7 2.03 9.20 -8.30
C ASN A 7 2.25 9.55 -6.83
N GLU A 8 2.03 10.79 -6.41
CA GLU A 8 2.37 11.21 -5.05
C GLU A 8 1.37 10.74 -3.98
N HIS A 9 0.37 9.94 -4.37
CA HIS A 9 -0.76 9.57 -3.52
C HIS A 9 -0.99 8.06 -3.55
N THR A 10 -1.16 7.45 -4.73
CA THR A 10 -1.19 6.02 -4.90
C THR A 10 0.25 5.49 -4.83
N VAL A 11 0.42 4.37 -4.15
CA VAL A 11 1.61 3.55 -4.20
C VAL A 11 1.15 2.14 -4.56
N LYS A 12 2.06 1.32 -5.06
CA LYS A 12 1.82 -0.12 -5.05
C LYS A 12 3.09 -0.77 -4.55
N PHE A 13 3.02 -2.06 -4.24
CA PHE A 13 4.18 -2.84 -3.95
C PHE A 13 3.91 -4.26 -4.40
N TYR A 14 4.92 -4.92 -4.94
CA TYR A 14 4.88 -6.35 -5.13
C TYR A 14 5.55 -6.98 -3.91
N MET A 15 4.97 -8.06 -3.40
CA MET A 15 5.38 -8.72 -2.18
C MET A 15 5.49 -10.20 -2.48
N SER A 16 6.68 -10.76 -2.38
CA SER A 16 6.87 -12.20 -2.60
C SER A 16 6.37 -12.95 -1.36
N TYR A 17 5.95 -14.21 -1.52
CA TYR A 17 5.50 -15.02 -0.38
C TYR A 17 6.56 -15.13 0.71
N GLY A 18 7.84 -15.26 0.32
CA GLY A 18 8.92 -15.38 1.28
C GLY A 18 9.13 -14.09 2.08
N ASP A 19 8.75 -12.93 1.54
CA ASP A 19 8.83 -11.65 2.28
C ASP A 19 7.78 -11.61 3.39
N ILE A 20 6.65 -12.31 3.19
CA ILE A 20 5.56 -12.41 4.16
C ILE A 20 5.97 -13.44 5.23
N GLU A 21 6.56 -14.56 4.80
CA GLU A 21 7.11 -15.60 5.68
C GLU A 21 8.21 -15.02 6.59
N ASP A 22 9.05 -14.14 6.05
CA ASP A 22 10.16 -13.53 6.76
C ASP A 22 9.67 -12.67 7.92
N ARG A 23 8.64 -11.87 7.63
CA ARG A 23 7.91 -11.08 8.63
C ARG A 23 7.10 -11.99 9.57
N GLY A 24 7.03 -13.29 9.30
CA GLY A 24 6.36 -14.27 10.14
C GLY A 24 4.83 -14.25 9.98
N PHE A 25 4.33 -13.58 8.94
CA PHE A 25 2.94 -13.71 8.51
C PHE A 25 2.84 -14.91 7.56
N ASP A 26 1.67 -15.14 6.95
CA ASP A 26 1.49 -16.19 5.94
C ASP A 26 0.61 -15.61 4.83
N ARG A 27 0.79 -16.08 3.60
CA ARG A 27 0.19 -15.45 2.42
C ARG A 27 -1.33 -15.46 2.44
N GLU A 28 -1.95 -16.48 3.04
CA GLU A 28 -3.40 -16.51 3.23
C GLU A 28 -3.74 -15.77 4.51
N GLU A 29 -2.99 -16.00 5.59
CA GLU A 29 -3.29 -15.50 6.92
C GLU A 29 -3.42 -13.98 6.97
N ILE A 30 -2.60 -13.31 6.16
CA ILE A 30 -2.70 -11.86 5.89
C ILE A 30 -4.16 -11.46 5.65
N TRP A 31 -4.86 -12.17 4.77
CA TRP A 31 -6.22 -11.83 4.34
C TRP A 31 -7.29 -12.30 5.33
N TYR A 32 -6.95 -13.15 6.31
CA TYR A 32 -7.93 -13.88 7.13
C TYR A 32 -7.75 -13.63 8.63
N ASN A 33 -6.87 -12.69 9.01
CA ASN A 33 -6.69 -12.20 10.37
C ASN A 33 -6.85 -10.69 10.32
N ARG A 34 -8.04 -10.19 10.69
CA ARG A 34 -8.54 -8.84 10.40
C ARG A 34 -7.69 -7.69 10.96
N GLU A 35 -6.79 -8.01 11.87
CA GLU A 35 -5.87 -7.09 12.50
C GLU A 35 -4.42 -7.36 12.09
N ARG A 36 -4.06 -8.61 11.78
CA ARG A 36 -2.71 -8.93 11.32
C ARG A 36 -2.54 -8.60 9.84
N SER A 37 -3.64 -8.38 9.12
CA SER A 37 -3.65 -7.75 7.83
C SER A 37 -2.90 -6.41 7.91
N GLU A 38 -3.35 -5.53 8.81
CA GLU A 38 -2.98 -4.13 8.89
C GLU A 38 -1.46 -3.93 9.04
N GLU A 39 -0.77 -4.86 9.69
CA GLU A 39 0.66 -4.78 9.96
C GLU A 39 1.47 -4.69 8.67
N LEU A 40 0.99 -5.38 7.62
CA LEU A 40 1.58 -5.32 6.28
C LEU A 40 1.55 -3.87 5.81
N PHE A 41 0.38 -3.24 5.89
CA PHE A 41 0.15 -1.90 5.38
C PHE A 41 0.96 -0.90 6.18
N TRP A 42 1.06 -1.10 7.50
CA TRP A 42 1.97 -0.33 8.33
C TRP A 42 3.42 -0.46 7.88
N GLU A 43 3.88 -1.64 7.41
CA GLU A 43 5.24 -1.85 6.93
C GLU A 43 5.51 -1.04 5.67
N VAL A 44 4.56 -0.92 4.75
CA VAL A 44 4.76 -0.21 3.50
C VAL A 44 4.59 1.30 3.64
N MET A 45 3.61 1.72 4.43
CA MET A 45 3.50 3.09 4.90
C MET A 45 4.82 3.50 5.56
N ASP A 46 5.38 2.67 6.44
CA ASP A 46 6.66 2.95 7.09
C ASP A 46 7.77 3.17 6.07
N GLU A 47 7.81 2.35 5.01
CA GLU A 47 8.77 2.43 3.93
C GLU A 47 8.73 3.77 3.19
N VAL A 48 7.68 4.57 3.37
CA VAL A 48 7.48 5.85 2.68
C VAL A 48 7.15 6.99 3.66
N HIS A 49 7.16 6.72 4.97
CA HIS A 49 6.50 7.61 5.91
C HIS A 49 7.13 9.02 5.99
N GLU A 50 8.40 9.17 5.63
CA GLU A 50 9.08 10.47 5.56
C GLU A 50 8.40 11.41 4.53
N GLU A 51 7.57 10.86 3.64
CA GLU A 51 6.82 11.60 2.62
C GLU A 51 5.30 11.54 2.89
N GLU A 52 4.89 10.93 4.00
CA GLU A 52 3.50 10.79 4.43
C GLU A 52 3.23 11.54 5.73
N GLU A 53 4.26 11.84 6.53
CA GLU A 53 4.11 12.49 7.83
C GLU A 53 3.44 13.88 7.78
N PHE A 54 3.35 14.49 6.59
CA PHE A 54 2.69 15.77 6.33
C PHE A 54 1.44 15.61 5.46
N ALA A 55 1.01 14.37 5.16
CA ALA A 55 -0.13 14.06 4.31
C ALA A 55 -1.02 12.94 4.89
N VAL A 56 -0.67 12.38 6.05
CA VAL A 56 -1.49 11.42 6.77
C VAL A 56 -2.62 12.17 7.51
N GLU A 57 -3.60 12.62 6.72
CA GLU A 57 -4.72 13.43 7.16
C GLU A 57 -5.91 13.21 6.21
N GLY A 58 -6.03 11.99 5.67
CA GLY A 58 -7.05 11.59 4.71
C GLY A 58 -7.18 10.08 4.64
N PRO A 59 -8.05 9.57 3.76
CA PRO A 59 -8.37 8.14 3.66
C PRO A 59 -7.21 7.34 3.05
N LEU A 60 -7.35 6.01 3.10
CA LEU A 60 -6.49 5.04 2.43
C LEU A 60 -7.39 3.94 1.88
N TRP A 61 -6.95 3.30 0.80
CA TRP A 61 -7.75 2.39 -0.01
C TRP A 61 -6.83 1.28 -0.48
N ILE A 62 -7.35 0.07 -0.70
CA ILE A 62 -6.55 -1.10 -1.00
C ILE A 62 -7.19 -1.86 -2.18
N GLN A 63 -6.36 -2.47 -3.03
CA GLN A 63 -6.73 -3.69 -3.76
C GLN A 63 -5.49 -4.59 -3.90
N VAL A 64 -5.66 -5.84 -4.36
CA VAL A 64 -4.57 -6.79 -4.46
C VAL A 64 -4.76 -7.72 -5.68
N GLN A 65 -3.67 -8.35 -6.12
CA GLN A 65 -3.60 -9.45 -7.07
C GLN A 65 -2.73 -10.50 -6.40
N ALA A 66 -3.02 -11.78 -6.63
CA ALA A 66 -2.14 -12.87 -6.26
C ALA A 66 -1.56 -13.45 -7.55
N LEU A 67 -0.24 -13.63 -7.56
CA LEU A 67 0.61 -13.97 -8.71
C LEU A 67 1.31 -15.32 -8.41
N ASP A 68 2.28 -15.70 -9.24
CA ASP A 68 2.85 -17.06 -9.20
C ASP A 68 3.53 -17.38 -7.86
N LYS A 69 4.29 -16.43 -7.29
CA LYS A 69 5.07 -16.61 -6.05
C LYS A 69 5.01 -15.37 -5.14
N GLY A 70 3.97 -14.55 -5.28
CA GLY A 70 3.82 -13.32 -4.52
C GLY A 70 2.49 -12.66 -4.87
N LEU A 71 2.30 -11.42 -4.44
CA LEU A 71 1.10 -10.62 -4.65
C LEU A 71 1.51 -9.22 -5.07
N GLU A 72 0.73 -8.56 -5.92
CA GLU A 72 0.85 -7.12 -6.12
C GLU A 72 -0.27 -6.46 -5.32
N ILE A 73 0.08 -5.57 -4.39
CA ILE A 73 -0.87 -4.85 -3.58
C ILE A 73 -0.81 -3.40 -4.05
N ILE A 74 -1.94 -2.81 -4.40
CA ILE A 74 -2.06 -1.43 -4.83
C ILE A 74 -2.79 -0.71 -3.68
N VAL A 75 -2.40 0.53 -3.39
CA VAL A 75 -2.84 1.28 -2.23
C VAL A 75 -3.13 2.70 -2.72
N THR A 76 -4.38 3.15 -2.67
CA THR A 76 -4.85 4.33 -3.41
C THR A 76 -5.31 5.43 -2.44
N LYS A 77 -5.59 6.63 -2.96
CA LYS A 77 -6.23 7.73 -2.25
C LYS A 77 -7.30 8.35 -3.13
N ALA A 78 -8.02 9.31 -2.55
CA ALA A 78 -8.94 10.17 -3.29
C ALA A 78 -8.14 10.98 -4.32
N GLN A 79 -8.82 11.40 -5.41
CA GLN A 79 -8.22 12.30 -6.40
C GLN A 79 -7.86 13.62 -5.72
N LEU A 80 -6.72 14.20 -6.08
CA LEU A 80 -6.25 15.48 -5.54
C LEU A 80 -5.49 16.19 -6.65
N SER A 81 -5.83 17.46 -6.87
CA SER A 81 -5.44 18.24 -8.05
C SER A 81 -3.95 18.58 -8.15
N LYS A 82 -3.11 18.24 -7.15
CA LYS A 82 -1.66 18.33 -7.30
C LYS A 82 -1.21 17.52 -8.52
N ASP A 83 -1.77 16.32 -8.70
CA ASP A 83 -1.46 15.42 -9.83
C ASP A 83 -2.25 15.82 -11.09
N LEU A 84 -2.46 17.12 -11.27
CA LEU A 84 -3.15 17.75 -12.39
C LEU A 84 -2.46 19.09 -12.65
N ASP A 85 -2.22 19.86 -11.59
CA ASP A 85 -1.43 21.09 -11.61
C ASP A 85 0.01 20.81 -12.03
N LYS A 86 0.64 19.78 -11.46
CA LYS A 86 1.94 19.31 -11.91
C LYS A 86 1.77 18.60 -13.27
N LEU A 87 2.71 18.85 -14.18
CA LEU A 87 2.69 18.39 -15.56
C LEU A 87 4.11 18.17 -16.09
N VAL A 88 4.23 17.58 -17.27
CA VAL A 88 5.49 17.38 -17.98
C VAL A 88 5.28 17.74 -19.47
N PRO A 89 6.36 18.03 -20.22
CA PRO A 89 6.32 18.26 -21.66
C PRO A 89 5.68 17.11 -22.44
N ARG A 90 5.22 17.41 -23.66
CA ARG A 90 4.66 16.47 -24.62
C ARG A 90 5.22 16.82 -25.99
N MET A 1 11.10 -6.90 -0.92
CA MET A 1 9.81 -6.40 -1.48
C MET A 1 10.03 -5.20 -2.40
N GLU A 2 9.08 -4.93 -3.28
CA GLU A 2 9.32 -4.30 -4.59
C GLU A 2 8.39 -3.10 -4.70
N ILE A 3 8.70 -2.00 -3.99
CA ILE A 3 7.90 -0.78 -3.92
C ILE A 3 7.92 -0.04 -5.27
N GLU A 4 6.87 0.72 -5.57
CA GLU A 4 6.75 1.62 -6.70
C GLU A 4 6.03 2.91 -6.28
N ARG A 5 6.31 4.03 -6.96
CA ARG A 5 5.70 5.34 -6.78
C ARG A 5 5.02 5.69 -8.10
N ILE A 6 3.73 5.33 -8.24
CA ILE A 6 2.97 5.60 -9.47
C ILE A 6 2.93 7.11 -9.68
N ASN A 7 2.50 7.81 -8.64
CA ASN A 7 2.45 9.27 -8.53
C ASN A 7 2.45 9.59 -7.02
N GLU A 8 2.14 10.82 -6.61
CA GLU A 8 2.26 11.22 -5.20
C GLU A 8 1.08 10.76 -4.32
N HIS A 9 0.12 10.03 -4.89
CA HIS A 9 -1.16 9.69 -4.27
C HIS A 9 -1.46 8.19 -4.34
N THR A 10 -0.95 7.52 -5.37
CA THR A 10 -0.97 6.08 -5.54
C THR A 10 0.46 5.59 -5.41
N VAL A 11 0.63 4.54 -4.62
CA VAL A 11 1.81 3.70 -4.59
C VAL A 11 1.35 2.29 -4.89
N LYS A 12 2.24 1.42 -5.32
CA LYS A 12 1.99 0.00 -5.26
C LYS A 12 3.27 -0.68 -4.83
N PHE A 13 3.20 -1.96 -4.55
CA PHE A 13 4.36 -2.78 -4.34
C PHE A 13 4.03 -4.19 -4.79
N TYR A 14 5.06 -5.02 -4.85
CA TYR A 14 4.93 -6.45 -5.00
C TYR A 14 5.66 -7.07 -3.81
N MET A 15 5.12 -8.18 -3.31
CA MET A 15 5.57 -8.86 -2.11
C MET A 15 5.56 -10.36 -2.42
N SER A 16 6.72 -11.00 -2.42
CA SER A 16 6.78 -12.43 -2.65
C SER A 16 6.28 -13.14 -1.39
N TYR A 17 5.84 -14.39 -1.51
CA TYR A 17 5.49 -15.23 -0.36
C TYR A 17 6.62 -15.28 0.67
N GLY A 18 7.88 -15.36 0.21
CA GLY A 18 9.01 -15.44 1.11
C GLY A 18 9.24 -14.16 1.91
N ASP A 19 8.80 -13.00 1.41
CA ASP A 19 8.84 -11.73 2.17
C ASP A 19 7.86 -11.79 3.34
N ILE A 20 6.74 -12.47 3.15
CA ILE A 20 5.68 -12.62 4.14
C ILE A 20 6.13 -13.67 5.16
N GLU A 21 6.73 -14.77 4.69
CA GLU A 21 7.33 -15.83 5.52
C GLU A 21 8.42 -15.27 6.42
N ASP A 22 9.24 -14.36 5.90
CA ASP A 22 10.38 -13.76 6.63
C ASP A 22 9.90 -12.98 7.84
N ARG A 23 8.82 -12.22 7.65
CA ARG A 23 8.12 -11.49 8.70
C ARG A 23 7.36 -12.44 9.62
N GLY A 24 7.29 -13.73 9.28
CA GLY A 24 6.61 -14.76 10.06
C GLY A 24 5.09 -14.72 9.90
N PHE A 25 4.59 -13.98 8.90
CA PHE A 25 3.20 -14.07 8.45
C PHE A 25 3.10 -15.27 7.49
N ASP A 26 1.93 -15.48 6.87
CA ASP A 26 1.70 -16.54 5.89
C ASP A 26 0.84 -15.95 4.78
N ARG A 27 1.00 -16.38 3.53
CA ARG A 27 0.14 -15.91 2.45
C ARG A 27 -1.34 -16.13 2.79
N GLU A 28 -1.68 -17.24 3.43
CA GLU A 28 -3.07 -17.53 3.79
C GLU A 28 -3.45 -16.66 5.00
N GLU A 29 -2.59 -16.59 6.00
CA GLU A 29 -2.89 -15.91 7.26
C GLU A 29 -3.16 -14.43 7.04
N ILE A 30 -2.43 -13.82 6.12
CA ILE A 30 -2.69 -12.46 5.66
C ILE A 30 -4.13 -12.34 5.15
N TRP A 31 -4.63 -13.29 4.34
CA TRP A 31 -6.00 -13.24 3.85
C TRP A 31 -7.05 -13.45 4.95
N TYR A 32 -6.70 -14.10 6.07
CA TYR A 32 -7.67 -14.70 6.99
C TYR A 32 -7.61 -14.14 8.42
N ASN A 33 -6.77 -13.14 8.69
CA ASN A 33 -6.59 -12.52 10.00
C ASN A 33 -6.51 -11.02 9.76
N ARG A 34 -7.65 -10.33 9.65
CA ARG A 34 -7.73 -8.95 9.15
C ARG A 34 -6.72 -8.00 9.80
N GLU A 35 -6.53 -8.10 11.12
CA GLU A 35 -5.61 -7.21 11.82
C GLU A 35 -4.16 -7.56 11.53
N ARG A 36 -3.85 -8.85 11.29
CA ARG A 36 -2.53 -9.28 10.87
C ARG A 36 -2.30 -8.98 9.39
N SER A 37 -3.35 -8.80 8.59
CA SER A 37 -3.16 -8.25 7.27
C SER A 37 -2.60 -6.84 7.43
N GLU A 38 -3.26 -6.00 8.25
CA GLU A 38 -3.02 -4.57 8.35
C GLU A 38 -1.56 -4.22 8.65
N GLU A 39 -0.84 -5.06 9.39
CA GLU A 39 0.55 -4.84 9.78
C GLU A 39 1.45 -4.62 8.56
N LEU A 40 1.18 -5.36 7.47
CA LEU A 40 1.89 -5.23 6.21
C LEU A 40 1.73 -3.82 5.66
N PHE A 41 0.49 -3.35 5.59
CA PHE A 41 0.16 -2.05 5.03
C PHE A 41 0.77 -0.94 5.89
N TRP A 42 0.76 -1.13 7.21
CA TRP A 42 1.47 -0.25 8.12
C TRP A 42 2.97 -0.24 7.84
N GLU A 43 3.60 -1.33 7.43
CA GLU A 43 5.03 -1.34 7.18
C GLU A 43 5.37 -0.55 5.91
N VAL A 44 4.58 -0.67 4.85
CA VAL A 44 4.87 0.04 3.62
C VAL A 44 4.63 1.54 3.78
N MET A 45 3.55 1.91 4.46
CA MET A 45 3.31 3.28 4.87
C MET A 45 4.47 3.79 5.75
N ASP A 46 4.97 2.99 6.67
CA ASP A 46 6.11 3.36 7.50
C ASP A 46 7.37 3.60 6.67
N GLU A 47 7.61 2.75 5.67
CA GLU A 47 8.68 2.87 4.69
C GLU A 47 8.53 4.14 3.83
N VAL A 48 7.37 4.79 3.86
CA VAL A 48 7.06 6.03 3.15
C VAL A 48 6.95 7.20 4.15
N HIS A 49 7.03 6.96 5.47
CA HIS A 49 6.55 7.91 6.48
C HIS A 49 7.17 9.31 6.38
N GLU A 50 8.43 9.44 5.93
CA GLU A 50 9.08 10.74 5.79
C GLU A 50 8.39 11.64 4.73
N GLU A 51 7.54 11.06 3.88
CA GLU A 51 6.70 11.74 2.91
C GLU A 51 5.22 11.58 3.28
N GLU A 52 4.83 10.41 3.81
CA GLU A 52 3.48 10.13 4.28
C GLU A 52 3.07 11.10 5.41
N GLU A 53 4.01 11.63 6.19
CA GLU A 53 3.73 12.65 7.19
C GLU A 53 3.05 13.90 6.60
N PHE A 54 3.25 14.18 5.30
CA PHE A 54 2.63 15.30 4.61
C PHE A 54 1.21 14.98 4.13
N ALA A 55 0.78 13.71 4.21
CA ALA A 55 -0.45 13.21 3.61
C ALA A 55 -1.25 12.30 4.55
N VAL A 56 -0.88 12.21 5.83
CA VAL A 56 -1.64 11.55 6.87
C VAL A 56 -2.67 12.55 7.43
N GLU A 57 -3.56 12.99 6.54
CA GLU A 57 -4.52 14.05 6.81
C GLU A 57 -5.73 13.90 5.86
N GLY A 58 -6.04 12.64 5.52
CA GLY A 58 -7.03 12.25 4.53
C GLY A 58 -7.19 10.73 4.56
N PRO A 59 -8.02 10.18 3.66
CA PRO A 59 -8.32 8.75 3.61
C PRO A 59 -7.12 7.93 3.12
N LEU A 60 -7.27 6.61 3.18
CA LEU A 60 -6.37 5.62 2.59
C LEU A 60 -7.24 4.55 1.96
N TRP A 61 -6.75 3.92 0.90
CA TRP A 61 -7.50 3.03 0.03
C TRP A 61 -6.57 1.90 -0.39
N ILE A 62 -7.11 0.71 -0.63
CA ILE A 62 -6.33 -0.50 -0.89
C ILE A 62 -6.94 -1.22 -2.10
N GLN A 63 -6.10 -1.85 -2.92
CA GLN A 63 -6.48 -2.88 -3.90
C GLN A 63 -5.35 -3.92 -3.93
N VAL A 64 -5.63 -5.18 -4.24
CA VAL A 64 -4.67 -6.28 -4.00
C VAL A 64 -4.78 -7.32 -5.11
N GLN A 65 -3.74 -8.13 -5.31
CA GLN A 65 -3.76 -9.29 -6.17
C GLN A 65 -3.06 -10.44 -5.45
N ALA A 66 -3.45 -11.68 -5.77
CA ALA A 66 -2.62 -12.85 -5.53
C ALA A 66 -2.06 -13.28 -6.89
N LEU A 67 -0.76 -13.55 -6.92
CA LEU A 67 0.01 -13.95 -8.09
C LEU A 67 0.69 -15.29 -7.77
N ASP A 68 1.42 -15.87 -8.74
CA ASP A 68 1.87 -17.26 -8.67
C ASP A 68 2.75 -17.57 -7.46
N LYS A 69 3.56 -16.59 -7.00
CA LYS A 69 4.47 -16.74 -5.85
C LYS A 69 4.51 -15.49 -4.96
N GLY A 70 3.48 -14.64 -5.00
CA GLY A 70 3.49 -13.37 -4.30
C GLY A 70 2.17 -12.63 -4.46
N LEU A 71 2.13 -11.36 -4.07
CA LEU A 71 0.99 -10.45 -4.16
C LEU A 71 1.51 -9.14 -4.74
N GLU A 72 0.77 -8.52 -5.65
CA GLU A 72 0.88 -7.08 -5.91
C GLU A 72 -0.16 -6.42 -5.06
N ILE A 73 0.16 -5.24 -4.55
CA ILE A 73 -0.68 -4.54 -3.60
C ILE A 73 -0.58 -3.06 -3.96
N ILE A 74 -1.72 -2.46 -4.26
CA ILE A 74 -1.89 -1.07 -4.69
C ILE A 74 -2.50 -0.34 -3.49
N VAL A 75 -2.09 0.91 -3.25
CA VAL A 75 -2.53 1.70 -2.12
C VAL A 75 -2.74 3.12 -2.66
N THR A 76 -3.90 3.75 -2.40
CA THR A 76 -4.32 4.93 -3.14
C THR A 76 -4.85 6.02 -2.20
N LYS A 77 -5.05 7.23 -2.74
CA LYS A 77 -5.75 8.34 -2.12
C LYS A 77 -6.67 8.99 -3.13
N ALA A 78 -7.53 9.86 -2.61
CA ALA A 78 -8.31 10.79 -3.42
C ALA A 78 -7.33 11.71 -4.17
N GLN A 79 -7.61 11.96 -5.45
CA GLN A 79 -6.75 12.73 -6.35
C GLN A 79 -7.61 13.24 -7.51
N LEU A 80 -7.12 14.29 -8.20
CA LEU A 80 -7.87 15.00 -9.24
C LEU A 80 -6.88 15.43 -10.33
N SER A 81 -6.17 14.45 -10.89
CA SER A 81 -5.10 14.61 -11.88
C SER A 81 -5.61 15.03 -13.28
N LYS A 82 -6.65 15.87 -13.36
CA LYS A 82 -7.15 16.42 -14.62
C LYS A 82 -6.07 17.31 -15.24
N ASP A 83 -5.43 18.14 -14.41
CA ASP A 83 -4.21 18.86 -14.79
C ASP A 83 -3.06 17.86 -14.76
N LEU A 84 -2.57 17.46 -15.93
CA LEU A 84 -1.50 16.47 -16.07
C LEU A 84 -0.80 16.59 -17.43
N ASP A 85 -1.57 16.83 -18.51
CA ASP A 85 -1.03 16.87 -19.87
C ASP A 85 -0.14 18.09 -20.13
N LYS A 86 -0.36 19.20 -19.41
CA LYS A 86 0.38 20.43 -19.59
C LYS A 86 1.88 20.23 -19.30
N LEU A 87 2.73 20.97 -20.02
CA LEU A 87 4.16 20.99 -19.79
C LEU A 87 4.46 21.61 -18.42
N VAL A 88 5.63 21.31 -17.87
CA VAL A 88 6.15 21.85 -16.61
C VAL A 88 7.64 22.19 -16.79
N PRO A 89 8.22 23.03 -15.92
CA PRO A 89 9.65 23.36 -15.93
C PRO A 89 10.56 22.12 -15.89
N ARG A 90 11.79 22.30 -16.36
CA ARG A 90 12.85 21.28 -16.39
C ARG A 90 14.16 21.98 -16.05
N MET A 1 11.16 -7.16 -0.02
CA MET A 1 9.96 -6.85 -0.85
C MET A 1 10.27 -5.73 -1.86
N GLU A 2 9.27 -5.27 -2.62
CA GLU A 2 9.44 -4.39 -3.78
C GLU A 2 8.43 -3.26 -3.63
N ILE A 3 8.85 -1.98 -3.72
CA ILE A 3 8.01 -0.80 -3.47
C ILE A 3 8.07 0.09 -4.73
N GLU A 4 7.01 0.86 -5.01
CA GLU A 4 6.95 1.78 -6.15
C GLU A 4 6.09 3.00 -5.83
N ARG A 5 6.62 4.20 -6.08
CA ARG A 5 5.88 5.46 -6.00
C ARG A 5 5.23 5.71 -7.36
N ILE A 6 3.90 5.62 -7.45
CA ILE A 6 3.18 5.89 -8.70
C ILE A 6 3.17 7.40 -8.94
N ASN A 7 2.60 8.13 -7.97
CA ASN A 7 2.44 9.60 -8.01
C ASN A 7 2.29 10.10 -6.58
N GLU A 8 2.01 11.39 -6.38
CA GLU A 8 1.95 12.06 -5.07
C GLU A 8 0.98 11.41 -4.06
N HIS A 9 0.07 10.54 -4.52
CA HIS A 9 -1.00 9.96 -3.71
C HIS A 9 -0.91 8.43 -3.68
N THR A 10 -0.70 7.80 -4.83
CA THR A 10 -0.73 6.35 -4.96
C THR A 10 0.68 5.80 -4.85
N VAL A 11 0.80 4.64 -4.21
CA VAL A 11 1.99 3.80 -4.23
C VAL A 11 1.53 2.41 -4.66
N LYS A 12 2.45 1.56 -5.07
CA LYS A 12 2.20 0.13 -5.11
C LYS A 12 3.39 -0.60 -4.51
N PHE A 13 3.23 -1.89 -4.26
CA PHE A 13 4.31 -2.77 -3.84
C PHE A 13 4.05 -4.16 -4.41
N TYR A 14 5.07 -5.01 -4.35
CA TYR A 14 4.97 -6.40 -4.66
C TYR A 14 5.66 -7.14 -3.53
N MET A 15 5.13 -8.29 -3.17
CA MET A 15 5.49 -9.03 -1.98
C MET A 15 5.46 -10.50 -2.36
N SER A 16 6.63 -11.13 -2.37
CA SER A 16 6.71 -12.57 -2.62
C SER A 16 6.16 -13.29 -1.40
N TYR A 17 5.69 -14.52 -1.57
CA TYR A 17 5.19 -15.32 -0.45
C TYR A 17 6.24 -15.46 0.65
N GLY A 18 7.52 -15.65 0.31
CA GLY A 18 8.52 -15.81 1.34
C GLY A 18 8.94 -14.51 2.01
N ASP A 19 8.59 -13.33 1.46
CA ASP A 19 8.70 -12.07 2.20
C ASP A 19 7.72 -12.07 3.38
N ILE A 20 6.57 -12.72 3.21
CA ILE A 20 5.53 -12.84 4.22
C ILE A 20 5.97 -13.93 5.22
N GLU A 21 6.54 -15.03 4.75
CA GLU A 21 7.09 -16.08 5.61
C GLU A 21 8.23 -15.53 6.50
N ASP A 22 9.06 -14.62 5.97
CA ASP A 22 10.22 -14.08 6.69
C ASP A 22 9.78 -13.27 7.91
N ARG A 23 8.73 -12.48 7.70
CA ARG A 23 8.04 -11.71 8.74
C ARG A 23 7.27 -12.63 9.69
N GLY A 24 7.17 -13.93 9.39
CA GLY A 24 6.49 -14.92 10.20
C GLY A 24 4.97 -14.85 10.08
N PHE A 25 4.45 -14.12 9.09
CA PHE A 25 3.06 -14.21 8.67
C PHE A 25 2.95 -15.40 7.70
N ASP A 26 1.79 -15.57 7.06
CA ASP A 26 1.58 -16.57 6.01
C ASP A 26 0.74 -15.93 4.93
N ARG A 27 0.93 -16.32 3.67
CA ARG A 27 0.20 -15.71 2.56
C ARG A 27 -1.31 -15.84 2.72
N GLU A 28 -1.79 -16.91 3.36
CA GLU A 28 -3.21 -17.04 3.66
C GLU A 28 -3.53 -16.28 4.94
N GLU A 29 -2.72 -16.43 5.99
CA GLU A 29 -2.99 -15.87 7.33
C GLU A 29 -3.19 -14.36 7.29
N ILE A 30 -2.44 -13.68 6.42
CA ILE A 30 -2.62 -12.26 6.10
C ILE A 30 -4.10 -11.94 5.87
N TRP A 31 -4.79 -12.74 5.04
CA TRP A 31 -6.17 -12.49 4.66
C TRP A 31 -7.19 -12.96 5.70
N TYR A 32 -6.79 -13.76 6.70
CA TYR A 32 -7.71 -14.50 7.57
C TYR A 32 -7.52 -14.15 9.06
N ASN A 33 -6.74 -13.10 9.36
CA ASN A 33 -6.51 -12.59 10.70
C ASN A 33 -6.67 -11.07 10.62
N ARG A 34 -7.84 -10.58 11.01
CA ARG A 34 -8.34 -9.22 10.73
C ARG A 34 -7.48 -8.06 11.21
N GLU A 35 -6.55 -8.36 12.10
CA GLU A 35 -5.61 -7.43 12.68
C GLU A 35 -4.18 -7.72 12.22
N ARG A 36 -3.82 -8.98 11.93
CA ARG A 36 -2.49 -9.32 11.43
C ARG A 36 -2.38 -9.00 9.93
N SER A 37 -3.50 -8.80 9.25
CA SER A 37 -3.55 -8.19 7.95
C SER A 37 -2.82 -6.84 7.98
N GLU A 38 -3.31 -5.93 8.82
CA GLU A 38 -3.01 -4.52 8.81
C GLU A 38 -1.50 -4.25 8.98
N GLU A 39 -0.77 -5.13 9.67
CA GLU A 39 0.64 -4.99 9.97
C GLU A 39 1.46 -4.84 8.68
N LEU A 40 1.07 -5.58 7.63
CA LEU A 40 1.72 -5.50 6.33
C LEU A 40 1.62 -4.07 5.81
N PHE A 41 0.40 -3.56 5.73
CA PHE A 41 0.08 -2.26 5.17
C PHE A 41 0.73 -1.14 6.00
N TRP A 42 0.80 -1.33 7.31
CA TRP A 42 1.54 -0.42 8.17
C TRP A 42 3.04 -0.43 7.86
N GLU A 43 3.67 -1.56 7.54
CA GLU A 43 5.09 -1.59 7.28
C GLU A 43 5.40 -0.85 5.99
N VAL A 44 4.64 -1.08 4.92
CA VAL A 44 4.89 -0.40 3.66
C VAL A 44 4.68 1.10 3.81
N MET A 45 3.59 1.51 4.45
CA MET A 45 3.31 2.91 4.68
C MET A 45 4.41 3.52 5.54
N ASP A 46 4.95 2.79 6.53
CA ASP A 46 6.05 3.27 7.35
C ASP A 46 7.32 3.47 6.52
N GLU A 47 7.62 2.54 5.61
CA GLU A 47 8.71 2.61 4.68
C GLU A 47 8.54 3.82 3.76
N VAL A 48 7.32 4.08 3.29
CA VAL A 48 6.97 5.23 2.46
C VAL A 48 6.93 6.52 3.30
N HIS A 49 6.87 6.47 4.64
CA HIS A 49 6.37 7.58 5.44
C HIS A 49 7.11 8.91 5.25
N GLU A 50 8.39 8.90 4.86
CA GLU A 50 9.13 10.13 4.57
C GLU A 50 8.47 10.96 3.46
N GLU A 51 7.66 10.34 2.60
CA GLU A 51 6.94 10.97 1.49
C GLU A 51 5.49 11.33 1.91
N GLU A 52 5.08 11.01 3.13
CA GLU A 52 3.67 10.93 3.54
C GLU A 52 3.41 11.63 4.88
N GLU A 53 4.44 11.89 5.69
CA GLU A 53 4.31 12.52 7.01
C GLU A 53 3.66 13.92 6.96
N PHE A 54 3.62 14.55 5.78
CA PHE A 54 3.00 15.86 5.53
C PHE A 54 1.68 15.73 4.76
N ALA A 55 1.23 14.50 4.48
CA ALA A 55 0.04 14.21 3.66
C ALA A 55 -0.77 13.04 4.25
N VAL A 56 -0.58 12.73 5.54
CA VAL A 56 -1.36 11.73 6.27
C VAL A 56 -2.53 12.45 6.94
N GLU A 57 -3.50 12.83 6.12
CA GLU A 57 -4.62 13.67 6.51
C GLU A 57 -5.84 13.38 5.60
N GLY A 58 -5.95 12.13 5.15
CA GLY A 58 -7.00 11.66 4.25
C GLY A 58 -7.08 10.14 4.27
N PRO A 59 -7.99 9.56 3.47
CA PRO A 59 -8.25 8.13 3.45
C PRO A 59 -7.10 7.34 2.81
N LEU A 60 -7.18 6.01 2.93
CA LEU A 60 -6.31 5.04 2.26
C LEU A 60 -7.20 3.91 1.72
N TRP A 61 -6.70 3.25 0.69
CA TRP A 61 -7.47 2.39 -0.20
C TRP A 61 -6.53 1.31 -0.71
N ILE A 62 -7.02 0.09 -0.96
CA ILE A 62 -6.18 -1.07 -1.25
C ILE A 62 -6.74 -1.77 -2.50
N GLN A 63 -5.83 -2.26 -3.36
CA GLN A 63 -6.12 -3.18 -4.46
C GLN A 63 -5.01 -4.24 -4.45
N VAL A 64 -5.21 -5.31 -3.69
CA VAL A 64 -4.39 -6.53 -3.79
C VAL A 64 -4.65 -7.19 -5.15
N GLN A 65 -3.69 -7.96 -5.67
CA GLN A 65 -3.94 -9.06 -6.59
C GLN A 65 -2.84 -10.09 -6.37
N ALA A 66 -3.14 -11.36 -6.64
CA ALA A 66 -2.23 -12.47 -6.40
C ALA A 66 -1.64 -12.96 -7.74
N LEU A 67 -0.37 -13.34 -7.69
CA LEU A 67 0.50 -13.69 -8.80
C LEU A 67 1.15 -15.04 -8.49
N ASP A 68 2.06 -15.51 -9.36
CA ASP A 68 2.49 -16.91 -9.34
C ASP A 68 3.11 -17.36 -8.01
N LYS A 69 3.91 -16.50 -7.36
CA LYS A 69 4.57 -16.79 -6.07
C LYS A 69 4.59 -15.55 -5.15
N GLY A 70 3.63 -14.66 -5.30
CA GLY A 70 3.59 -13.40 -4.54
C GLY A 70 2.32 -12.63 -4.85
N LEU A 71 2.23 -11.40 -4.35
CA LEU A 71 1.11 -10.50 -4.58
C LEU A 71 1.63 -9.11 -4.90
N GLU A 72 1.01 -8.43 -5.85
CA GLU A 72 1.12 -7.00 -6.02
C GLU A 72 0.00 -6.39 -5.20
N ILE A 73 0.23 -5.22 -4.62
CA ILE A 73 -0.78 -4.44 -3.96
C ILE A 73 -0.60 -3.00 -4.41
N ILE A 74 -1.63 -2.40 -4.99
CA ILE A 74 -1.70 -0.98 -5.29
C ILE A 74 -2.42 -0.36 -4.07
N VAL A 75 -2.06 0.87 -3.70
CA VAL A 75 -2.52 1.52 -2.49
C VAL A 75 -2.80 2.99 -2.87
N THR A 76 -4.04 3.46 -2.73
CA THR A 76 -4.51 4.66 -3.45
C THR A 76 -5.06 5.71 -2.47
N LYS A 77 -5.42 6.89 -2.98
CA LYS A 77 -6.22 7.90 -2.32
C LYS A 77 -7.27 8.46 -3.27
N ALA A 78 -8.15 9.30 -2.73
CA ALA A 78 -9.00 10.18 -3.52
C ALA A 78 -8.10 11.23 -4.18
N GLN A 79 -8.50 11.71 -5.37
CA GLN A 79 -7.76 12.70 -6.16
C GLN A 79 -8.73 13.77 -6.68
N LEU A 80 -9.77 14.09 -5.88
CA LEU A 80 -10.96 14.86 -6.28
C LEU A 80 -11.51 14.30 -7.60
N SER A 81 -11.59 12.97 -7.68
CA SER A 81 -11.56 12.24 -8.94
C SER A 81 -12.81 12.42 -9.82
N LYS A 82 -13.87 13.07 -9.32
CA LYS A 82 -14.96 13.53 -10.20
C LYS A 82 -14.39 14.43 -11.30
N ASP A 83 -13.41 15.27 -10.99
CA ASP A 83 -12.73 16.16 -11.93
C ASP A 83 -11.77 15.40 -12.89
N LEU A 84 -11.74 14.06 -12.81
CA LEU A 84 -10.88 13.19 -13.60
C LEU A 84 -11.76 12.21 -14.39
N ASP A 85 -12.86 11.75 -13.81
CA ASP A 85 -13.91 11.01 -14.51
C ASP A 85 -14.61 11.91 -15.53
N LYS A 86 -14.92 13.16 -15.15
CA LYS A 86 -15.41 14.16 -16.09
C LYS A 86 -14.25 14.70 -16.92
N LEU A 87 -14.58 15.24 -18.10
CA LEU A 87 -13.61 15.57 -19.14
C LEU A 87 -14.13 16.76 -19.95
N VAL A 88 -13.21 17.48 -20.61
CA VAL A 88 -13.51 18.63 -21.46
C VAL A 88 -12.65 18.55 -22.73
N PRO A 89 -13.00 19.28 -23.81
CA PRO A 89 -12.23 19.37 -25.03
C PRO A 89 -10.78 19.82 -24.80
N ARG A 90 -9.90 19.47 -25.76
CA ARG A 90 -8.52 19.93 -25.80
C ARG A 90 -8.51 21.45 -25.91
N MET A 1 11.36 -7.43 -0.23
CA MET A 1 10.14 -7.02 -0.99
C MET A 1 10.47 -5.97 -2.07
N GLU A 2 9.46 -5.45 -2.78
CA GLU A 2 9.59 -4.60 -3.96
C GLU A 2 8.60 -3.44 -3.80
N ILE A 3 9.02 -2.18 -3.97
CA ILE A 3 8.22 -0.97 -3.72
C ILE A 3 8.13 -0.15 -5.01
N GLU A 4 7.06 0.63 -5.19
CA GLU A 4 6.91 1.62 -6.24
C GLU A 4 6.15 2.85 -5.72
N ARG A 5 6.46 4.03 -6.28
CA ARG A 5 5.79 5.31 -6.03
C ARG A 5 5.07 5.68 -7.32
N ILE A 6 3.75 5.48 -7.38
CA ILE A 6 2.98 5.81 -8.58
C ILE A 6 2.92 7.33 -8.70
N ASN A 7 2.43 7.96 -7.63
CA ASN A 7 2.26 9.41 -7.49
C ASN A 7 2.10 9.72 -6.00
N GLU A 8 1.74 10.96 -5.63
CA GLU A 8 1.59 11.36 -4.22
C GLU A 8 0.48 10.56 -3.50
N HIS A 9 -0.44 9.94 -4.25
CA HIS A 9 -1.70 9.45 -3.73
C HIS A 9 -1.73 7.92 -3.68
N THR A 10 -1.01 7.28 -4.58
CA THR A 10 -0.94 5.83 -4.71
C THR A 10 0.51 5.41 -4.60
N VAL A 11 0.74 4.32 -3.88
CA VAL A 11 1.96 3.54 -3.96
C VAL A 11 1.53 2.11 -4.25
N LYS A 12 2.41 1.30 -4.80
CA LYS A 12 2.17 -0.14 -4.86
C LYS A 12 3.45 -0.84 -4.46
N PHE A 13 3.34 -2.13 -4.20
CA PHE A 13 4.46 -2.96 -3.82
C PHE A 13 4.15 -4.38 -4.26
N TYR A 14 5.17 -5.23 -4.23
CA TYR A 14 5.05 -6.63 -4.54
C TYR A 14 5.70 -7.39 -3.40
N MET A 15 5.05 -8.46 -2.98
CA MET A 15 5.33 -9.18 -1.76
C MET A 15 5.35 -10.66 -2.12
N SER A 16 6.54 -11.24 -2.17
CA SER A 16 6.67 -12.67 -2.41
C SER A 16 6.11 -13.43 -1.20
N TYR A 17 5.70 -14.69 -1.38
CA TYR A 17 5.29 -15.53 -0.27
C TYR A 17 6.39 -15.64 0.78
N GLY A 18 7.65 -15.69 0.36
CA GLY A 18 8.79 -15.73 1.27
C GLY A 18 8.93 -14.45 2.09
N ASP A 19 8.55 -13.29 1.55
CA ASP A 19 8.60 -12.03 2.30
C ASP A 19 7.58 -12.04 3.44
N ILE A 20 6.39 -12.58 3.16
CA ILE A 20 5.29 -12.71 4.11
C ILE A 20 5.69 -13.69 5.22
N GLU A 21 6.19 -14.86 4.82
CA GLU A 21 6.66 -15.91 5.68
C GLU A 21 7.79 -15.44 6.57
N ASP A 22 8.69 -14.60 6.04
CA ASP A 22 9.85 -14.18 6.79
C ASP A 22 9.44 -13.35 8.00
N ARG A 23 8.45 -12.50 7.76
CA ARG A 23 7.79 -11.68 8.78
C ARG A 23 6.92 -12.53 9.71
N GLY A 24 6.73 -13.81 9.41
CA GLY A 24 5.97 -14.76 10.20
C GLY A 24 4.47 -14.67 9.97
N PHE A 25 4.04 -13.92 8.94
CA PHE A 25 2.67 -13.95 8.45
C PHE A 25 2.53 -15.13 7.48
N ASP A 26 1.36 -15.35 6.87
CA ASP A 26 1.16 -16.39 5.86
C ASP A 26 0.29 -15.83 4.74
N ARG A 27 0.43 -16.32 3.51
CA ARG A 27 -0.15 -15.66 2.34
C ARG A 27 -1.67 -15.59 2.37
N GLU A 28 -2.32 -16.58 2.98
CA GLU A 28 -3.77 -16.56 3.18
C GLU A 28 -4.07 -15.81 4.48
N GLU A 29 -3.30 -16.06 5.54
CA GLU A 29 -3.56 -15.55 6.88
C GLU A 29 -3.56 -14.04 6.92
N ILE A 30 -2.71 -13.41 6.11
CA ILE A 30 -2.74 -11.98 5.82
C ILE A 30 -4.19 -11.53 5.63
N TRP A 31 -4.91 -12.13 4.69
CA TRP A 31 -6.25 -11.70 4.32
C TRP A 31 -7.27 -12.06 5.39
N TYR A 32 -7.14 -13.23 6.00
CA TYR A 32 -8.15 -13.81 6.88
C TYR A 32 -7.97 -13.38 8.34
N ASN A 33 -7.01 -12.50 8.63
CA ASN A 33 -6.78 -11.86 9.91
C ASN A 33 -6.63 -10.37 9.59
N ARG A 34 -7.74 -9.63 9.47
CA ARG A 34 -7.74 -8.26 8.93
C ARG A 34 -6.73 -7.36 9.62
N GLU A 35 -6.59 -7.44 10.93
CA GLU A 35 -5.64 -6.61 11.65
C GLU A 35 -4.19 -7.00 11.34
N ARG A 36 -3.93 -8.27 11.00
CA ARG A 36 -2.62 -8.73 10.59
C ARG A 36 -2.36 -8.44 9.11
N SER A 37 -3.40 -8.17 8.32
CA SER A 37 -3.23 -7.53 7.01
C SER A 37 -2.65 -6.12 7.21
N GLU A 38 -3.21 -5.34 8.15
CA GLU A 38 -2.89 -3.94 8.34
C GLU A 38 -1.39 -3.66 8.51
N GLU A 39 -0.68 -4.60 9.12
CA GLU A 39 0.72 -4.51 9.46
C GLU A 39 1.58 -4.51 8.19
N LEU A 40 1.12 -5.22 7.14
CA LEU A 40 1.81 -5.28 5.87
C LEU A 40 1.85 -3.84 5.34
N PHE A 41 0.68 -3.19 5.39
CA PHE A 41 0.45 -1.88 4.83
C PHE A 41 1.22 -0.83 5.63
N TRP A 42 1.19 -0.94 6.95
CA TRP A 42 1.96 -0.04 7.81
C TRP A 42 3.44 -0.06 7.44
N GLU A 43 4.03 -1.20 7.11
CA GLU A 43 5.44 -1.26 6.77
C GLU A 43 5.74 -0.50 5.47
N VAL A 44 4.87 -0.57 4.46
CA VAL A 44 5.15 0.03 3.17
C VAL A 44 4.93 1.54 3.20
N MET A 45 3.88 1.99 3.87
CA MET A 45 3.70 3.38 4.19
C MET A 45 4.93 3.88 4.92
N ASP A 46 5.40 3.16 5.94
CA ASP A 46 6.57 3.55 6.71
C ASP A 46 7.83 3.68 5.83
N GLU A 47 7.99 2.79 4.85
CA GLU A 47 9.07 2.79 3.88
C GLU A 47 9.15 4.10 3.08
N VAL A 48 8.10 4.92 3.10
CA VAL A 48 7.96 6.14 2.30
C VAL A 48 7.41 7.29 3.13
N HIS A 49 7.35 7.13 4.46
CA HIS A 49 6.48 7.95 5.29
C HIS A 49 6.76 9.46 5.22
N GLU A 50 7.97 9.86 4.83
CA GLU A 50 8.33 11.26 4.61
C GLU A 50 7.42 11.92 3.56
N GLU A 51 6.91 11.13 2.62
CA GLU A 51 6.00 11.55 1.55
C GLU A 51 4.52 11.44 1.99
N GLU A 52 4.24 11.05 3.23
CA GLU A 52 2.94 10.54 3.65
C GLU A 52 2.44 11.16 4.94
N GLU A 53 3.34 11.63 5.81
CA GLU A 53 3.01 12.18 7.13
C GLU A 53 2.00 13.35 7.07
N PHE A 54 1.92 14.04 5.91
CA PHE A 54 1.01 15.16 5.67
C PHE A 54 -0.29 14.71 4.97
N ALA A 55 -0.49 13.40 4.77
CA ALA A 55 -1.63 12.85 4.04
C ALA A 55 -2.30 11.69 4.78
N VAL A 56 -1.61 10.95 5.66
CA VAL A 56 -2.22 9.87 6.45
C VAL A 56 -3.14 10.38 7.57
N GLU A 57 -3.28 11.70 7.68
CA GLU A 57 -4.42 12.38 8.30
C GLU A 57 -5.77 12.00 7.68
N GLY A 58 -5.76 11.45 6.47
CA GLY A 58 -6.94 11.02 5.72
C GLY A 58 -7.07 9.50 5.70
N PRO A 59 -8.05 8.97 4.92
CA PRO A 59 -8.32 7.55 4.83
C PRO A 59 -7.18 6.79 4.12
N LEU A 60 -7.26 5.46 4.14
CA LEU A 60 -6.35 4.55 3.45
C LEU A 60 -7.18 3.43 2.82
N TRP A 61 -6.68 2.87 1.73
CA TRP A 61 -7.42 2.03 0.79
C TRP A 61 -6.45 0.99 0.24
N ILE A 62 -6.92 -0.23 -0.03
CA ILE A 62 -6.07 -1.35 -0.45
C ILE A 62 -6.75 -2.04 -1.65
N GLN A 63 -5.95 -2.46 -2.63
CA GLN A 63 -6.32 -3.36 -3.73
C GLN A 63 -5.16 -4.35 -3.92
N VAL A 64 -5.37 -5.51 -4.55
CA VAL A 64 -4.36 -6.59 -4.58
C VAL A 64 -4.43 -7.37 -5.90
N GLN A 65 -3.38 -8.12 -6.23
CA GLN A 65 -3.36 -9.23 -7.20
C GLN A 65 -2.64 -10.38 -6.51
N ALA A 66 -2.99 -11.62 -6.82
CA ALA A 66 -2.20 -12.78 -6.42
C ALA A 66 -1.55 -13.34 -7.70
N LEU A 67 -0.25 -13.55 -7.62
CA LEU A 67 0.66 -13.89 -8.71
C LEU A 67 1.28 -15.26 -8.41
N ASP A 68 2.23 -15.73 -9.24
CA ASP A 68 2.66 -17.13 -9.22
C ASP A 68 3.33 -17.54 -7.89
N LYS A 69 4.08 -16.62 -7.25
CA LYS A 69 4.80 -16.89 -5.98
C LYS A 69 4.76 -15.68 -5.04
N GLY A 70 3.77 -14.80 -5.18
CA GLY A 70 3.67 -13.58 -4.42
C GLY A 70 2.39 -12.84 -4.77
N LEU A 71 2.24 -11.61 -4.28
CA LEU A 71 1.09 -10.76 -4.52
C LEU A 71 1.60 -9.35 -4.82
N GLU A 72 0.94 -8.64 -5.75
CA GLU A 72 1.08 -7.19 -5.81
C GLU A 72 -0.01 -6.62 -4.92
N ILE A 73 0.30 -5.56 -4.19
CA ILE A 73 -0.65 -4.85 -3.37
C ILE A 73 -0.51 -3.38 -3.79
N ILE A 74 -1.63 -2.72 -4.05
CA ILE A 74 -1.73 -1.31 -4.41
C ILE A 74 -2.43 -0.66 -3.21
N VAL A 75 -2.01 0.53 -2.78
CA VAL A 75 -2.70 1.27 -1.72
C VAL A 75 -2.85 2.74 -2.12
N THR A 76 -3.99 3.34 -1.78
CA THR A 76 -4.49 4.55 -2.44
C THR A 76 -5.01 5.55 -1.38
N LYS A 77 -5.33 6.79 -1.80
CA LYS A 77 -6.06 7.78 -0.99
C LYS A 77 -7.09 8.48 -1.87
N ALA A 78 -8.15 9.01 -1.24
CA ALA A 78 -9.34 9.49 -1.94
C ALA A 78 -9.08 10.74 -2.80
N GLN A 79 -8.06 11.54 -2.47
CA GLN A 79 -7.75 12.77 -3.20
C GLN A 79 -7.32 12.46 -4.64
N LEU A 80 -6.65 11.32 -4.87
CA LEU A 80 -6.34 10.71 -6.17
C LEU A 80 -6.06 11.71 -7.31
N SER A 81 -5.23 12.71 -7.02
CA SER A 81 -4.82 13.78 -7.95
C SER A 81 -5.98 14.58 -8.58
N LYS A 82 -7.17 14.55 -7.97
CA LYS A 82 -8.28 15.46 -8.32
C LYS A 82 -7.81 16.89 -8.09
N ASP A 83 -7.13 17.14 -6.97
CA ASP A 83 -6.50 18.42 -6.61
C ASP A 83 -5.16 18.63 -7.36
N LEU A 84 -5.10 18.15 -8.61
CA LEU A 84 -3.96 18.26 -9.52
C LEU A 84 -4.54 18.43 -10.93
N ASP A 85 -5.53 17.61 -11.28
CA ASP A 85 -6.33 17.78 -12.49
C ASP A 85 -7.07 19.12 -12.46
N LYS A 86 -7.69 19.46 -11.32
CA LYS A 86 -8.16 20.81 -11.05
C LYS A 86 -6.94 21.66 -10.72
N LEU A 87 -6.90 22.86 -11.30
CA LEU A 87 -5.80 23.82 -11.12
C LEU A 87 -5.78 24.34 -9.68
N VAL A 88 -4.62 24.86 -9.26
CA VAL A 88 -4.38 25.40 -7.92
C VAL A 88 -3.59 26.71 -8.06
N PRO A 89 -3.60 27.61 -7.06
CA PRO A 89 -2.94 28.89 -7.14
C PRO A 89 -1.42 28.74 -6.95
N ARG A 90 -0.67 29.79 -7.31
CA ARG A 90 0.76 29.88 -7.03
C ARG A 90 0.97 29.89 -5.51
N MET A 1 11.08 -7.21 0.31
CA MET A 1 9.93 -6.89 -0.59
C MET A 1 10.29 -5.80 -1.62
N GLU A 2 9.34 -5.37 -2.45
CA GLU A 2 9.56 -4.50 -3.60
C GLU A 2 8.56 -3.35 -3.51
N ILE A 3 8.99 -2.09 -3.57
CA ILE A 3 8.15 -0.90 -3.29
C ILE A 3 8.15 0.00 -4.54
N GLU A 4 7.07 0.75 -4.76
CA GLU A 4 6.97 1.77 -5.80
C GLU A 4 6.08 2.92 -5.30
N ARG A 5 6.33 4.14 -5.78
CA ARG A 5 5.60 5.35 -5.42
C ARG A 5 5.10 5.97 -6.72
N ILE A 6 3.82 5.74 -7.04
CA ILE A 6 3.27 6.05 -8.36
C ILE A 6 3.16 7.56 -8.52
N ASN A 7 2.45 8.19 -7.58
CA ASN A 7 2.22 9.63 -7.50
C ASN A 7 1.90 9.98 -6.04
N GLU A 8 1.43 11.20 -5.77
CA GLU A 8 1.18 11.67 -4.40
C GLU A 8 0.11 10.84 -3.67
N HIS A 9 -0.70 10.06 -4.39
CA HIS A 9 -1.92 9.44 -3.87
C HIS A 9 -1.78 7.93 -3.93
N THR A 10 -1.46 7.35 -5.09
CA THR A 10 -1.26 5.92 -5.26
C THR A 10 0.19 5.57 -4.92
N VAL A 11 0.37 4.45 -4.21
CA VAL A 11 1.64 3.76 -4.04
C VAL A 11 1.35 2.30 -4.32
N LYS A 12 2.35 1.48 -4.66
CA LYS A 12 2.15 0.05 -4.72
C LYS A 12 3.39 -0.68 -4.26
N PHE A 13 3.29 -1.98 -4.08
CA PHE A 13 4.39 -2.83 -3.74
C PHE A 13 4.10 -4.22 -4.28
N TYR A 14 5.13 -5.07 -4.27
CA TYR A 14 5.04 -6.46 -4.63
C TYR A 14 5.69 -7.23 -3.48
N MET A 15 5.09 -8.37 -3.14
CA MET A 15 5.41 -9.11 -1.94
C MET A 15 5.38 -10.59 -2.27
N SER A 16 6.57 -11.18 -2.34
CA SER A 16 6.72 -12.61 -2.53
C SER A 16 6.18 -13.33 -1.29
N TYR A 17 5.67 -14.55 -1.45
CA TYR A 17 5.09 -15.32 -0.35
C TYR A 17 6.06 -15.52 0.81
N GLY A 18 7.36 -15.63 0.53
CA GLY A 18 8.32 -15.86 1.60
C GLY A 18 8.79 -14.58 2.29
N ASP A 19 8.43 -13.38 1.79
CA ASP A 19 8.60 -12.17 2.62
C ASP A 19 7.62 -12.27 3.78
N ILE A 20 6.37 -12.58 3.44
CA ILE A 20 5.26 -12.77 4.37
C ILE A 20 5.64 -13.88 5.36
N GLU A 21 6.17 -15.00 4.87
CA GLU A 21 6.51 -16.13 5.71
C GLU A 21 7.67 -15.79 6.66
N ASP A 22 8.65 -15.01 6.20
CA ASP A 22 9.81 -14.62 6.99
C ASP A 22 9.41 -13.72 8.15
N ARG A 23 8.49 -12.80 7.86
CA ARG A 23 7.84 -11.97 8.86
C ARG A 23 6.99 -12.82 9.83
N GLY A 24 6.70 -14.07 9.49
CA GLY A 24 5.93 -14.97 10.31
C GLY A 24 4.42 -14.84 10.10
N PHE A 25 3.99 -14.05 9.11
CA PHE A 25 2.62 -14.06 8.61
C PHE A 25 2.48 -15.27 7.66
N ASP A 26 1.32 -15.41 7.00
CA ASP A 26 1.10 -16.44 5.97
C ASP A 26 0.32 -15.80 4.84
N ARG A 27 0.52 -16.23 3.60
CA ARG A 27 -0.10 -15.59 2.44
C ARG A 27 -1.63 -15.61 2.52
N GLU A 28 -2.21 -16.63 3.15
CA GLU A 28 -3.65 -16.66 3.42
C GLU A 28 -3.93 -15.86 4.68
N GLU A 29 -3.19 -16.09 5.77
CA GLU A 29 -3.46 -15.52 7.09
C GLU A 29 -3.54 -14.00 7.07
N ILE A 30 -2.70 -13.37 6.25
CA ILE A 30 -2.76 -11.93 5.95
C ILE A 30 -4.21 -11.52 5.70
N TRP A 31 -4.90 -12.18 4.76
CA TRP A 31 -6.24 -11.81 4.32
C TRP A 31 -7.36 -12.21 5.30
N TYR A 32 -7.07 -13.03 6.31
CA TYR A 32 -8.08 -13.69 7.14
C TYR A 32 -7.94 -13.37 8.63
N ASN A 33 -7.05 -12.43 8.98
CA ASN A 33 -6.81 -11.94 10.32
C ASN A 33 -6.68 -10.43 10.19
N ARG A 34 -7.79 -9.69 10.22
CA ARG A 34 -7.87 -8.29 9.78
C ARG A 34 -6.79 -7.38 10.38
N GLU A 35 -6.48 -7.60 11.65
CA GLU A 35 -5.47 -6.82 12.35
C GLU A 35 -4.05 -7.23 11.94
N ARG A 36 -3.83 -8.51 11.62
CA ARG A 36 -2.55 -8.99 11.14
C ARG A 36 -2.35 -8.67 9.67
N SER A 37 -3.40 -8.36 8.92
CA SER A 37 -3.22 -7.77 7.61
C SER A 37 -2.55 -6.41 7.78
N GLU A 38 -3.05 -5.57 8.70
CA GLU A 38 -2.68 -4.17 8.85
C GLU A 38 -1.16 -3.98 8.99
N GLU A 39 -0.48 -4.92 9.66
CA GLU A 39 0.96 -4.88 9.93
C GLU A 39 1.76 -4.81 8.62
N LEU A 40 1.25 -5.44 7.57
CA LEU A 40 1.79 -5.38 6.22
C LEU A 40 1.80 -3.92 5.77
N PHE A 41 0.63 -3.30 5.79
CA PHE A 41 0.39 -1.96 5.26
C PHE A 41 1.17 -0.91 6.05
N TRP A 42 1.31 -1.10 7.36
CA TRP A 42 2.16 -0.27 8.18
C TRP A 42 3.61 -0.25 7.68
N GLU A 43 4.18 -1.40 7.30
CA GLU A 43 5.58 -1.46 6.87
C GLU A 43 5.77 -0.77 5.52
N VAL A 44 4.87 -0.95 4.57
CA VAL A 44 5.01 -0.36 3.26
C VAL A 44 4.82 1.15 3.30
N MET A 45 3.82 1.62 4.03
CA MET A 45 3.61 3.02 4.29
C MET A 45 4.87 3.60 4.94
N ASP A 46 5.46 2.90 5.91
CA ASP A 46 6.71 3.34 6.52
C ASP A 46 7.85 3.44 5.51
N GLU A 47 7.94 2.48 4.58
CA GLU A 47 8.92 2.43 3.51
C GLU A 47 8.80 3.62 2.53
N VAL A 48 7.75 4.43 2.64
CA VAL A 48 7.53 5.61 1.80
C VAL A 48 7.23 6.84 2.65
N HIS A 49 7.33 6.73 3.97
CA HIS A 49 6.78 7.73 4.86
C HIS A 49 7.32 9.14 4.65
N GLU A 50 8.54 9.30 4.13
CA GLU A 50 9.13 10.59 3.82
C GLU A 50 8.31 11.38 2.79
N GLU A 51 7.49 10.69 1.99
CA GLU A 51 6.60 11.28 0.98
C GLU A 51 5.14 11.29 1.46
N GLU A 52 4.85 10.73 2.63
CA GLU A 52 3.49 10.47 3.11
C GLU A 52 3.20 11.18 4.43
N GLU A 53 4.22 11.66 5.14
CA GLU A 53 4.05 12.40 6.40
C GLU A 53 3.14 13.65 6.23
N PHE A 54 3.06 14.21 5.02
CA PHE A 54 2.18 15.33 4.71
C PHE A 54 0.70 14.90 4.56
N ALA A 55 0.45 13.61 4.30
CA ALA A 55 -0.82 13.11 3.78
C ALA A 55 -1.41 11.96 4.60
N VAL A 56 -0.71 11.52 5.64
CA VAL A 56 -1.21 10.53 6.60
C VAL A 56 -2.20 11.18 7.58
N GLU A 57 -3.32 11.64 7.03
CA GLU A 57 -4.32 12.44 7.71
C GLU A 57 -5.65 12.35 6.93
N GLY A 58 -5.92 11.17 6.37
CA GLY A 58 -7.04 10.89 5.48
C GLY A 58 -7.28 9.38 5.39
N PRO A 59 -8.22 8.94 4.53
CA PRO A 59 -8.57 7.54 4.35
C PRO A 59 -7.42 6.77 3.68
N LEU A 60 -7.57 5.45 3.63
CA LEU A 60 -6.68 4.54 2.90
C LEU A 60 -7.54 3.51 2.17
N TRP A 61 -7.04 3.02 1.06
CA TRP A 61 -7.77 2.19 0.10
C TRP A 61 -6.81 1.15 -0.43
N ILE A 62 -7.29 -0.05 -0.76
CA ILE A 62 -6.44 -1.18 -1.10
C ILE A 62 -6.99 -1.82 -2.39
N GLN A 63 -6.09 -2.32 -3.23
CA GLN A 63 -6.34 -3.28 -4.30
C GLN A 63 -5.21 -4.32 -4.24
N VAL A 64 -5.42 -5.55 -4.72
CA VAL A 64 -4.42 -6.61 -4.70
C VAL A 64 -4.46 -7.41 -6.00
N GLN A 65 -3.39 -8.13 -6.33
CA GLN A 65 -3.32 -9.21 -7.31
C GLN A 65 -2.58 -10.34 -6.60
N ALA A 66 -2.91 -11.59 -6.91
CA ALA A 66 -2.11 -12.74 -6.52
C ALA A 66 -1.48 -13.29 -7.80
N LEU A 67 -0.16 -13.47 -7.74
CA LEU A 67 0.74 -13.79 -8.85
C LEU A 67 1.39 -15.15 -8.56
N ASP A 68 2.36 -15.57 -9.38
CA ASP A 68 2.83 -16.96 -9.37
C ASP A 68 3.44 -17.37 -8.02
N LYS A 69 4.19 -16.49 -7.35
CA LYS A 69 4.86 -16.75 -6.05
C LYS A 69 4.80 -15.54 -5.12
N GLY A 70 3.81 -14.66 -5.28
CA GLY A 70 3.70 -13.45 -4.49
C GLY A 70 2.43 -12.71 -4.86
N LEU A 71 2.29 -11.48 -4.38
CA LEU A 71 1.14 -10.63 -4.64
C LEU A 71 1.64 -9.23 -4.97
N GLU A 72 0.96 -8.53 -5.88
CA GLU A 72 1.08 -7.08 -5.96
C GLU A 72 -0.03 -6.51 -5.11
N ILE A 73 0.26 -5.44 -4.37
CA ILE A 73 -0.72 -4.74 -3.57
C ILE A 73 -0.58 -3.28 -3.98
N ILE A 74 -1.69 -2.65 -4.34
CA ILE A 74 -1.78 -1.25 -4.71
C ILE A 74 -2.53 -0.59 -3.54
N VAL A 75 -2.16 0.64 -3.19
CA VAL A 75 -2.66 1.34 -2.02
C VAL A 75 -2.95 2.77 -2.48
N THR A 76 -4.12 3.33 -2.16
CA THR A 76 -4.60 4.57 -2.77
C THR A 76 -5.19 5.49 -1.68
N LYS A 77 -5.43 6.76 -2.05
CA LYS A 77 -6.07 7.79 -1.22
C LYS A 77 -6.95 8.64 -2.14
N ALA A 78 -7.79 9.50 -1.54
CA ALA A 78 -8.40 10.61 -2.24
C ALA A 78 -7.30 11.55 -2.78
N GLN A 79 -7.65 12.43 -3.72
CA GLN A 79 -6.74 13.41 -4.31
C GLN A 79 -6.54 14.59 -3.35
N LEU A 80 -5.99 14.32 -2.17
CA LEU A 80 -5.74 15.29 -1.10
C LEU A 80 -4.85 16.44 -1.57
N SER A 81 -3.94 16.16 -2.51
CA SER A 81 -2.92 17.08 -2.99
C SER A 81 -3.08 17.29 -4.50
N LYS A 82 -4.34 17.41 -4.97
CA LYS A 82 -4.69 17.77 -6.35
C LYS A 82 -3.95 19.05 -6.77
N ASP A 83 -3.78 19.98 -5.83
CA ASP A 83 -2.86 21.11 -5.91
C ASP A 83 -2.01 21.10 -4.63
N LEU A 84 -0.79 21.64 -4.70
CA LEU A 84 0.20 21.57 -3.63
C LEU A 84 1.22 22.70 -3.75
N ASP A 85 1.61 23.06 -4.98
CA ASP A 85 2.66 24.06 -5.22
C ASP A 85 2.21 25.48 -4.84
N LYS A 86 0.92 25.79 -5.00
CA LYS A 86 0.38 27.14 -4.77
C LYS A 86 -0.12 27.30 -3.34
N LEU A 87 -0.27 28.56 -2.96
CA LEU A 87 -0.23 29.01 -1.57
C LEU A 87 -1.03 30.29 -1.49
N VAL A 88 -1.83 30.43 -0.43
CA VAL A 88 -2.69 31.58 -0.15
C VAL A 88 -2.61 31.92 1.35
N PRO A 89 -2.98 33.15 1.76
CA PRO A 89 -3.03 33.56 3.16
C PRO A 89 -3.90 32.64 4.02
N ARG A 90 -3.63 32.66 5.34
CA ARG A 90 -4.47 32.01 6.34
C ARG A 90 -5.87 32.64 6.31
N MET A 1 10.98 -7.15 0.05
CA MET A 1 9.81 -6.80 -0.83
C MET A 1 10.19 -5.75 -1.88
N GLU A 2 9.26 -5.35 -2.75
CA GLU A 2 9.49 -4.52 -3.93
C GLU A 2 8.46 -3.37 -3.88
N ILE A 3 8.86 -2.10 -4.05
CA ILE A 3 8.01 -0.92 -3.83
C ILE A 3 7.99 -0.08 -5.11
N GLU A 4 6.89 0.65 -5.35
CA GLU A 4 6.74 1.64 -6.41
C GLU A 4 5.90 2.80 -5.90
N ARG A 5 6.13 4.01 -6.43
CA ARG A 5 5.46 5.24 -6.05
C ARG A 5 4.89 5.85 -7.33
N ILE A 6 3.63 5.54 -7.62
CA ILE A 6 2.98 5.86 -8.88
C ILE A 6 2.86 7.37 -9.00
N ASN A 7 2.24 7.98 -7.98
CA ASN A 7 2.01 9.42 -7.86
C ASN A 7 1.86 9.77 -6.37
N GLU A 8 1.27 10.92 -6.03
CA GLU A 8 1.16 11.38 -4.65
C GLU A 8 0.15 10.59 -3.81
N HIS A 9 -0.69 9.73 -4.43
CA HIS A 9 -1.86 9.14 -3.80
C HIS A 9 -1.92 7.62 -4.00
N THR A 10 -1.57 7.15 -5.19
CA THR A 10 -1.38 5.73 -5.46
C THR A 10 0.10 5.42 -5.22
N VAL A 11 0.35 4.34 -4.49
CA VAL A 11 1.63 3.68 -4.40
C VAL A 11 1.33 2.18 -4.49
N LYS A 12 2.28 1.35 -4.92
CA LYS A 12 2.06 -0.08 -4.94
C LYS A 12 3.32 -0.80 -4.50
N PHE A 13 3.20 -2.09 -4.25
CA PHE A 13 4.32 -2.93 -3.91
C PHE A 13 4.03 -4.34 -4.41
N TYR A 14 5.07 -5.17 -4.46
CA TYR A 14 5.00 -6.57 -4.78
C TYR A 14 5.67 -7.30 -3.62
N MET A 15 5.11 -8.43 -3.25
CA MET A 15 5.44 -9.13 -2.03
C MET A 15 5.47 -10.61 -2.35
N SER A 16 6.67 -11.17 -2.45
CA SER A 16 6.85 -12.61 -2.61
C SER A 16 6.39 -13.28 -1.32
N TYR A 17 5.87 -14.51 -1.43
CA TYR A 17 5.35 -15.24 -0.27
C TYR A 17 6.35 -15.30 0.87
N GLY A 18 7.63 -15.53 0.60
CA GLY A 18 8.58 -15.71 1.68
C GLY A 18 8.94 -14.42 2.40
N ASP A 19 8.59 -13.24 1.88
CA ASP A 19 8.65 -11.99 2.66
C ASP A 19 7.66 -12.07 3.82
N ILE A 20 6.47 -12.62 3.53
CA ILE A 20 5.39 -12.80 4.49
C ILE A 20 5.78 -13.93 5.45
N GLU A 21 6.38 -15.01 4.94
CA GLU A 21 6.86 -16.11 5.77
C GLU A 21 7.95 -15.64 6.75
N ASP A 22 8.82 -14.71 6.35
CA ASP A 22 9.95 -14.26 7.18
C ASP A 22 9.46 -13.56 8.43
N ARG A 23 8.43 -12.76 8.25
CA ARG A 23 7.70 -12.08 9.32
C ARG A 23 6.96 -13.08 10.21
N GLY A 24 6.80 -14.32 9.75
CA GLY A 24 6.05 -15.37 10.44
C GLY A 24 4.55 -15.29 10.19
N PHE A 25 4.11 -14.45 9.25
CA PHE A 25 2.73 -14.40 8.74
C PHE A 25 2.60 -15.49 7.67
N ASP A 26 1.45 -15.58 7.00
CA ASP A 26 1.28 -16.46 5.85
C ASP A 26 0.47 -15.73 4.79
N ARG A 27 0.64 -16.10 3.54
CA ARG A 27 0.08 -15.42 2.37
C ARG A 27 -1.44 -15.37 2.37
N GLU A 28 -2.10 -16.36 2.97
CA GLU A 28 -3.55 -16.35 3.15
C GLU A 28 -3.87 -15.69 4.49
N GLU A 29 -3.12 -16.04 5.53
CA GLU A 29 -3.37 -15.61 6.91
C GLU A 29 -3.37 -14.10 7.06
N ILE A 30 -2.53 -13.43 6.29
CA ILE A 30 -2.56 -11.98 6.09
C ILE A 30 -4.01 -11.51 5.93
N TRP A 31 -4.71 -12.04 4.93
CA TRP A 31 -6.06 -11.59 4.57
C TRP A 31 -7.11 -12.03 5.59
N TYR A 32 -6.93 -13.21 6.19
CA TYR A 32 -7.96 -13.86 7.00
C TYR A 32 -7.82 -13.57 8.50
N ASN A 33 -6.88 -12.71 8.89
CA ASN A 33 -6.69 -12.18 10.23
C ASN A 33 -6.62 -10.67 10.08
N ARG A 34 -7.77 -9.98 10.12
CA ARG A 34 -7.88 -8.57 9.70
C ARG A 34 -6.84 -7.66 10.34
N GLU A 35 -6.57 -7.82 11.63
CA GLU A 35 -5.62 -6.96 12.32
C GLU A 35 -4.18 -7.30 11.90
N ARG A 36 -3.91 -8.56 11.55
CA ARG A 36 -2.61 -8.99 11.08
C ARG A 36 -2.43 -8.63 9.60
N SER A 37 -3.49 -8.34 8.85
CA SER A 37 -3.31 -7.76 7.53
C SER A 37 -2.65 -6.39 7.72
N GLU A 38 -3.17 -5.56 8.61
CA GLU A 38 -2.82 -4.16 8.76
C GLU A 38 -1.31 -3.95 8.95
N GLU A 39 -0.63 -4.86 9.64
CA GLU A 39 0.80 -4.81 9.91
C GLU A 39 1.62 -4.70 8.62
N LEU A 40 1.13 -5.37 7.55
CA LEU A 40 1.71 -5.32 6.21
C LEU A 40 1.74 -3.86 5.76
N PHE A 41 0.58 -3.22 5.80
CA PHE A 41 0.36 -1.88 5.28
C PHE A 41 1.14 -0.86 6.10
N TRP A 42 1.21 -1.07 7.42
CA TRP A 42 2.05 -0.26 8.28
C TRP A 42 3.52 -0.30 7.85
N GLU A 43 4.06 -1.42 7.36
CA GLU A 43 5.44 -1.49 6.95
C GLU A 43 5.67 -0.66 5.67
N VAL A 44 4.76 -0.73 4.70
CA VAL A 44 4.97 -0.05 3.43
C VAL A 44 4.80 1.46 3.58
N MET A 45 3.79 1.88 4.34
CA MET A 45 3.62 3.26 4.74
C MET A 45 4.84 3.75 5.52
N ASP A 46 5.38 2.93 6.43
CA ASP A 46 6.60 3.29 7.16
C ASP A 46 7.78 3.51 6.21
N GLU A 47 7.93 2.64 5.23
CA GLU A 47 8.93 2.72 4.18
C GLU A 47 8.71 3.96 3.27
N VAL A 48 7.61 4.67 3.43
CA VAL A 48 7.25 5.90 2.71
C VAL A 48 7.20 7.07 3.70
N HIS A 49 7.40 6.86 5.01
CA HIS A 49 7.04 7.83 6.04
C HIS A 49 7.69 9.19 5.87
N GLU A 50 8.88 9.29 5.26
CA GLU A 50 9.53 10.58 5.04
C GLU A 50 8.74 11.51 4.09
N GLU A 51 7.76 10.97 3.35
CA GLU A 51 6.79 11.74 2.59
C GLU A 51 5.36 11.49 3.08
N GLU A 52 5.06 10.28 3.58
CA GLU A 52 3.79 9.97 4.21
C GLU A 52 3.52 10.91 5.40
N GLU A 53 4.55 11.47 6.07
CA GLU A 53 4.40 12.44 7.15
C GLU A 53 3.62 13.71 6.73
N PHE A 54 3.44 13.96 5.44
CA PHE A 54 2.63 15.06 4.91
C PHE A 54 1.52 14.56 3.98
N ALA A 55 1.24 13.26 3.99
CA ALA A 55 0.11 12.63 3.30
C ALA A 55 -0.77 11.81 4.26
N VAL A 56 -0.41 11.73 5.54
CA VAL A 56 -1.25 11.20 6.60
C VAL A 56 -2.32 12.24 6.99
N GLU A 57 -3.25 12.48 6.06
CA GLU A 57 -4.26 13.53 6.17
C GLU A 57 -5.51 13.16 5.37
N GLY A 58 -5.76 11.85 5.23
CA GLY A 58 -6.91 11.30 4.52
C GLY A 58 -6.95 9.77 4.67
N PRO A 59 -7.97 9.12 4.10
CA PRO A 59 -8.17 7.68 4.16
C PRO A 59 -7.11 6.92 3.35
N LEU A 60 -7.12 5.59 3.45
CA LEU A 60 -6.34 4.68 2.61
C LEU A 60 -7.29 3.64 2.02
N TRP A 61 -6.93 3.11 0.86
CA TRP A 61 -7.72 2.23 0.03
C TRP A 61 -6.78 1.17 -0.52
N ILE A 62 -7.26 -0.04 -0.80
CA ILE A 62 -6.42 -1.17 -1.18
C ILE A 62 -7.02 -1.87 -2.40
N GLN A 63 -6.17 -2.37 -3.30
CA GLN A 63 -6.46 -3.33 -4.36
C GLN A 63 -5.31 -4.35 -4.39
N VAL A 64 -5.51 -5.57 -4.88
CA VAL A 64 -4.52 -6.64 -4.80
C VAL A 64 -4.63 -7.56 -6.02
N GLN A 65 -3.53 -8.26 -6.36
CA GLN A 65 -3.51 -9.42 -7.25
C GLN A 65 -2.69 -10.48 -6.53
N ALA A 66 -3.03 -11.75 -6.70
CA ALA A 66 -2.18 -12.85 -6.28
C ALA A 66 -1.57 -13.45 -7.55
N LEU A 67 -0.26 -13.66 -7.50
CA LEU A 67 0.63 -14.03 -8.60
C LEU A 67 1.28 -15.38 -8.24
N ASP A 68 2.19 -15.88 -9.10
CA ASP A 68 2.62 -17.28 -9.04
C ASP A 68 3.29 -17.66 -7.71
N LYS A 69 4.08 -16.76 -7.11
CA LYS A 69 4.76 -16.97 -5.83
C LYS A 69 4.76 -15.71 -4.95
N GLY A 70 3.76 -14.85 -5.10
CA GLY A 70 3.70 -13.57 -4.41
C GLY A 70 2.39 -12.86 -4.73
N LEU A 71 2.26 -11.61 -4.30
CA LEU A 71 1.10 -10.76 -4.55
C LEU A 71 1.59 -9.37 -4.90
N GLU A 72 0.89 -8.68 -5.81
CA GLU A 72 1.00 -7.23 -5.95
C GLU A 72 -0.12 -6.62 -5.12
N ILE A 73 0.19 -5.56 -4.39
CA ILE A 73 -0.76 -4.83 -3.59
C ILE A 73 -0.63 -3.38 -4.04
N ILE A 74 -1.74 -2.76 -4.43
CA ILE A 74 -1.84 -1.35 -4.79
C ILE A 74 -2.57 -0.71 -3.60
N VAL A 75 -2.21 0.51 -3.21
CA VAL A 75 -2.97 1.29 -2.26
C VAL A 75 -3.16 2.71 -2.78
N THR A 76 -4.30 3.34 -2.48
CA THR A 76 -4.78 4.55 -3.14
C THR A 76 -5.34 5.54 -2.11
N LYS A 77 -5.65 6.78 -2.50
CA LYS A 77 -6.36 7.76 -1.68
C LYS A 77 -7.45 8.46 -2.47
N ALA A 78 -8.39 9.03 -1.72
CA ALA A 78 -9.54 9.76 -2.25
C ALA A 78 -9.17 11.19 -2.71
N GLN A 79 -8.06 11.75 -2.20
CA GLN A 79 -7.65 13.13 -2.49
C GLN A 79 -7.35 13.36 -3.98
N LEU A 80 -7.06 12.29 -4.73
CA LEU A 80 -6.92 12.31 -6.20
C LEU A 80 -8.20 12.77 -6.90
N SER A 81 -9.37 12.55 -6.28
CA SER A 81 -10.65 12.47 -6.97
C SER A 81 -11.76 13.27 -6.24
N LYS A 82 -11.39 14.40 -5.59
CA LYS A 82 -12.37 15.29 -4.96
C LYS A 82 -13.43 15.79 -5.96
N ASP A 83 -13.05 15.94 -7.24
CA ASP A 83 -13.97 16.29 -8.32
C ASP A 83 -13.57 15.62 -9.63
N LEU A 84 -12.26 15.45 -9.89
CA LEU A 84 -11.62 14.53 -10.85
C LEU A 84 -11.73 15.00 -12.30
N ASP A 85 -12.79 15.75 -12.63
CA ASP A 85 -12.90 16.48 -13.89
C ASP A 85 -11.88 17.64 -13.96
N LYS A 86 -11.35 18.10 -12.82
CA LYS A 86 -10.30 19.12 -12.78
C LYS A 86 -9.03 18.59 -13.45
N LEU A 87 -8.20 19.53 -13.93
CA LEU A 87 -7.09 19.24 -14.85
C LEU A 87 -5.93 20.19 -14.57
N VAL A 88 -4.71 19.78 -14.93
CA VAL A 88 -3.52 20.65 -14.90
C VAL A 88 -3.70 21.81 -15.90
N PRO A 89 -2.93 22.92 -15.74
CA PRO A 89 -2.89 24.03 -16.69
C PRO A 89 -2.56 23.58 -18.12
N ARG A 90 -2.93 24.44 -19.08
CA ARG A 90 -2.73 24.25 -20.51
C ARG A 90 -2.29 25.61 -21.06
N MET A 1 10.86 -6.82 -0.34
CA MET A 1 9.63 -6.42 -1.10
C MET A 1 9.90 -5.24 -2.05
N GLU A 2 8.98 -5.01 -3.00
CA GLU A 2 9.25 -4.33 -4.26
C GLU A 2 8.29 -3.14 -4.37
N ILE A 3 8.56 -2.07 -3.62
CA ILE A 3 7.75 -0.83 -3.57
C ILE A 3 7.79 -0.11 -4.93
N GLU A 4 6.74 0.65 -5.26
CA GLU A 4 6.67 1.56 -6.39
C GLU A 4 5.93 2.85 -6.00
N ARG A 5 6.27 3.97 -6.65
CA ARG A 5 5.66 5.28 -6.48
C ARG A 5 4.95 5.62 -7.79
N ILE A 6 3.68 5.25 -7.94
CA ILE A 6 2.90 5.52 -9.14
C ILE A 6 2.85 7.03 -9.36
N ASN A 7 2.42 7.72 -8.31
CA ASN A 7 2.37 9.16 -8.17
C ASN A 7 2.45 9.47 -6.67
N GLU A 8 2.15 10.69 -6.23
CA GLU A 8 2.32 11.07 -4.82
C GLU A 8 1.20 10.55 -3.91
N HIS A 9 0.21 9.82 -4.45
CA HIS A 9 -1.02 9.46 -3.76
C HIS A 9 -1.23 7.94 -3.84
N THR A 10 -1.21 7.35 -5.04
CA THR A 10 -1.17 5.90 -5.19
C THR A 10 0.27 5.45 -5.01
N VAL A 11 0.45 4.37 -4.26
CA VAL A 11 1.68 3.59 -4.24
C VAL A 11 1.25 2.14 -4.46
N LYS A 12 2.16 1.29 -4.95
CA LYS A 12 1.91 -0.14 -4.96
C LYS A 12 3.18 -0.82 -4.50
N PHE A 13 3.08 -2.11 -4.27
CA PHE A 13 4.25 -2.94 -4.02
C PHE A 13 3.94 -4.33 -4.52
N TYR A 14 4.97 -5.05 -4.93
CA TYR A 14 4.91 -6.47 -5.12
C TYR A 14 5.57 -7.13 -3.91
N MET A 15 5.06 -8.28 -3.50
CA MET A 15 5.45 -8.97 -2.29
C MET A 15 5.48 -10.46 -2.59
N SER A 16 6.67 -11.02 -2.71
CA SER A 16 6.86 -12.45 -2.85
C SER A 16 6.43 -13.12 -1.54
N TYR A 17 5.96 -14.36 -1.62
CA TYR A 17 5.48 -15.10 -0.44
C TYR A 17 6.52 -15.13 0.67
N GLY A 18 7.79 -15.35 0.37
CA GLY A 18 8.78 -15.50 1.42
C GLY A 18 9.16 -14.17 2.08
N ASP A 19 8.74 -13.02 1.55
CA ASP A 19 8.80 -11.77 2.30
C ASP A 19 7.83 -11.85 3.49
N ILE A 20 6.63 -12.34 3.19
CA ILE A 20 5.55 -12.50 4.15
C ILE A 20 5.99 -13.55 5.18
N GLU A 21 6.62 -14.65 4.74
CA GLU A 21 7.17 -15.67 5.64
C GLU A 21 8.28 -15.09 6.53
N ASP A 22 9.13 -14.21 6.00
CA ASP A 22 10.25 -13.64 6.75
C ASP A 22 9.75 -12.73 7.85
N ARG A 23 8.74 -11.93 7.52
CA ARG A 23 7.98 -11.12 8.46
C ARG A 23 7.16 -11.99 9.41
N GLY A 24 7.08 -13.30 9.20
CA GLY A 24 6.46 -14.25 10.11
C GLY A 24 4.94 -14.33 9.95
N PHE A 25 4.41 -13.69 8.91
CA PHE A 25 3.02 -13.86 8.47
C PHE A 25 2.96 -15.06 7.51
N ASP A 26 1.83 -15.29 6.86
CA ASP A 26 1.70 -16.30 5.81
C ASP A 26 0.77 -15.76 4.74
N ARG A 27 0.91 -16.22 3.49
CA ARG A 27 0.27 -15.58 2.35
C ARG A 27 -1.26 -15.58 2.42
N GLU A 28 -1.85 -16.61 3.01
CA GLU A 28 -3.30 -16.64 3.24
C GLU A 28 -3.58 -15.95 4.57
N GLU A 29 -2.78 -16.22 5.60
CA GLU A 29 -3.02 -15.77 6.97
C GLU A 29 -3.13 -14.26 7.07
N ILE A 30 -2.35 -13.54 6.26
CA ILE A 30 -2.48 -12.10 6.06
C ILE A 30 -3.95 -11.74 5.93
N TRP A 31 -4.67 -12.34 4.98
CA TRP A 31 -6.04 -11.99 4.62
C TRP A 31 -7.09 -12.49 5.62
N TYR A 32 -6.73 -13.42 6.51
CA TYR A 32 -7.68 -14.16 7.34
C TYR A 32 -7.46 -13.93 8.84
N ASN A 33 -6.56 -13.00 9.19
CA ASN A 33 -6.34 -12.49 10.53
C ASN A 33 -6.37 -10.97 10.39
N ARG A 34 -7.55 -10.36 10.46
CA ARG A 34 -7.78 -8.97 10.04
C ARG A 34 -6.78 -7.97 10.64
N GLU A 35 -6.41 -8.14 11.91
CA GLU A 35 -5.48 -7.24 12.55
C GLU A 35 -4.04 -7.49 12.09
N ARG A 36 -3.70 -8.74 11.74
CA ARG A 36 -2.39 -9.10 11.24
C ARG A 36 -2.24 -8.76 9.76
N SER A 37 -3.33 -8.52 9.04
CA SER A 37 -3.23 -7.94 7.71
C SER A 37 -2.61 -6.55 7.83
N GLU A 38 -3.12 -5.72 8.75
CA GLU A 38 -2.79 -4.30 8.88
C GLU A 38 -1.29 -4.06 9.01
N GLU A 39 -0.56 -4.98 9.66
CA GLU A 39 0.88 -4.89 9.89
C GLU A 39 1.64 -4.78 8.58
N LEU A 40 1.15 -5.46 7.54
CA LEU A 40 1.69 -5.39 6.18
C LEU A 40 1.67 -3.93 5.73
N PHE A 41 0.49 -3.33 5.78
CA PHE A 41 0.23 -1.97 5.31
C PHE A 41 1.03 -0.96 6.13
N TRP A 42 1.18 -1.19 7.43
CA TRP A 42 2.06 -0.40 8.27
C TRP A 42 3.52 -0.47 7.82
N GLU A 43 4.05 -1.63 7.40
CA GLU A 43 5.44 -1.74 6.98
C GLU A 43 5.68 -1.01 5.65
N VAL A 44 4.74 -1.05 4.71
CA VAL A 44 4.90 -0.34 3.45
C VAL A 44 4.73 1.16 3.61
N MET A 45 3.76 1.59 4.41
CA MET A 45 3.61 2.99 4.75
C MET A 45 4.87 3.48 5.47
N ASP A 46 5.48 2.69 6.37
CA ASP A 46 6.74 3.05 7.01
C ASP A 46 7.85 3.31 5.97
N GLU A 47 7.89 2.52 4.90
CA GLU A 47 8.79 2.69 3.77
C GLU A 47 8.57 4.01 3.00
N VAL A 48 7.52 4.77 3.32
CA VAL A 48 7.13 6.01 2.63
C VAL A 48 6.91 7.15 3.64
N HIS A 49 6.89 6.88 4.95
CA HIS A 49 6.25 7.78 5.91
C HIS A 49 6.86 9.18 5.95
N GLU A 50 8.16 9.33 5.66
CA GLU A 50 8.83 10.64 5.62
C GLU A 50 8.22 11.59 4.57
N GLU A 51 7.44 11.06 3.62
CA GLU A 51 6.77 11.80 2.55
C GLU A 51 5.24 11.74 2.73
N GLU A 52 4.76 11.23 3.85
CA GLU A 52 3.34 10.98 4.12
C GLU A 52 2.91 11.54 5.49
N GLU A 53 3.85 11.84 6.39
CA GLU A 53 3.55 12.35 7.73
C GLU A 53 2.76 13.68 7.73
N PHE A 54 2.72 14.39 6.59
CA PHE A 54 1.99 15.63 6.38
C PHE A 54 0.77 15.43 5.47
N ALA A 55 0.45 14.19 5.09
CA ALA A 55 -0.66 13.83 4.19
C ALA A 55 -1.49 12.66 4.71
N VAL A 56 -1.09 12.05 5.84
CA VAL A 56 -1.88 11.10 6.58
C VAL A 56 -3.01 11.81 7.35
N GLU A 57 -3.95 12.36 6.58
CA GLU A 57 -5.03 13.23 7.03
C GLU A 57 -6.12 13.25 5.94
N GLY A 58 -6.36 12.07 5.34
CA GLY A 58 -7.28 11.87 4.22
C GLY A 58 -7.71 10.41 4.16
N PRO A 59 -8.47 10.03 3.11
CA PRO A 59 -8.98 8.67 2.94
C PRO A 59 -7.85 7.67 2.62
N LEU A 60 -8.18 6.40 2.55
CA LEU A 60 -7.29 5.31 2.14
C LEU A 60 -8.12 4.27 1.39
N TRP A 61 -7.50 3.61 0.42
CA TRP A 61 -8.12 2.65 -0.47
C TRP A 61 -7.11 1.55 -0.76
N ILE A 62 -7.55 0.31 -0.95
CA ILE A 62 -6.68 -0.86 -1.11
C ILE A 62 -7.28 -1.76 -2.22
N GLN A 63 -6.42 -2.35 -3.06
CA GLN A 63 -6.75 -3.51 -3.90
C GLN A 63 -5.52 -4.42 -4.02
N VAL A 64 -5.68 -5.63 -4.56
CA VAL A 64 -4.64 -6.67 -4.53
C VAL A 64 -4.70 -7.53 -5.80
N GLN A 65 -3.64 -8.27 -6.12
CA GLN A 65 -3.61 -9.41 -7.03
C GLN A 65 -2.83 -10.49 -6.30
N ALA A 66 -3.16 -11.76 -6.55
CA ALA A 66 -2.32 -12.88 -6.14
C ALA A 66 -1.74 -13.47 -7.43
N LEU A 67 -0.41 -13.64 -7.43
CA LEU A 67 0.43 -13.99 -8.57
C LEU A 67 1.12 -15.33 -8.25
N ASP A 68 1.99 -15.81 -9.15
CA ASP A 68 2.46 -17.20 -9.11
C ASP A 68 3.22 -17.57 -7.83
N LYS A 69 4.01 -16.63 -7.26
CA LYS A 69 4.79 -16.83 -6.02
C LYS A 69 4.78 -15.60 -5.13
N GLY A 70 3.76 -14.75 -5.24
CA GLY A 70 3.69 -13.48 -4.53
C GLY A 70 2.35 -12.82 -4.78
N LEU A 71 2.20 -11.57 -4.34
CA LEU A 71 1.01 -10.75 -4.53
C LEU A 71 1.47 -9.34 -4.91
N GLU A 72 0.71 -8.66 -5.76
CA GLU A 72 0.81 -7.21 -5.89
C GLU A 72 -0.28 -6.61 -5.02
N ILE A 73 0.03 -5.53 -4.33
CA ILE A 73 -0.91 -4.80 -3.52
C ILE A 73 -0.80 -3.35 -4.02
N ILE A 74 -1.92 -2.74 -4.36
CA ILE A 74 -2.00 -1.36 -4.84
C ILE A 74 -2.83 -0.64 -3.76
N VAL A 75 -2.41 0.55 -3.33
CA VAL A 75 -3.16 1.33 -2.35
C VAL A 75 -3.26 2.75 -2.88
N THR A 76 -4.44 3.36 -2.80
CA THR A 76 -4.79 4.53 -3.60
C THR A 76 -5.31 5.63 -2.66
N LYS A 77 -5.28 6.89 -3.12
CA LYS A 77 -5.87 8.04 -2.44
C LYS A 77 -6.29 9.05 -3.50
N ALA A 78 -7.22 9.94 -3.14
CA ALA A 78 -7.47 11.16 -3.88
C ALA A 78 -6.21 12.05 -3.81
N GLN A 79 -6.11 13.03 -4.73
CA GLN A 79 -5.06 14.04 -4.65
C GLN A 79 -5.19 14.85 -3.35
N LEU A 80 -4.07 15.33 -2.81
CA LEU A 80 -4.03 16.04 -1.53
C LEU A 80 -3.05 17.21 -1.68
N SER A 81 -3.61 18.42 -1.76
CA SER A 81 -2.88 19.67 -1.96
C SER A 81 -1.98 20.00 -0.75
N LYS A 82 -2.54 19.88 0.46
CA LYS A 82 -2.03 20.39 1.75
C LYS A 82 -1.96 21.92 1.79
N ASP A 83 -1.53 22.57 0.72
CA ASP A 83 -1.66 24.01 0.46
C ASP A 83 -1.69 24.21 -1.05
N LEU A 84 -2.50 25.14 -1.55
CA LEU A 84 -2.62 25.45 -2.97
C LEU A 84 -3.25 26.82 -3.19
N ASP A 85 -4.29 27.15 -2.40
CA ASP A 85 -5.09 28.36 -2.61
C ASP A 85 -4.31 29.65 -2.37
N LYS A 86 -3.38 29.64 -1.40
CA LYS A 86 -2.63 30.85 -1.03
C LYS A 86 -1.73 31.29 -2.18
N LEU A 87 -1.62 32.61 -2.37
CA LEU A 87 -0.69 33.20 -3.32
C LEU A 87 0.74 33.01 -2.81
N VAL A 88 1.71 33.12 -3.72
CA VAL A 88 3.14 33.05 -3.43
C VAL A 88 3.85 34.15 -4.25
N PRO A 89 5.05 34.61 -3.85
CA PRO A 89 5.73 35.78 -4.42
C PRO A 89 6.54 35.45 -5.69
N ARG A 90 6.15 34.38 -6.39
CA ARG A 90 6.73 33.98 -7.67
C ARG A 90 6.39 35.03 -8.72
N MET A 1 11.24 -7.48 -0.47
CA MET A 1 10.00 -6.94 -1.12
C MET A 1 10.34 -5.79 -2.09
N GLU A 2 9.33 -5.29 -2.82
CA GLU A 2 9.52 -4.46 -4.02
C GLU A 2 8.51 -3.32 -3.95
N ILE A 3 8.92 -2.04 -3.89
CA ILE A 3 8.02 -0.88 -3.78
C ILE A 3 8.12 -0.06 -5.08
N GLU A 4 7.06 0.66 -5.43
CA GLU A 4 6.98 1.61 -6.51
C GLU A 4 6.24 2.86 -6.04
N ARG A 5 6.58 4.02 -6.64
CA ARG A 5 5.89 5.29 -6.42
C ARG A 5 5.15 5.62 -7.72
N ILE A 6 3.83 5.46 -7.69
CA ILE A 6 2.99 5.72 -8.86
C ILE A 6 2.96 7.23 -9.09
N ASN A 7 2.58 7.96 -8.05
CA ASN A 7 2.47 9.42 -8.01
C ASN A 7 2.51 9.88 -6.55
N GLU A 8 2.18 11.14 -6.29
CA GLU A 8 2.24 11.76 -4.97
C GLU A 8 1.33 11.09 -3.92
N HIS A 9 0.36 10.26 -4.34
CA HIS A 9 -0.70 9.76 -3.48
C HIS A 9 -0.77 8.23 -3.49
N THR A 10 -0.72 7.60 -4.67
CA THR A 10 -0.77 6.16 -4.80
C THR A 10 0.67 5.63 -4.70
N VAL A 11 0.82 4.49 -4.05
CA VAL A 11 2.02 3.66 -4.11
C VAL A 11 1.55 2.25 -4.45
N LYS A 12 2.43 1.42 -5.00
CA LYS A 12 2.18 0.00 -5.05
C LYS A 12 3.43 -0.74 -4.61
N PHE A 13 3.31 -2.01 -4.33
CA PHE A 13 4.42 -2.86 -3.97
C PHE A 13 4.08 -4.29 -4.38
N TYR A 14 5.08 -5.16 -4.30
CA TYR A 14 4.98 -6.56 -4.62
C TYR A 14 5.64 -7.29 -3.46
N MET A 15 4.99 -8.37 -3.01
CA MET A 15 5.35 -9.12 -1.82
C MET A 15 5.41 -10.57 -2.24
N SER A 16 6.59 -11.17 -2.19
CA SER A 16 6.74 -12.59 -2.48
C SER A 16 6.18 -13.38 -1.28
N TYR A 17 5.73 -14.61 -1.49
CA TYR A 17 5.31 -15.47 -0.38
C TYR A 17 6.40 -15.62 0.66
N GLY A 18 7.66 -15.73 0.22
CA GLY A 18 8.78 -15.87 1.14
C GLY A 18 9.02 -14.63 2.00
N ASP A 19 8.62 -13.43 1.55
CA ASP A 19 8.70 -12.22 2.37
C ASP A 19 7.71 -12.31 3.54
N ILE A 20 6.55 -12.89 3.28
CA ILE A 20 5.47 -13.05 4.25
C ILE A 20 5.89 -14.16 5.23
N GLU A 21 6.45 -15.26 4.71
CA GLU A 21 6.97 -16.38 5.49
C GLU A 21 8.09 -15.94 6.43
N ASP A 22 8.97 -15.04 5.97
CA ASP A 22 10.13 -14.57 6.73
C ASP A 22 9.69 -13.83 7.99
N ARG A 23 8.66 -13.00 7.81
CA ARG A 23 7.99 -12.30 8.89
C ARG A 23 7.22 -13.26 9.80
N GLY A 24 7.05 -14.52 9.38
CA GLY A 24 6.30 -15.54 10.10
C GLY A 24 4.79 -15.40 9.94
N PHE A 25 4.34 -14.57 8.99
CA PHE A 25 2.94 -14.52 8.56
C PHE A 25 2.73 -15.65 7.54
N ASP A 26 1.52 -15.77 6.98
CA ASP A 26 1.22 -16.71 5.90
C ASP A 26 0.48 -15.95 4.82
N ARG A 27 0.67 -16.32 3.54
CA ARG A 27 -0.03 -15.66 2.45
C ARG A 27 -1.55 -15.71 2.61
N GLU A 28 -2.09 -16.75 3.24
CA GLU A 28 -3.52 -16.82 3.54
C GLU A 28 -3.79 -16.04 4.82
N GLU A 29 -3.03 -16.30 5.89
CA GLU A 29 -3.30 -15.77 7.23
C GLU A 29 -3.37 -14.25 7.25
N ILE A 30 -2.54 -13.59 6.44
CA ILE A 30 -2.61 -12.16 6.15
C ILE A 30 -4.08 -11.75 5.95
N TRP A 31 -4.79 -12.38 5.01
CA TRP A 31 -6.14 -12.01 4.60
C TRP A 31 -7.22 -12.42 5.60
N TYR A 32 -6.91 -13.30 6.56
CA TYR A 32 -7.91 -13.97 7.40
C TYR A 32 -7.74 -13.64 8.88
N ASN A 33 -6.84 -12.69 9.21
CA ASN A 33 -6.58 -12.17 10.54
C ASN A 33 -6.45 -10.67 10.36
N ARG A 34 -7.56 -9.92 10.44
CA ARG A 34 -7.64 -8.52 9.98
C ARG A 34 -6.52 -7.63 10.52
N GLU A 35 -6.18 -7.77 11.80
CA GLU A 35 -5.15 -6.95 12.40
C GLU A 35 -3.76 -7.37 11.91
N ARG A 36 -3.56 -8.67 11.62
CA ARG A 36 -2.32 -9.17 11.08
C ARG A 36 -2.20 -8.87 9.59
N SER A 37 -3.29 -8.57 8.89
CA SER A 37 -3.17 -7.98 7.58
C SER A 37 -2.49 -6.62 7.75
N GLU A 38 -3.06 -5.76 8.59
CA GLU A 38 -2.73 -4.34 8.70
C GLU A 38 -1.23 -4.08 8.88
N GLU A 39 -0.52 -4.97 9.59
CA GLU A 39 0.91 -4.84 9.85
C GLU A 39 1.71 -4.66 8.56
N LEU A 40 1.33 -5.41 7.52
CA LEU A 40 1.98 -5.38 6.21
C LEU A 40 1.88 -3.97 5.63
N PHE A 41 0.66 -3.43 5.62
CA PHE A 41 0.36 -2.13 5.06
C PHE A 41 1.06 -1.04 5.87
N TRP A 42 1.17 -1.22 7.19
CA TRP A 42 1.95 -0.33 8.03
C TRP A 42 3.44 -0.31 7.65
N GLU A 43 4.06 -1.42 7.23
CA GLU A 43 5.46 -1.39 6.82
C GLU A 43 5.64 -0.55 5.57
N VAL A 44 4.80 -0.72 4.56
CA VAL A 44 4.98 -0.03 3.30
C VAL A 44 4.69 1.45 3.44
N MET A 45 3.64 1.79 4.19
CA MET A 45 3.33 3.15 4.55
C MET A 45 4.50 3.76 5.33
N ASP A 46 5.11 3.01 6.26
CA ASP A 46 6.27 3.48 7.01
C ASP A 46 7.46 3.75 6.09
N GLU A 47 7.69 2.88 5.12
CA GLU A 47 8.74 2.97 4.12
C GLU A 47 8.57 4.18 3.20
N VAL A 48 7.43 4.90 3.27
CA VAL A 48 7.17 6.13 2.51
C VAL A 48 6.78 7.28 3.43
N HIS A 49 6.78 7.09 4.75
CA HIS A 49 6.10 7.99 5.67
C HIS A 49 6.59 9.44 5.63
N GLU A 50 7.84 9.70 5.24
CA GLU A 50 8.35 11.07 5.11
C GLU A 50 7.56 11.88 4.07
N GLU A 51 6.89 11.21 3.12
CA GLU A 51 6.06 11.83 2.09
C GLU A 51 4.59 11.95 2.55
N GLU A 52 4.23 11.36 3.70
CA GLU A 52 2.86 10.97 4.01
C GLU A 52 2.43 11.43 5.40
N GLU A 53 3.34 11.67 6.34
CA GLU A 53 3.00 12.04 7.72
C GLU A 53 2.17 13.33 7.79
N PHE A 54 2.32 14.23 6.81
CA PHE A 54 1.55 15.46 6.69
C PHE A 54 0.14 15.23 6.13
N ALA A 55 -0.15 14.03 5.59
CA ALA A 55 -1.30 13.77 4.72
C ALA A 55 -2.11 12.54 5.12
N VAL A 56 -1.67 11.69 6.05
CA VAL A 56 -2.45 10.54 6.53
C VAL A 56 -3.63 10.94 7.43
N GLU A 57 -3.84 12.23 7.61
CA GLU A 57 -5.13 12.81 7.99
C GLU A 57 -6.25 12.50 7.00
N GLY A 58 -5.90 12.14 5.76
CA GLY A 58 -6.83 11.78 4.70
C GLY A 58 -7.05 10.27 4.61
N PRO A 59 -7.82 9.82 3.61
CA PRO A 59 -8.20 8.42 3.45
C PRO A 59 -7.02 7.55 2.98
N LEU A 60 -7.23 6.24 3.00
CA LEU A 60 -6.39 5.23 2.36
C LEU A 60 -7.34 4.16 1.80
N TRP A 61 -6.89 3.50 0.73
CA TRP A 61 -7.66 2.55 -0.05
C TRP A 61 -6.70 1.44 -0.46
N ILE A 62 -7.19 0.22 -0.68
CA ILE A 62 -6.35 -0.96 -0.91
C ILE A 62 -6.93 -1.74 -2.09
N GLN A 63 -6.05 -2.29 -2.92
CA GLN A 63 -6.32 -3.23 -4.01
C GLN A 63 -5.18 -4.28 -3.96
N VAL A 64 -5.41 -5.50 -4.44
CA VAL A 64 -4.42 -6.58 -4.43
C VAL A 64 -4.50 -7.36 -5.75
N GLN A 65 -3.45 -8.11 -6.09
CA GLN A 65 -3.44 -9.19 -7.06
C GLN A 65 -2.70 -10.33 -6.39
N ALA A 66 -3.05 -11.59 -6.69
CA ALA A 66 -2.27 -12.75 -6.30
C ALA A 66 -1.67 -13.33 -7.58
N LEU A 67 -0.37 -13.54 -7.55
CA LEU A 67 0.50 -13.88 -8.67
C LEU A 67 1.14 -15.25 -8.37
N ASP A 68 2.06 -15.72 -9.23
CA ASP A 68 2.49 -17.12 -9.21
C ASP A 68 3.17 -17.53 -7.90
N LYS A 69 3.97 -16.63 -7.29
CA LYS A 69 4.70 -16.89 -6.03
C LYS A 69 4.72 -15.65 -5.10
N GLY A 70 3.74 -14.77 -5.25
CA GLY A 70 3.68 -13.53 -4.49
C GLY A 70 2.39 -12.80 -4.81
N LEU A 71 2.26 -11.56 -4.35
CA LEU A 71 1.09 -10.70 -4.55
C LEU A 71 1.59 -9.30 -4.90
N GLU A 72 0.89 -8.60 -5.79
CA GLU A 72 1.02 -7.15 -5.87
C GLU A 72 -0.06 -6.55 -4.98
N ILE A 73 0.25 -5.41 -4.36
CA ILE A 73 -0.67 -4.67 -3.54
C ILE A 73 -0.55 -3.22 -4.02
N ILE A 74 -1.67 -2.58 -4.30
CA ILE A 74 -1.78 -1.20 -4.75
C ILE A 74 -2.55 -0.50 -3.62
N VAL A 75 -2.16 0.71 -3.21
CA VAL A 75 -2.90 1.47 -2.22
C VAL A 75 -3.05 2.92 -2.70
N THR A 76 -4.26 3.47 -2.56
CA THR A 76 -4.73 4.60 -3.36
C THR A 76 -5.35 5.68 -2.44
N LYS A 77 -5.76 6.82 -3.02
CA LYS A 77 -6.45 7.92 -2.33
C LYS A 77 -7.64 8.43 -3.16
N ALA A 78 -8.29 9.46 -2.62
CA ALA A 78 -9.46 10.13 -3.18
C ALA A 78 -9.24 11.64 -3.07
N GLN A 79 -10.10 12.43 -3.72
CA GLN A 79 -10.12 13.89 -3.64
C GLN A 79 -11.59 14.35 -3.60
N LEU A 80 -11.82 15.59 -3.18
CA LEU A 80 -13.16 16.18 -3.00
C LEU A 80 -13.11 17.66 -3.40
N SER A 81 -12.39 17.98 -4.47
CA SER A 81 -12.17 19.35 -4.93
C SER A 81 -13.45 20.09 -5.34
N LYS A 82 -14.59 19.40 -5.49
CA LYS A 82 -15.89 20.08 -5.60
C LYS A 82 -16.20 20.92 -4.37
N ASP A 83 -15.64 20.61 -3.19
CA ASP A 83 -15.78 21.45 -1.99
C ASP A 83 -14.87 22.70 -2.05
N LEU A 84 -14.04 22.83 -3.08
CA LEU A 84 -13.15 23.97 -3.32
C LEU A 84 -13.78 24.81 -4.45
N ASP A 85 -14.13 24.14 -5.55
CA ASP A 85 -14.86 24.72 -6.69
C ASP A 85 -16.22 25.30 -6.26
N LYS A 86 -16.83 24.66 -5.25
CA LYS A 86 -18.14 24.95 -4.67
C LYS A 86 -19.29 24.89 -5.68
N LEU A 87 -20.51 25.06 -5.18
CA LEU A 87 -21.73 25.16 -6.00
C LEU A 87 -21.75 26.53 -6.67
N VAL A 88 -22.58 26.67 -7.70
CA VAL A 88 -22.84 27.91 -8.43
C VAL A 88 -24.36 28.02 -8.67
N PRO A 89 -24.90 29.23 -8.91
CA PRO A 89 -26.34 29.48 -8.99
C PRO A 89 -26.92 29.20 -10.39
N ARG A 90 -26.30 28.26 -11.11
CA ARG A 90 -26.55 27.94 -12.50
C ARG A 90 -26.64 26.43 -12.64
N MET A 1 10.39 -8.32 -2.44
CA MET A 1 9.53 -7.19 -2.01
C MET A 1 9.96 -5.92 -2.76
N GLU A 2 9.01 -5.30 -3.47
CA GLU A 2 9.27 -4.51 -4.68
C GLU A 2 8.35 -3.29 -4.62
N ILE A 3 8.79 -2.21 -3.94
CA ILE A 3 8.03 -0.95 -3.83
C ILE A 3 8.04 -0.21 -5.18
N GLU A 4 7.00 0.58 -5.46
CA GLU A 4 6.92 1.50 -6.58
C GLU A 4 6.21 2.80 -6.16
N ARG A 5 6.55 3.91 -6.83
CA ARG A 5 5.92 5.22 -6.66
C ARG A 5 5.20 5.52 -7.99
N ILE A 6 3.88 5.35 -8.04
CA ILE A 6 3.11 5.61 -9.26
C ILE A 6 3.12 7.13 -9.50
N ASN A 7 2.71 7.87 -8.47
CA ASN A 7 2.62 9.33 -8.45
C ASN A 7 2.60 9.80 -6.99
N GLU A 8 2.25 11.06 -6.73
CA GLU A 8 2.26 11.68 -5.40
C GLU A 8 1.27 11.04 -4.40
N HIS A 9 0.30 10.27 -4.89
CA HIS A 9 -0.89 9.85 -4.15
C HIS A 9 -1.09 8.33 -4.14
N THR A 10 -0.58 7.66 -5.17
CA THR A 10 -0.66 6.22 -5.32
C THR A 10 0.75 5.66 -5.25
N VAL A 11 0.88 4.58 -4.50
CA VAL A 11 2.04 3.71 -4.49
C VAL A 11 1.51 2.32 -4.83
N LYS A 12 2.36 1.44 -5.33
CA LYS A 12 2.05 0.03 -5.31
C LYS A 12 3.27 -0.71 -4.85
N PHE A 13 3.13 -1.97 -4.53
CA PHE A 13 4.26 -2.84 -4.29
C PHE A 13 3.90 -4.25 -4.69
N TYR A 14 4.91 -5.07 -4.87
CA TYR A 14 4.78 -6.48 -5.08
C TYR A 14 5.48 -7.16 -3.91
N MET A 15 4.75 -8.06 -3.25
CA MET A 15 5.19 -8.78 -2.07
C MET A 15 5.25 -10.24 -2.42
N SER A 16 6.47 -10.73 -2.52
CA SER A 16 6.76 -12.13 -2.68
C SER A 16 6.39 -12.85 -1.37
N TYR A 17 5.95 -14.11 -1.48
CA TYR A 17 5.62 -14.94 -0.31
C TYR A 17 6.75 -14.96 0.72
N GLY A 18 8.00 -15.03 0.28
CA GLY A 18 9.13 -15.13 1.19
C GLY A 18 9.29 -13.89 2.08
N ASP A 19 8.83 -12.71 1.67
CA ASP A 19 8.88 -11.53 2.54
C ASP A 19 7.88 -11.65 3.69
N ILE A 20 6.71 -12.20 3.38
CA ILE A 20 5.63 -12.42 4.34
C ILE A 20 6.13 -13.44 5.38
N GLU A 21 6.73 -14.54 4.91
CA GLU A 21 7.36 -15.56 5.73
C GLU A 21 8.48 -14.99 6.59
N ASP A 22 9.31 -14.12 6.02
CA ASP A 22 10.43 -13.49 6.72
C ASP A 22 9.96 -12.62 7.86
N ARG A 23 8.92 -11.83 7.60
CA ARG A 23 8.21 -11.04 8.60
C ARG A 23 7.43 -11.94 9.58
N GLY A 24 7.39 -13.24 9.34
CA GLY A 24 6.78 -14.22 10.23
C GLY A 24 5.25 -14.23 10.13
N PHE A 25 4.70 -13.57 9.12
CA PHE A 25 3.31 -13.78 8.70
C PHE A 25 3.25 -15.07 7.87
N ASP A 26 2.08 -15.39 7.31
CA ASP A 26 1.90 -16.50 6.38
C ASP A 26 1.09 -15.95 5.22
N ARG A 27 1.36 -16.39 3.99
CA ARG A 27 0.58 -15.97 2.83
C ARG A 27 -0.91 -16.22 3.02
N GLU A 28 -1.30 -17.28 3.72
CA GLU A 28 -2.71 -17.53 4.02
C GLU A 28 -3.15 -16.61 5.16
N GLU A 29 -2.38 -16.57 6.25
CA GLU A 29 -2.75 -15.90 7.50
C GLU A 29 -3.01 -14.42 7.29
N ILE A 30 -2.25 -13.79 6.39
CA ILE A 30 -2.49 -12.42 5.94
C ILE A 30 -3.96 -12.26 5.54
N TRP A 31 -4.48 -13.12 4.67
CA TRP A 31 -5.87 -12.99 4.21
C TRP A 31 -6.87 -13.21 5.35
N TYR A 32 -6.57 -14.13 6.26
CA TYR A 32 -7.56 -14.73 7.16
C TYR A 32 -7.55 -14.15 8.59
N ASN A 33 -6.70 -13.16 8.88
CA ASN A 33 -6.56 -12.53 10.19
C ASN A 33 -6.49 -11.03 9.93
N ARG A 34 -7.62 -10.33 9.95
CA ARG A 34 -7.70 -9.01 9.30
C ARG A 34 -6.72 -8.00 9.88
N GLU A 35 -6.71 -7.87 11.19
CA GLU A 35 -5.74 -7.02 11.87
C GLU A 35 -4.29 -7.40 11.55
N ARG A 36 -4.00 -8.68 11.31
CA ARG A 36 -2.68 -9.12 10.91
C ARG A 36 -2.44 -8.89 9.42
N SER A 37 -3.48 -8.71 8.61
CA SER A 37 -3.28 -8.17 7.27
C SER A 37 -2.70 -6.76 7.43
N GLU A 38 -3.37 -5.91 8.24
CA GLU A 38 -3.13 -4.48 8.34
C GLU A 38 -1.64 -4.14 8.60
N GLU A 39 -0.92 -4.97 9.35
CA GLU A 39 0.47 -4.77 9.70
C GLU A 39 1.35 -4.64 8.46
N LEU A 40 1.03 -5.41 7.41
CA LEU A 40 1.73 -5.35 6.12
C LEU A 40 1.61 -3.94 5.57
N PHE A 41 0.38 -3.47 5.43
CA PHE A 41 0.08 -2.18 4.84
C PHE A 41 0.70 -1.06 5.69
N TRP A 42 0.75 -1.23 7.02
CA TRP A 42 1.49 -0.32 7.88
C TRP A 42 3.01 -0.36 7.63
N GLU A 43 3.63 -1.49 7.29
CA GLU A 43 5.06 -1.57 7.05
C GLU A 43 5.44 -0.87 5.74
N VAL A 44 4.60 -0.93 4.70
CA VAL A 44 4.87 -0.23 3.46
C VAL A 44 4.63 1.27 3.59
N MET A 45 3.60 1.65 4.34
CA MET A 45 3.43 3.02 4.78
C MET A 45 4.66 3.49 5.55
N ASP A 46 5.18 2.68 6.47
CA ASP A 46 6.39 3.02 7.24
C ASP A 46 7.61 3.24 6.34
N GLU A 47 7.71 2.49 5.25
CA GLU A 47 8.71 2.66 4.21
C GLU A 47 8.70 4.07 3.59
N VAL A 48 7.61 4.84 3.78
CA VAL A 48 7.41 6.19 3.24
C VAL A 48 6.85 7.16 4.28
N HIS A 49 6.84 6.78 5.55
CA HIS A 49 6.28 7.57 6.63
C HIS A 49 6.87 8.98 6.71
N GLU A 50 8.10 9.19 6.25
CA GLU A 50 8.71 10.52 6.14
C GLU A 50 7.97 11.47 5.19
N GLU A 51 7.19 10.93 4.24
CA GLU A 51 6.33 11.68 3.34
C GLU A 51 4.86 11.54 3.77
N GLU A 52 4.45 10.34 4.20
CA GLU A 52 3.07 10.09 4.62
C GLU A 52 2.71 10.86 5.90
N GLU A 53 3.66 11.31 6.72
CA GLU A 53 3.36 12.20 7.84
C GLU A 53 2.69 13.52 7.39
N PHE A 54 2.84 13.88 6.11
CA PHE A 54 2.23 15.05 5.50
C PHE A 54 0.95 14.69 4.70
N ALA A 55 0.50 13.42 4.77
CA ALA A 55 -0.61 12.90 3.98
C ALA A 55 -1.53 11.92 4.73
N VAL A 56 -1.27 11.52 5.97
CA VAL A 56 -2.24 10.77 6.80
C VAL A 56 -3.17 11.70 7.59
N GLU A 57 -2.99 13.02 7.42
CA GLU A 57 -4.05 14.01 7.51
C GLU A 57 -5.22 13.74 6.54
N GLY A 58 -5.02 12.84 5.57
CA GLY A 58 -6.01 12.40 4.61
C GLY A 58 -6.08 10.88 4.55
N PRO A 59 -6.92 10.33 3.67
CA PRO A 59 -7.32 8.92 3.70
C PRO A 59 -6.20 7.97 3.22
N LEU A 60 -6.49 6.67 3.27
CA LEU A 60 -5.71 5.61 2.63
C LEU A 60 -6.71 4.59 2.09
N TRP A 61 -6.34 3.92 1.01
CA TRP A 61 -7.20 3.04 0.23
C TRP A 61 -6.33 1.90 -0.28
N ILE A 62 -6.91 0.72 -0.49
CA ILE A 62 -6.16 -0.51 -0.80
C ILE A 62 -6.85 -1.20 -1.98
N GLN A 63 -6.06 -1.82 -2.87
CA GLN A 63 -6.48 -2.81 -3.85
C GLN A 63 -5.39 -3.90 -3.91
N VAL A 64 -5.72 -5.15 -4.21
CA VAL A 64 -4.76 -6.25 -4.15
C VAL A 64 -5.13 -7.33 -5.17
N GLN A 65 -4.15 -8.13 -5.59
CA GLN A 65 -4.38 -9.40 -6.24
C GLN A 65 -3.26 -10.35 -5.84
N ALA A 66 -3.58 -11.65 -5.79
CA ALA A 66 -2.57 -12.70 -5.69
C ALA A 66 -2.04 -13.04 -7.08
N LEU A 67 -0.77 -13.45 -7.12
CA LEU A 67 0.01 -13.86 -8.29
C LEU A 67 0.66 -15.22 -7.97
N ASP A 68 1.46 -15.75 -8.90
CA ASP A 68 1.96 -17.13 -8.81
C ASP A 68 2.84 -17.40 -7.57
N LYS A 69 3.60 -16.39 -7.11
CA LYS A 69 4.56 -16.51 -6.00
C LYS A 69 4.53 -15.31 -5.04
N GLY A 70 3.45 -14.53 -5.07
CA GLY A 70 3.34 -13.31 -4.28
C GLY A 70 2.04 -12.59 -4.54
N LEU A 71 1.94 -11.33 -4.13
CA LEU A 71 0.77 -10.46 -4.27
C LEU A 71 1.27 -9.14 -4.84
N GLU A 72 0.47 -8.48 -5.68
CA GLU A 72 0.63 -7.06 -5.96
C GLU A 72 -0.45 -6.34 -5.17
N ILE A 73 -0.05 -5.31 -4.45
CA ILE A 73 -0.90 -4.46 -3.65
C ILE A 73 -0.75 -3.07 -4.25
N ILE A 74 -1.86 -2.40 -4.58
CA ILE A 74 -1.92 -0.99 -4.94
C ILE A 74 -2.50 -0.27 -3.72
N VAL A 75 -2.05 0.95 -3.43
CA VAL A 75 -2.43 1.74 -2.27
C VAL A 75 -2.65 3.16 -2.77
N THR A 76 -3.81 3.78 -2.47
CA THR A 76 -4.28 4.96 -3.18
C THR A 76 -4.74 6.05 -2.22
N LYS A 77 -4.99 7.26 -2.74
CA LYS A 77 -5.75 8.31 -2.08
C LYS A 77 -6.81 8.86 -3.04
N ALA A 78 -7.76 9.58 -2.47
CA ALA A 78 -8.92 10.12 -3.19
C ALA A 78 -8.47 11.21 -4.16
N GLN A 79 -9.06 11.21 -5.36
CA GLN A 79 -9.00 12.29 -6.34
C GLN A 79 -10.35 12.31 -7.08
N LEU A 80 -10.66 13.42 -7.74
CA LEU A 80 -11.89 13.62 -8.52
C LEU A 80 -11.50 14.11 -9.92
N SER A 81 -12.37 13.88 -10.90
CA SER A 81 -12.29 14.42 -12.26
C SER A 81 -10.92 14.20 -12.92
N LYS A 82 -10.30 13.04 -12.68
CA LYS A 82 -8.91 12.79 -13.11
C LYS A 82 -8.75 13.00 -14.61
N ASP A 83 -9.67 12.44 -15.40
CA ASP A 83 -9.63 12.48 -16.87
C ASP A 83 -9.90 13.89 -17.44
N LEU A 84 -10.23 14.87 -16.58
CA LEU A 84 -10.75 16.18 -16.97
C LEU A 84 -9.92 17.31 -16.38
N ASP A 85 -9.17 17.05 -15.30
CA ASP A 85 -8.39 18.06 -14.59
C ASP A 85 -6.96 17.59 -14.30
N LYS A 86 -6.71 16.27 -14.23
CA LYS A 86 -5.38 15.70 -13.90
C LYS A 86 -4.72 14.97 -15.07
N LEU A 87 -5.36 14.95 -16.23
CA LEU A 87 -4.69 14.62 -17.50
C LEU A 87 -3.51 15.57 -17.75
N VAL A 88 -2.62 15.19 -18.67
CA VAL A 88 -1.48 15.99 -19.11
C VAL A 88 -1.37 15.88 -20.64
N PRO A 89 -0.72 16.83 -21.34
CA PRO A 89 -0.68 16.92 -22.80
C PRO A 89 0.45 16.06 -23.40
N ARG A 90 0.76 14.95 -22.72
CA ARG A 90 1.89 14.06 -23.01
C ARG A 90 1.37 12.62 -22.97
N MET A 1 11.07 -6.49 -0.42
CA MET A 1 9.84 -6.27 -1.26
C MET A 1 10.10 -5.27 -2.40
N GLU A 2 9.11 -5.07 -3.28
CA GLU A 2 9.27 -4.40 -4.57
C GLU A 2 8.28 -3.22 -4.61
N ILE A 3 8.58 -2.16 -3.84
CA ILE A 3 7.82 -0.90 -3.82
C ILE A 3 7.86 -0.24 -5.21
N GLU A 4 6.83 0.54 -5.58
CA GLU A 4 6.79 1.36 -6.78
C GLU A 4 5.97 2.63 -6.54
N ARG A 5 6.55 3.80 -6.84
CA ARG A 5 5.87 5.09 -6.80
C ARG A 5 5.08 5.23 -8.10
N ILE A 6 3.74 5.18 -8.07
CA ILE A 6 2.94 5.39 -9.27
C ILE A 6 2.94 6.89 -9.59
N ASN A 7 2.53 7.69 -8.62
CA ASN A 7 2.41 9.15 -8.71
C ASN A 7 2.49 9.73 -7.29
N GLU A 8 2.10 11.01 -7.11
CA GLU A 8 2.20 11.73 -5.83
C GLU A 8 1.38 11.08 -4.70
N HIS A 9 0.38 10.25 -5.02
CA HIS A 9 -0.64 9.79 -4.09
C HIS A 9 -0.72 8.27 -4.04
N THR A 10 -0.66 7.59 -5.18
CA THR A 10 -0.73 6.14 -5.26
C THR A 10 0.69 5.57 -5.21
N VAL A 11 0.85 4.50 -4.46
CA VAL A 11 2.03 3.64 -4.50
C VAL A 11 1.51 2.23 -4.72
N LYS A 12 2.33 1.35 -5.27
CA LYS A 12 2.03 -0.07 -5.22
C LYS A 12 3.26 -0.78 -4.72
N PHE A 13 3.13 -2.07 -4.46
CA PHE A 13 4.27 -2.90 -4.20
C PHE A 13 3.92 -4.32 -4.62
N TYR A 14 4.94 -5.07 -4.99
CA TYR A 14 4.84 -6.50 -5.15
C TYR A 14 5.54 -7.13 -3.95
N MET A 15 4.99 -8.23 -3.46
CA MET A 15 5.41 -8.89 -2.24
C MET A 15 5.40 -10.39 -2.48
N SER A 16 6.58 -10.97 -2.64
CA SER A 16 6.71 -12.41 -2.75
C SER A 16 6.33 -13.05 -1.42
N TYR A 17 5.88 -14.31 -1.46
CA TYR A 17 5.52 -15.09 -0.27
C TYR A 17 6.59 -15.10 0.81
N GLY A 18 7.87 -15.08 0.46
CA GLY A 18 8.91 -15.13 1.47
C GLY A 18 9.26 -13.76 2.07
N ASP A 19 8.79 -12.65 1.48
CA ASP A 19 8.85 -11.36 2.19
C ASP A 19 7.89 -11.40 3.37
N ILE A 20 6.71 -11.98 3.13
CA ILE A 20 5.68 -12.22 4.12
C ILE A 20 6.21 -13.19 5.18
N GLU A 21 6.86 -14.27 4.76
CA GLU A 21 7.36 -15.28 5.67
C GLU A 21 8.49 -14.73 6.55
N ASP A 22 9.31 -13.83 6.01
CA ASP A 22 10.43 -13.22 6.75
C ASP A 22 9.92 -12.40 7.92
N ARG A 23 8.85 -11.63 7.67
CA ARG A 23 8.13 -10.86 8.69
C ARG A 23 7.38 -11.78 9.66
N GLY A 24 7.34 -13.09 9.40
CA GLY A 24 6.70 -14.08 10.25
C GLY A 24 5.19 -14.16 10.01
N PHE A 25 4.68 -13.51 8.97
CA PHE A 25 3.31 -13.69 8.50
C PHE A 25 3.28 -14.92 7.57
N ASP A 26 2.14 -15.21 6.95
CA ASP A 26 1.98 -16.32 6.01
C ASP A 26 1.09 -15.85 4.88
N ARG A 27 1.26 -16.36 3.66
CA ARG A 27 0.44 -15.91 2.53
C ARG A 27 -1.05 -16.14 2.81
N GLU A 28 -1.41 -17.23 3.49
CA GLU A 28 -2.79 -17.51 3.85
C GLU A 28 -3.19 -16.62 5.01
N GLU A 29 -2.34 -16.50 6.03
CA GLU A 29 -2.66 -15.78 7.27
C GLU A 29 -2.96 -14.31 7.01
N ILE A 30 -2.25 -13.70 6.07
CA ILE A 30 -2.50 -12.34 5.58
C ILE A 30 -3.97 -12.23 5.09
N TRP A 31 -4.47 -13.20 4.34
CA TRP A 31 -5.86 -13.18 3.86
C TRP A 31 -6.88 -13.39 4.99
N TYR A 32 -6.51 -14.07 6.08
CA TYR A 32 -7.46 -14.75 6.95
C TYR A 32 -7.42 -14.26 8.41
N ASN A 33 -6.69 -13.19 8.72
CA ASN A 33 -6.58 -12.61 10.05
C ASN A 33 -6.80 -11.11 9.90
N ARG A 34 -8.02 -10.64 10.22
CA ARG A 34 -8.54 -9.30 9.88
C ARG A 34 -7.73 -8.12 10.40
N GLU A 35 -6.86 -8.37 11.36
CA GLU A 35 -5.99 -7.40 11.99
C GLU A 35 -4.52 -7.67 11.67
N ARG A 36 -4.10 -8.92 11.47
CA ARG A 36 -2.74 -9.23 11.08
C ARG A 36 -2.51 -8.95 9.61
N SER A 37 -3.57 -8.85 8.82
CA SER A 37 -3.55 -8.30 7.49
C SER A 37 -2.92 -6.90 7.52
N GLU A 38 -3.49 -6.01 8.36
CA GLU A 38 -3.21 -4.59 8.42
C GLU A 38 -1.73 -4.27 8.66
N GLU A 39 -1.01 -5.13 9.38
CA GLU A 39 0.39 -4.94 9.73
C GLU A 39 1.25 -4.81 8.47
N LEU A 40 0.92 -5.55 7.42
CA LEU A 40 1.56 -5.44 6.11
C LEU A 40 1.48 -4.00 5.64
N PHE A 41 0.26 -3.47 5.57
CA PHE A 41 -0.04 -2.15 5.06
C PHE A 41 0.65 -1.09 5.93
N TRP A 42 0.72 -1.32 7.25
CA TRP A 42 1.53 -0.49 8.13
C TRP A 42 3.03 -0.52 7.78
N GLU A 43 3.61 -1.67 7.41
CA GLU A 43 5.03 -1.78 7.10
C GLU A 43 5.36 -1.01 5.82
N VAL A 44 4.46 -0.97 4.83
CA VAL A 44 4.70 -0.23 3.60
C VAL A 44 4.50 1.27 3.80
N MET A 45 3.50 1.67 4.56
CA MET A 45 3.36 3.05 5.00
C MET A 45 4.62 3.49 5.74
N ASP A 46 5.16 2.64 6.60
CA ASP A 46 6.41 2.90 7.30
C ASP A 46 7.58 3.11 6.32
N GLU A 47 7.63 2.33 5.25
CA GLU A 47 8.60 2.48 4.16
C GLU A 47 8.48 3.84 3.43
N VAL A 48 7.42 4.60 3.70
CA VAL A 48 7.10 5.90 3.11
C VAL A 48 6.97 6.96 4.21
N HIS A 49 7.23 6.63 5.48
CA HIS A 49 6.84 7.48 6.61
C HIS A 49 7.42 8.89 6.53
N GLU A 50 8.60 9.08 5.96
CA GLU A 50 9.23 10.40 5.80
C GLU A 50 8.43 11.34 4.89
N GLU A 51 7.45 10.82 4.15
CA GLU A 51 6.53 11.57 3.31
C GLU A 51 5.10 11.44 3.85
N GLU A 52 4.71 10.27 4.37
CA GLU A 52 3.42 10.08 5.02
C GLU A 52 3.26 11.04 6.20
N GLU A 53 4.34 11.45 6.89
CA GLU A 53 4.27 12.39 8.00
C GLU A 53 3.68 13.77 7.61
N PHE A 54 3.53 14.07 6.32
CA PHE A 54 2.85 15.27 5.82
C PHE A 54 1.73 14.93 4.84
N ALA A 55 1.29 13.66 4.80
CA ALA A 55 0.16 13.18 4.01
C ALA A 55 -0.85 12.38 4.84
N VAL A 56 -0.55 12.11 6.11
CA VAL A 56 -1.44 11.43 7.03
C VAL A 56 -2.54 12.37 7.56
N GLU A 57 -3.35 12.86 6.63
CA GLU A 57 -4.30 13.94 6.84
C GLU A 57 -5.39 13.89 5.75
N GLY A 58 -5.71 12.67 5.31
CA GLY A 58 -6.66 12.38 4.25
C GLY A 58 -7.00 10.89 4.25
N PRO A 59 -7.84 10.44 3.30
CA PRO A 59 -8.26 9.06 3.20
C PRO A 59 -7.10 8.15 2.74
N LEU A 60 -7.33 6.84 2.80
CA LEU A 60 -6.45 5.80 2.27
C LEU A 60 -7.34 4.78 1.57
N TRP A 61 -6.80 4.16 0.53
CA TRP A 61 -7.53 3.25 -0.35
C TRP A 61 -6.62 2.06 -0.64
N ILE A 62 -7.16 0.86 -0.85
CA ILE A 62 -6.39 -0.37 -1.01
C ILE A 62 -7.04 -1.20 -2.12
N GLN A 63 -6.23 -1.86 -2.96
CA GLN A 63 -6.65 -3.04 -3.73
C GLN A 63 -5.48 -4.03 -3.83
N VAL A 64 -5.74 -5.30 -4.16
CA VAL A 64 -4.74 -6.36 -4.11
C VAL A 64 -5.09 -7.44 -5.13
N GLN A 65 -4.09 -8.23 -5.55
CA GLN A 65 -4.30 -9.50 -6.20
C GLN A 65 -3.19 -10.45 -5.77
N ALA A 66 -3.52 -11.74 -5.73
CA ALA A 66 -2.54 -12.81 -5.66
C ALA A 66 -1.95 -13.06 -7.05
N LEU A 67 -0.69 -13.45 -7.08
CA LEU A 67 0.10 -13.86 -8.23
C LEU A 67 0.75 -15.22 -7.90
N ASP A 68 1.54 -15.76 -8.84
CA ASP A 68 1.99 -17.16 -8.78
C ASP A 68 2.86 -17.48 -7.55
N LYS A 69 3.63 -16.51 -7.05
CA LYS A 69 4.54 -16.67 -5.90
C LYS A 69 4.53 -15.45 -4.97
N GLY A 70 3.47 -14.64 -5.00
CA GLY A 70 3.43 -13.38 -4.28
C GLY A 70 2.09 -12.68 -4.46
N LEU A 71 2.01 -11.42 -4.05
CA LEU A 71 0.85 -10.55 -4.18
C LEU A 71 1.34 -9.21 -4.74
N GLU A 72 0.54 -8.54 -5.56
CA GLU A 72 0.68 -7.11 -5.80
C GLU A 72 -0.44 -6.42 -5.04
N ILE A 73 -0.07 -5.40 -4.29
CA ILE A 73 -0.97 -4.53 -3.55
C ILE A 73 -0.79 -3.15 -4.20
N ILE A 74 -1.87 -2.44 -4.48
CA ILE A 74 -1.86 -1.02 -4.79
C ILE A 74 -2.54 -0.32 -3.62
N VAL A 75 -2.05 0.86 -3.21
CA VAL A 75 -2.74 1.72 -2.25
C VAL A 75 -2.75 3.15 -2.78
N THR A 76 -3.83 3.88 -2.52
CA THR A 76 -4.20 5.09 -3.25
C THR A 76 -4.62 6.15 -2.22
N LYS A 77 -4.62 7.42 -2.62
CA LYS A 77 -5.09 8.57 -1.85
C LYS A 77 -5.79 9.55 -2.81
N ALA A 78 -6.56 10.49 -2.26
CA ALA A 78 -7.46 11.38 -3.01
C ALA A 78 -7.37 12.81 -2.46
N GLN A 79 -6.23 13.20 -1.89
CA GLN A 79 -6.08 14.44 -1.12
C GLN A 79 -5.60 15.62 -1.97
N LEU A 80 -5.65 15.52 -3.31
CA LEU A 80 -5.25 16.60 -4.22
C LEU A 80 -5.95 17.92 -3.88
N SER A 81 -7.23 17.84 -3.48
CA SER A 81 -8.07 18.99 -3.10
C SER A 81 -7.57 19.75 -1.85
N LYS A 82 -6.44 19.36 -1.25
CA LYS A 82 -5.69 20.21 -0.31
C LYS A 82 -5.37 21.57 -0.97
N ASP A 83 -5.23 21.60 -2.29
CA ASP A 83 -5.25 22.81 -3.10
C ASP A 83 -6.50 22.74 -3.98
N LEU A 84 -7.40 23.71 -3.87
CA LEU A 84 -8.72 23.70 -4.51
C LEU A 84 -9.21 25.15 -4.55
N ASP A 85 -9.88 25.52 -5.63
CA ASP A 85 -10.49 26.82 -5.92
C ASP A 85 -9.52 28.01 -5.99
N LYS A 86 -8.33 27.92 -5.37
CA LYS A 86 -7.31 28.98 -5.44
C LYS A 86 -6.85 29.20 -6.89
N LEU A 87 -6.38 30.42 -7.18
CA LEU A 87 -5.79 30.78 -8.46
C LEU A 87 -4.48 30.00 -8.66
N VAL A 88 -4.03 29.92 -9.92
CA VAL A 88 -2.80 29.25 -10.33
C VAL A 88 -2.09 30.15 -11.38
N PRO A 89 -0.79 29.93 -11.63
CA PRO A 89 -0.04 30.64 -12.66
C PRO A 89 -0.69 30.58 -14.05
N ARG A 90 -0.36 31.56 -14.89
CA ARG A 90 -0.83 31.71 -16.26
C ARG A 90 0.35 32.17 -17.12
N MET A 1 10.58 -8.44 -1.88
CA MET A 1 9.59 -7.36 -1.73
C MET A 1 10.11 -6.10 -2.42
N GLU A 2 9.23 -5.45 -3.17
CA GLU A 2 9.54 -4.65 -4.35
C GLU A 2 8.58 -3.46 -4.29
N ILE A 3 9.04 -2.21 -4.38
CA ILE A 3 8.23 -1.03 -4.08
C ILE A 3 8.21 -0.12 -5.33
N GLU A 4 7.13 0.64 -5.51
CA GLU A 4 6.98 1.63 -6.57
C GLU A 4 6.23 2.86 -6.03
N ARG A 5 6.51 4.03 -6.61
CA ARG A 5 5.83 5.29 -6.32
C ARG A 5 5.09 5.70 -7.58
N ILE A 6 3.77 5.50 -7.58
CA ILE A 6 2.93 5.77 -8.75
C ILE A 6 2.86 7.29 -8.95
N ASN A 7 2.44 7.98 -7.89
CA ASN A 7 2.30 9.43 -7.81
C ASN A 7 2.37 9.83 -6.34
N GLU A 8 2.09 11.09 -6.01
CA GLU A 8 2.21 11.66 -4.66
C GLU A 8 1.30 10.98 -3.63
N HIS A 9 0.32 10.16 -4.06
CA HIS A 9 -0.72 9.59 -3.19
C HIS A 9 -0.71 8.07 -3.26
N THR A 10 -0.78 7.49 -4.45
CA THR A 10 -0.79 6.05 -4.65
C THR A 10 0.64 5.54 -4.56
N VAL A 11 0.81 4.37 -3.95
CA VAL A 11 2.01 3.55 -4.06
C VAL A 11 1.55 2.15 -4.43
N LYS A 12 2.43 1.34 -5.01
CA LYS A 12 2.18 -0.08 -5.10
C LYS A 12 3.44 -0.82 -4.70
N PHE A 13 3.30 -2.10 -4.42
CA PHE A 13 4.42 -2.96 -4.09
C PHE A 13 4.09 -4.37 -4.54
N TYR A 14 5.11 -5.21 -4.59
CA TYR A 14 5.01 -6.62 -4.84
C TYR A 14 5.69 -7.31 -3.67
N MET A 15 5.08 -8.36 -3.17
CA MET A 15 5.45 -9.03 -1.94
C MET A 15 5.47 -10.51 -2.24
N SER A 16 6.63 -11.15 -2.16
CA SER A 16 6.71 -12.58 -2.44
C SER A 16 6.15 -13.34 -1.23
N TYR A 17 5.70 -14.58 -1.42
CA TYR A 17 5.14 -15.37 -0.32
C TYR A 17 6.12 -15.49 0.84
N GLY A 18 7.40 -15.75 0.56
CA GLY A 18 8.36 -15.91 1.64
C GLY A 18 8.80 -14.60 2.27
N ASP A 19 8.47 -13.43 1.69
CA ASP A 19 8.61 -12.14 2.39
C ASP A 19 7.64 -12.11 3.56
N ILE A 20 6.45 -12.69 3.37
CA ILE A 20 5.38 -12.75 4.36
C ILE A 20 5.75 -13.83 5.39
N GLU A 21 6.30 -14.97 4.96
CA GLU A 21 6.80 -16.00 5.87
C GLU A 21 7.93 -15.46 6.76
N ASP A 22 8.82 -14.60 6.23
CA ASP A 22 9.97 -14.07 6.95
C ASP A 22 9.52 -13.18 8.11
N ARG A 23 8.51 -12.36 7.81
CA ARG A 23 7.81 -11.52 8.77
C ARG A 23 6.99 -12.36 9.75
N GLY A 24 6.85 -13.66 9.52
CA GLY A 24 6.14 -14.59 10.38
C GLY A 24 4.62 -14.50 10.23
N PHE A 25 4.15 -13.82 9.18
CA PHE A 25 2.75 -13.90 8.74
C PHE A 25 2.64 -15.12 7.81
N ASP A 26 1.50 -15.29 7.13
CA ASP A 26 1.31 -16.31 6.12
C ASP A 26 0.47 -15.73 5.00
N ARG A 27 0.64 -16.19 3.76
CA ARG A 27 0.04 -15.55 2.59
C ARG A 27 -1.48 -15.53 2.64
N GLU A 28 -2.11 -16.55 3.25
CA GLU A 28 -3.56 -16.56 3.45
C GLU A 28 -3.89 -15.79 4.73
N GLU A 29 -3.12 -16.00 5.79
CA GLU A 29 -3.38 -15.46 7.13
C GLU A 29 -3.49 -13.94 7.12
N ILE A 30 -2.66 -13.30 6.30
CA ILE A 30 -2.75 -11.87 5.98
C ILE A 30 -4.21 -11.47 5.73
N TRP A 31 -4.91 -12.18 4.84
CA TRP A 31 -6.27 -11.85 4.42
C TRP A 31 -7.34 -12.25 5.45
N TYR A 32 -7.01 -13.10 6.43
CA TYR A 32 -8.00 -13.78 7.28
C TYR A 32 -7.81 -13.47 8.78
N ASN A 33 -6.92 -12.53 9.12
CA ASN A 33 -6.72 -12.01 10.47
C ASN A 33 -6.87 -10.49 10.38
N ARG A 34 -8.05 -9.97 10.74
CA ARG A 34 -8.48 -8.59 10.53
C ARG A 34 -7.54 -7.52 11.10
N GLU A 35 -6.67 -7.86 12.05
CA GLU A 35 -5.71 -6.95 12.62
C GLU A 35 -4.28 -7.24 12.12
N ARG A 36 -3.94 -8.50 11.82
CA ARG A 36 -2.63 -8.85 11.31
C ARG A 36 -2.48 -8.51 9.83
N SER A 37 -3.59 -8.29 9.15
CA SER A 37 -3.61 -7.70 7.82
C SER A 37 -2.86 -6.37 7.88
N GLU A 38 -3.31 -5.45 8.73
CA GLU A 38 -2.95 -4.05 8.78
C GLU A 38 -1.44 -3.85 8.93
N GLU A 39 -0.75 -4.76 9.62
CA GLU A 39 0.67 -4.66 9.91
C GLU A 39 1.50 -4.58 8.63
N LEU A 40 1.06 -5.29 7.59
CA LEU A 40 1.67 -5.27 6.26
C LEU A 40 1.67 -3.81 5.76
N PHE A 41 0.48 -3.23 5.72
CA PHE A 41 0.23 -1.91 5.17
C PHE A 41 0.97 -0.85 5.98
N TRP A 42 1.01 -1.02 7.31
CA TRP A 42 1.80 -0.16 8.16
C TRP A 42 3.28 -0.18 7.79
N GLU A 43 3.86 -1.32 7.37
CA GLU A 43 5.27 -1.38 7.02
C GLU A 43 5.52 -0.59 5.73
N VAL A 44 4.67 -0.72 4.71
CA VAL A 44 4.90 -0.06 3.45
C VAL A 44 4.70 1.44 3.57
N MET A 45 3.68 1.87 4.30
CA MET A 45 3.48 3.25 4.67
C MET A 45 4.69 3.76 5.45
N ASP A 46 5.21 3.00 6.40
CA ASP A 46 6.38 3.39 7.17
C ASP A 46 7.60 3.61 6.27
N GLU A 47 7.80 2.73 5.29
CA GLU A 47 8.82 2.80 4.27
C GLU A 47 8.66 4.03 3.35
N VAL A 48 7.57 4.79 3.50
CA VAL A 48 7.21 5.96 2.70
C VAL A 48 6.94 7.15 3.64
N HIS A 49 7.05 6.98 4.97
CA HIS A 49 6.45 7.90 5.94
C HIS A 49 6.91 9.36 5.81
N GLU A 50 8.13 9.62 5.31
CA GLU A 50 8.62 10.99 5.09
C GLU A 50 7.73 11.77 4.11
N GLU A 51 6.96 11.08 3.25
CA GLU A 51 6.04 11.68 2.29
C GLU A 51 4.58 11.64 2.79
N GLU A 52 4.33 11.08 3.98
CA GLU A 52 3.01 10.66 4.44
C GLU A 52 2.68 11.23 5.82
N GLU A 53 3.68 11.65 6.61
CA GLU A 53 3.53 12.11 7.99
C GLU A 53 2.61 13.33 8.15
N PHE A 54 2.29 14.03 7.06
CA PHE A 54 1.41 15.19 7.01
C PHE A 54 0.27 14.97 5.98
N ALA A 55 0.03 13.72 5.58
CA ALA A 55 -0.92 13.33 4.54
C ALA A 55 -1.64 12.02 4.86
N VAL A 56 -1.80 11.70 6.15
CA VAL A 56 -2.64 10.60 6.64
C VAL A 56 -3.81 11.21 7.42
N GLU A 57 -4.42 12.21 6.78
CA GLU A 57 -5.51 13.05 7.27
C GLU A 57 -6.70 12.91 6.31
N GLY A 58 -6.87 11.69 5.78
CA GLY A 58 -7.84 11.32 4.76
C GLY A 58 -7.96 9.79 4.71
N PRO A 59 -8.77 9.27 3.79
CA PRO A 59 -9.03 7.85 3.66
C PRO A 59 -7.81 7.08 3.13
N LEU A 60 -7.90 5.75 3.16
CA LEU A 60 -6.93 4.83 2.59
C LEU A 60 -7.73 3.71 1.91
N TRP A 61 -7.15 3.11 0.88
CA TRP A 61 -7.82 2.27 -0.10
C TRP A 61 -6.82 1.22 -0.56
N ILE A 62 -7.26 0.00 -0.86
CA ILE A 62 -6.39 -1.13 -1.17
C ILE A 62 -6.96 -1.86 -2.39
N GLN A 63 -6.07 -2.39 -3.23
CA GLN A 63 -6.33 -3.48 -4.18
C GLN A 63 -5.18 -4.47 -4.03
N VAL A 64 -5.43 -5.76 -4.25
CA VAL A 64 -4.40 -6.78 -4.31
C VAL A 64 -4.72 -7.69 -5.50
N GLN A 65 -3.71 -8.39 -6.02
CA GLN A 65 -3.90 -9.57 -6.83
C GLN A 65 -2.74 -10.50 -6.54
N ALA A 66 -2.98 -11.80 -6.68
CA ALA A 66 -1.99 -12.84 -6.43
C ALA A 66 -1.39 -13.31 -7.76
N LEU A 67 -0.09 -13.60 -7.73
CA LEU A 67 0.78 -13.92 -8.85
C LEU A 67 1.45 -15.27 -8.54
N ASP A 68 2.43 -15.70 -9.35
CA ASP A 68 2.92 -17.08 -9.31
C ASP A 68 3.52 -17.46 -7.95
N LYS A 69 4.25 -16.55 -7.28
CA LYS A 69 4.92 -16.79 -5.98
C LYS A 69 4.84 -15.58 -5.04
N GLY A 70 3.82 -14.74 -5.20
CA GLY A 70 3.68 -13.52 -4.41
C GLY A 70 2.40 -12.79 -4.78
N LEU A 71 2.25 -11.56 -4.31
CA LEU A 71 1.11 -10.70 -4.62
C LEU A 71 1.61 -9.30 -4.95
N GLU A 72 0.94 -8.63 -5.89
CA GLU A 72 1.04 -7.19 -6.04
C GLU A 72 -0.10 -6.57 -5.24
N ILE A 73 0.22 -5.55 -4.47
CA ILE A 73 -0.71 -4.77 -3.69
C ILE A 73 -0.58 -3.33 -4.21
N ILE A 74 -1.69 -2.66 -4.50
CA ILE A 74 -1.76 -1.23 -4.82
C ILE A 74 -2.52 -0.60 -3.63
N VAL A 75 -2.15 0.60 -3.21
CA VAL A 75 -2.91 1.35 -2.21
C VAL A 75 -3.06 2.80 -2.68
N THR A 76 -4.26 3.36 -2.54
CA THR A 76 -4.71 4.56 -3.28
C THR A 76 -5.29 5.59 -2.30
N LYS A 77 -5.64 6.79 -2.80
CA LYS A 77 -6.35 7.83 -2.06
C LYS A 77 -7.47 8.42 -2.92
N ALA A 78 -8.16 9.42 -2.34
CA ALA A 78 -9.21 10.22 -2.96
C ALA A 78 -8.95 11.69 -2.62
N GLN A 79 -9.59 12.62 -3.35
CA GLN A 79 -9.39 14.06 -3.17
C GLN A 79 -10.67 14.85 -3.46
N LEU A 80 -11.42 14.49 -4.51
CA LEU A 80 -12.64 15.18 -4.92
C LEU A 80 -13.56 14.13 -5.56
N SER A 81 -14.87 14.24 -5.31
CA SER A 81 -15.93 13.39 -5.83
C SER A 81 -16.15 13.54 -7.36
N LYS A 82 -15.11 13.32 -8.17
CA LYS A 82 -15.20 13.44 -9.64
C LYS A 82 -16.29 12.51 -10.18
N ASP A 83 -16.35 11.28 -9.68
CA ASP A 83 -17.34 10.25 -10.07
C ASP A 83 -18.71 10.50 -9.42
N LEU A 84 -19.08 11.78 -9.27
CA LEU A 84 -20.30 12.28 -8.64
C LEU A 84 -20.60 13.66 -9.23
N ASP A 85 -19.57 14.50 -9.38
CA ASP A 85 -19.63 15.74 -10.13
C ASP A 85 -19.93 15.48 -11.62
N LYS A 86 -19.23 14.50 -12.22
CA LYS A 86 -19.57 13.98 -13.54
C LYS A 86 -20.87 13.19 -13.44
N LEU A 87 -21.63 13.13 -14.55
CA LEU A 87 -22.86 12.36 -14.61
C LEU A 87 -22.57 10.87 -14.42
N VAL A 88 -23.52 10.15 -13.84
CA VAL A 88 -23.46 8.71 -13.59
C VAL A 88 -24.86 8.11 -13.86
N PRO A 89 -24.96 6.78 -14.05
CA PRO A 89 -26.23 6.08 -14.21
C PRO A 89 -27.22 6.35 -13.05
N ARG A 90 -28.50 6.15 -13.33
CA ARG A 90 -29.62 6.33 -12.40
C ARG A 90 -30.59 5.18 -12.62
#